data_5JYQ
# 
_entry.id   5JYQ 
# 
_audit_conform.dict_name       mmcif_pdbx.dic 
_audit_conform.dict_version    5.381 
_audit_conform.dict_location   http://mmcif.pdb.org/dictionaries/ascii/mmcif_pdbx.dic 
# 
loop_
_database_2.database_id 
_database_2.database_code 
_database_2.pdbx_database_accession 
_database_2.pdbx_DOI 
PDB   5JYQ         pdb_00005jyq 10.2210/pdb5jyq/pdb 
WWPDB D_1000221286 ?            ?                   
# 
_pdbx_database_status.status_code                     REL 
_pdbx_database_status.status_code_sf                  REL 
_pdbx_database_status.status_code_mr                  ? 
_pdbx_database_status.entry_id                        5JYQ 
_pdbx_database_status.recvd_initial_deposition_date   2016-05-15 
_pdbx_database_status.SG_entry                        N 
_pdbx_database_status.deposit_site                    RCSB 
_pdbx_database_status.process_site                    RCSB 
_pdbx_database_status.status_code_cs                  ? 
_pdbx_database_status.methods_development_category    ? 
_pdbx_database_status.pdb_format_compatible           Y 
_pdbx_database_status.status_code_nmr_data            ? 
# 
loop_
_audit_author.name 
_audit_author.pdbx_ordinal 
'Lawrence, M.C.'    1 
'Menting, J.'       2 
'Norton, R.S.'      3 
'Safavi-Hemami, H.' 4 
# 
_citation.abstract                  ? 
_citation.abstract_id_CAS           ? 
_citation.book_id_ISBN              ? 
_citation.book_publisher            ? 
_citation.book_publisher_city       ? 
_citation.book_title                ? 
_citation.coordinate_linkage        ? 
_citation.country                   US 
_citation.database_id_Medline       ? 
_citation.details                   ? 
_citation.id                        primary 
_citation.journal_abbrev            Nat.Struct.Mol.Biol. 
_citation.journal_id_ASTM           ? 
_citation.journal_id_CSD            ? 
_citation.journal_id_ISSN           1545-9985 
_citation.journal_full              ? 
_citation.journal_issue             ? 
_citation.journal_volume            23 
_citation.language                  ? 
_citation.page_first                916 
_citation.page_last                 920 
_citation.title                     
'A minimized human insulin-receptor-binding motif revealed in a Conus geographus venom insulin.' 
_citation.year                      2016 
_citation.database_id_CSD           ? 
_citation.pdbx_database_id_DOI      10.1038/nsmb.3292 
_citation.pdbx_database_id_PubMed   27617429 
_citation.unpublished_flag          ? 
# 
loop_
_citation_author.citation_id 
_citation_author.name 
_citation_author.ordinal 
_citation_author.identifier_ORCID 
primary 'Menting, J.G.'     1  ? 
primary 'Gajewiak, J.'      2  ? 
primary 'MacRaild, C.A.'    3  ? 
primary 'Chou, D.H.'        4  ? 
primary 'Disotuar, M.M.'    5  ? 
primary 'Smith, N.A.'       6  ? 
primary 'Miller, C.'        7  ? 
primary 'Erchegyi, J.'      8  ? 
primary 'Rivier, J.E.'      9  ? 
primary 'Olivera, B.M.'     10 ? 
primary 'Forbes, B.E.'      11 ? 
primary 'Smith, B.J.'       12 ? 
primary 'Norton, R.S.'      13 ? 
primary 'Safavi-Hemami, H.' 14 ? 
primary 'Lawrence, M.C.'    15 ? 
# 
_cell.angle_alpha                  90.00 
_cell.angle_alpha_esd              ? 
_cell.angle_beta                   90.00 
_cell.angle_beta_esd               ? 
_cell.angle_gamma                  90.00 
_cell.angle_gamma_esd              ? 
_cell.entry_id                     5JYQ 
_cell.details                      ? 
_cell.formula_units_Z              ? 
_cell.length_a                     74.910 
_cell.length_a_esd                 ? 
_cell.length_b                     74.910 
_cell.length_b_esd                 ? 
_cell.length_c                     74.910 
_cell.length_c_esd                 ? 
_cell.volume                       ? 
_cell.volume_esd                   ? 
_cell.Z_PDB                        24 
_cell.reciprocal_angle_alpha       ? 
_cell.reciprocal_angle_beta        ? 
_cell.reciprocal_angle_gamma       ? 
_cell.reciprocal_angle_alpha_esd   ? 
_cell.reciprocal_angle_beta_esd    ? 
_cell.reciprocal_angle_gamma_esd   ? 
_cell.reciprocal_length_a          ? 
_cell.reciprocal_length_b          ? 
_cell.reciprocal_length_c          ? 
_cell.reciprocal_length_a_esd      ? 
_cell.reciprocal_length_b_esd      ? 
_cell.reciprocal_length_c_esd      ? 
_cell.pdbx_unique_axis             ? 
# 
_symmetry.entry_id                         5JYQ 
_symmetry.cell_setting                     ? 
_symmetry.Int_Tables_number                207 
_symmetry.space_group_name_Hall            ? 
_symmetry.space_group_name_H-M             'P 4 3 2' 
_symmetry.pdbx_full_space_group_name_H-M   ? 
# 
loop_
_entity.id 
_entity.type 
_entity.src_method 
_entity.pdbx_description 
_entity.formula_weight 
_entity.pdbx_number_of_molecules 
_entity.pdbx_ec 
_entity.pdbx_mutation 
_entity.pdbx_fragment 
_entity.details 
1 polymer     syn 'Insulin 1'   2358.720 1  ? ? 'residues 95-114' ? 
2 polymer     syn 'Insulin 1b'  2802.083 1  ? ? ?                 ? 
3 non-polymer syn 'SULFATE ION' 96.063   1  ? ? ?                 ? 
4 water       nat water         18.015   35 ? ? ?                 ? 
# 
loop_
_entity_poly.entity_id 
_entity_poly.type 
_entity_poly.nstd_linkage 
_entity_poly.nstd_monomer 
_entity_poly.pdbx_seq_one_letter_code 
_entity_poly.pdbx_seq_one_letter_code_can 
_entity_poly.pdbx_strand_id 
_entity_poly.pdbx_target_identifier 
1 'polypeptide(L)' no yes 'GVV(CGU)HCCHRPCSNAEFKKY(CY3)'    GVVEHCCHRPCSNAEFKKYC    A ? 
2 'polypeptide(L)' no yes 'TFDT(HYP)KHRCGS(CGU)ITNSYMDLCYR' TFDTPKHRCGSEITNSYMDLCYR B ? 
# 
loop_
_entity_poly_seq.entity_id 
_entity_poly_seq.num 
_entity_poly_seq.mon_id 
_entity_poly_seq.hetero 
1 1  GLY n 
1 2  VAL n 
1 3  VAL n 
1 4  CGU n 
1 5  HIS n 
1 6  CYS n 
1 7  CYS n 
1 8  HIS n 
1 9  ARG n 
1 10 PRO n 
1 11 CYS n 
1 12 SER n 
1 13 ASN n 
1 14 ALA n 
1 15 GLU n 
1 16 PHE n 
1 17 LYS n 
1 18 LYS n 
1 19 TYR n 
1 20 CY3 n 
2 1  THR n 
2 2  PHE n 
2 3  ASP n 
2 4  THR n 
2 5  HYP n 
2 6  LYS n 
2 7  HIS n 
2 8  ARG n 
2 9  CYS n 
2 10 GLY n 
2 11 SER n 
2 12 CGU n 
2 13 ILE n 
2 14 THR n 
2 15 ASN n 
2 16 SER n 
2 17 TYR n 
2 18 MET n 
2 19 ASP n 
2 20 LEU n 
2 21 CYS n 
2 22 TYR n 
2 23 ARG n 
# 
loop_
_pdbx_entity_src_syn.entity_id 
_pdbx_entity_src_syn.pdbx_src_id 
_pdbx_entity_src_syn.pdbx_alt_source_flag 
_pdbx_entity_src_syn.pdbx_beg_seq_num 
_pdbx_entity_src_syn.pdbx_end_seq_num 
_pdbx_entity_src_syn.organism_scientific 
_pdbx_entity_src_syn.organism_common_name 
_pdbx_entity_src_syn.ncbi_taxonomy_id 
_pdbx_entity_src_syn.details 
1 1 sample 1 20 'Conus geographus' 'Geography cone' 6491 ? 
2 1 sample 1 23 'Conus geographus' 'Geography cone' 6491 ? 
# 
loop_
_struct_ref.id 
_struct_ref.db_name 
_struct_ref.db_code 
_struct_ref.pdbx_db_accession 
_struct_ref.pdbx_db_isoform 
_struct_ref.entity_id 
_struct_ref.pdbx_seq_one_letter_code 
_struct_ref.pdbx_align_begin 
1 UNP A0A0B5AC95_CONGE A0A0B5AC95 ? 1 GVVEHCCHRPCSNAEFKKYC    95 
2 UNP A0A0B5A8Q2_CONGE A0A0B5A8Q2 ? 2 TFDTPKHRCGSEITNSYMDLCYR 30 
# 
loop_
_struct_ref_seq.align_id 
_struct_ref_seq.ref_id 
_struct_ref_seq.pdbx_PDB_id_code 
_struct_ref_seq.pdbx_strand_id 
_struct_ref_seq.seq_align_beg 
_struct_ref_seq.pdbx_seq_align_beg_ins_code 
_struct_ref_seq.seq_align_end 
_struct_ref_seq.pdbx_seq_align_end_ins_code 
_struct_ref_seq.pdbx_db_accession 
_struct_ref_seq.db_align_beg 
_struct_ref_seq.pdbx_db_align_beg_ins_code 
_struct_ref_seq.db_align_end 
_struct_ref_seq.pdbx_db_align_end_ins_code 
_struct_ref_seq.pdbx_auth_seq_align_beg 
_struct_ref_seq.pdbx_auth_seq_align_end 
1 1 5JYQ A 1 ? 20 ? A0A0B5AC95 95 ? 114 ? 1  20 
2 2 5JYQ B 1 ? 23 ? A0A0B5A8Q2 30 ? 52  ? -1 21 
# 
loop_
_chem_comp.id 
_chem_comp.type 
_chem_comp.mon_nstd_flag 
_chem_comp.name 
_chem_comp.pdbx_synonyms 
_chem_comp.formula 
_chem_comp.formula_weight 
ALA 'L-peptide linking' y ALANINE                         ?              'C3 H7 N O2'     89.093  
ARG 'L-peptide linking' y ARGININE                        ?              'C6 H15 N4 O2 1' 175.209 
ASN 'L-peptide linking' y ASPARAGINE                      ?              'C4 H8 N2 O3'    132.118 
ASP 'L-peptide linking' y 'ASPARTIC ACID'                 ?              'C4 H7 N O4'     133.103 
CGU 'L-peptide linking' n 'GAMMA-CARBOXY-GLUTAMIC ACID'   ?              'C6 H9 N O6'     191.139 
CY3 'L-peptide linking' n 2-AMINO-3-MERCAPTO-PROPIONAMIDE ?              'C3 H8 N2 O S'   120.173 
CYS 'L-peptide linking' y CYSTEINE                        ?              'C3 H7 N O2 S'   121.158 
GLU 'L-peptide linking' y 'GLUTAMIC ACID'                 ?              'C5 H9 N O4'     147.129 
GLY 'peptide linking'   y GLYCINE                         ?              'C2 H5 N O2'     75.067  
HIS 'L-peptide linking' y HISTIDINE                       ?              'C6 H10 N3 O2 1' 156.162 
HOH non-polymer         . WATER                           ?              'H2 O'           18.015  
HYP 'L-peptide linking' n 4-HYDROXYPROLINE                HYDROXYPROLINE 'C5 H9 N O3'     131.130 
ILE 'L-peptide linking' y ISOLEUCINE                      ?              'C6 H13 N O2'    131.173 
LEU 'L-peptide linking' y LEUCINE                         ?              'C6 H13 N O2'    131.173 
LYS 'L-peptide linking' y LYSINE                          ?              'C6 H15 N2 O2 1' 147.195 
MET 'L-peptide linking' y METHIONINE                      ?              'C5 H11 N O2 S'  149.211 
PHE 'L-peptide linking' y PHENYLALANINE                   ?              'C9 H11 N O2'    165.189 
PRO 'L-peptide linking' y PROLINE                         ?              'C5 H9 N O2'     115.130 
SER 'L-peptide linking' y SERINE                          ?              'C3 H7 N O3'     105.093 
SO4 non-polymer         . 'SULFATE ION'                   ?              'O4 S -2'        96.063  
THR 'L-peptide linking' y THREONINE                       ?              'C4 H9 N O3'     119.119 
TYR 'L-peptide linking' y TYROSINE                        ?              'C9 H11 N O3'    181.189 
VAL 'L-peptide linking' y VALINE                          ?              'C5 H11 N O2'    117.146 
# 
_exptl.absorpt_coefficient_mu     ? 
_exptl.absorpt_correction_T_max   ? 
_exptl.absorpt_correction_T_min   ? 
_exptl.absorpt_correction_type    ? 
_exptl.absorpt_process_details    ? 
_exptl.entry_id                   5JYQ 
_exptl.crystals_number            1 
_exptl.details                    ? 
_exptl.method                     'X-RAY DIFFRACTION' 
_exptl.method_details             ? 
# 
_exptl_crystal.colour                      ? 
_exptl_crystal.density_diffrn              ? 
_exptl_crystal.density_Matthews            3.39 
_exptl_crystal.density_method              ? 
_exptl_crystal.density_percent_sol         63.76 
_exptl_crystal.description                 ? 
_exptl_crystal.F_000                       ? 
_exptl_crystal.id                          1 
_exptl_crystal.preparation                 ? 
_exptl_crystal.size_max                    ? 
_exptl_crystal.size_mid                    ? 
_exptl_crystal.size_min                    ? 
_exptl_crystal.size_rad                    ? 
_exptl_crystal.colour_lustre               ? 
_exptl_crystal.colour_modifier             ? 
_exptl_crystal.colour_primary              ? 
_exptl_crystal.density_meas                ? 
_exptl_crystal.density_meas_esd            ? 
_exptl_crystal.density_meas_gt             ? 
_exptl_crystal.density_meas_lt             ? 
_exptl_crystal.density_meas_temp           ? 
_exptl_crystal.density_meas_temp_esd       ? 
_exptl_crystal.density_meas_temp_gt        ? 
_exptl_crystal.density_meas_temp_lt        ? 
_exptl_crystal.pdbx_crystal_image_url      ? 
_exptl_crystal.pdbx_crystal_image_format   ? 
_exptl_crystal.pdbx_mosaicity              ? 
_exptl_crystal.pdbx_mosaicity_esd          ? 
# 
_exptl_crystal_grow.apparatus       ? 
_exptl_crystal_grow.atmosphere      ? 
_exptl_crystal_grow.crystal_id      1 
_exptl_crystal_grow.details         ? 
_exptl_crystal_grow.method          'VAPOR DIFFUSION, SITTING DROP' 
_exptl_crystal_grow.method_ref      ? 
_exptl_crystal_grow.pH              ? 
_exptl_crystal_grow.pressure        ? 
_exptl_crystal_grow.pressure_esd    ? 
_exptl_crystal_grow.seeding         ? 
_exptl_crystal_grow.seeding_ref     ? 
_exptl_crystal_grow.temp            300 
_exptl_crystal_grow.temp_details    ? 
_exptl_crystal_grow.temp_esd        ? 
_exptl_crystal_grow.time            ? 
_exptl_crystal_grow.pdbx_details    '2.0 M ammonium sulfate plus 10% DL-malate-MES-Tris (pH 9.0)' 
_exptl_crystal_grow.pdbx_pH_range   ? 
# 
_diffrn.ambient_environment    ? 
_diffrn.ambient_temp           100 
_diffrn.ambient_temp_details   ? 
_diffrn.ambient_temp_esd       ? 
_diffrn.crystal_id             1 
_diffrn.crystal_support        ? 
_diffrn.crystal_treatment      ? 
_diffrn.details                ? 
_diffrn.id                     1 
_diffrn.ambient_pressure       ? 
_diffrn.ambient_pressure_esd   ? 
_diffrn.ambient_pressure_gt    ? 
_diffrn.ambient_pressure_lt    ? 
_diffrn.ambient_temp_gt        ? 
_diffrn.ambient_temp_lt        ? 
# 
_diffrn_detector.details                      ? 
_diffrn_detector.detector                     CCD 
_diffrn_detector.diffrn_id                    1 
_diffrn_detector.type                         'ADSC QUANTUM 315' 
_diffrn_detector.area_resol_mean              ? 
_diffrn_detector.dtime                        ? 
_diffrn_detector.pdbx_frames_total            ? 
_diffrn_detector.pdbx_collection_time_total   ? 
_diffrn_detector.pdbx_collection_date         2015-12-10 
# 
_diffrn_radiation.collimation                      ? 
_diffrn_radiation.diffrn_id                        1 
_diffrn_radiation.filter_edge                      ? 
_diffrn_radiation.inhomogeneity                    ? 
_diffrn_radiation.monochromator                    ? 
_diffrn_radiation.polarisn_norm                    ? 
_diffrn_radiation.polarisn_ratio                   ? 
_diffrn_radiation.probe                            ? 
_diffrn_radiation.type                             ? 
_diffrn_radiation.xray_symbol                      ? 
_diffrn_radiation.wavelength_id                    1 
_diffrn_radiation.pdbx_monochromatic_or_laue_m_l   M 
_diffrn_radiation.pdbx_wavelength_list             ? 
_diffrn_radiation.pdbx_wavelength                  ? 
_diffrn_radiation.pdbx_diffrn_protocol             'SINGLE WAVELENGTH' 
_diffrn_radiation.pdbx_analyzer                    ? 
_diffrn_radiation.pdbx_scattering_type             x-ray 
# 
_diffrn_radiation_wavelength.id           1 
_diffrn_radiation_wavelength.wavelength   1.00 
_diffrn_radiation_wavelength.wt           1.0 
# 
_diffrn_source.current                     ? 
_diffrn_source.details                     ? 
_diffrn_source.diffrn_id                   1 
_diffrn_source.power                       ? 
_diffrn_source.size                        ? 
_diffrn_source.source                      SYNCHROTRON 
_diffrn_source.target                      ? 
_diffrn_source.type                        'AUSTRALIAN SYNCHROTRON BEAMLINE MX2' 
_diffrn_source.voltage                     ? 
_diffrn_source.take-off_angle              ? 
_diffrn_source.pdbx_wavelength_list        1.00 
_diffrn_source.pdbx_wavelength             ? 
_diffrn_source.pdbx_synchrotron_beamline   MX2 
_diffrn_source.pdbx_synchrotron_site       'Australian Synchrotron' 
# 
_reflns.B_iso_Wilson_estimate            ? 
_reflns.entry_id                         5JYQ 
_reflns.data_reduction_details           ? 
_reflns.data_reduction_method            ? 
_reflns.d_resolution_high                1.95 
_reflns.d_resolution_low                 37.455 
_reflns.details                          ? 
_reflns.limit_h_max                      ? 
_reflns.limit_h_min                      ? 
_reflns.limit_k_max                      ? 
_reflns.limit_k_min                      ? 
_reflns.limit_l_max                      ? 
_reflns.limit_l_min                      ? 
_reflns.number_all                       ? 
_reflns.number_obs                       5645 
_reflns.observed_criterion               ? 
_reflns.observed_criterion_F_max         ? 
_reflns.observed_criterion_F_min         ? 
_reflns.observed_criterion_I_max         ? 
_reflns.observed_criterion_I_min         ? 
_reflns.observed_criterion_sigma_F       ? 
_reflns.observed_criterion_sigma_I       ? 
_reflns.percent_possible_obs             99 
_reflns.R_free_details                   ? 
_reflns.Rmerge_F_all                     ? 
_reflns.Rmerge_F_obs                     ? 
_reflns.Friedel_coverage                 ? 
_reflns.number_gt                        ? 
_reflns.threshold_expression             ? 
_reflns.pdbx_redundancy                  8.9 
_reflns.pdbx_Rmerge_I_obs                0.368 
_reflns.pdbx_Rmerge_I_all                ? 
_reflns.pdbx_Rsym_value                  ? 
_reflns.pdbx_netI_over_av_sigmaI         ? 
_reflns.pdbx_netI_over_sigmaI            6.46 
_reflns.pdbx_res_netI_over_av_sigmaI_2   ? 
_reflns.pdbx_res_netI_over_sigmaI_2      ? 
_reflns.pdbx_chi_squared                 ? 
_reflns.pdbx_scaling_rejects             ? 
_reflns.pdbx_d_res_high_opt              ? 
_reflns.pdbx_d_res_low_opt               ? 
_reflns.pdbx_d_res_opt_method            ? 
_reflns.phase_calculation_details        ? 
_reflns.pdbx_Rrim_I_all                  ? 
_reflns.pdbx_Rpim_I_all                  ? 
_reflns.pdbx_d_opt                       ? 
_reflns.pdbx_number_measured_all         ? 
_reflns.pdbx_diffrn_id                   1 
_reflns.pdbx_ordinal                     1 
_reflns.pdbx_CC_half                     0.99 
_reflns.pdbx_R_split                     ? 
# 
_reflns_shell.d_res_high                  1.95 
_reflns_shell.d_res_low                   2.02 
_reflns_shell.meanI_over_sigI_all         ? 
_reflns_shell.meanI_over_sigI_obs         0.90 
_reflns_shell.number_measured_all         ? 
_reflns_shell.number_measured_obs         ? 
_reflns_shell.number_possible             ? 
_reflns_shell.number_unique_all           ? 
_reflns_shell.number_unique_obs           ? 
_reflns_shell.percent_possible_all        95.8 
_reflns_shell.percent_possible_obs        ? 
_reflns_shell.Rmerge_F_all                ? 
_reflns_shell.Rmerge_F_obs                ? 
_reflns_shell.Rmerge_I_all                ? 
_reflns_shell.Rmerge_I_obs                2.67 
_reflns_shell.meanI_over_sigI_gt          ? 
_reflns_shell.meanI_over_uI_all           ? 
_reflns_shell.meanI_over_uI_gt            ? 
_reflns_shell.number_measured_gt          ? 
_reflns_shell.number_unique_gt            ? 
_reflns_shell.percent_possible_gt         ? 
_reflns_shell.Rmerge_F_gt                 ? 
_reflns_shell.Rmerge_I_gt                 ? 
_reflns_shell.pdbx_redundancy             8.2 
_reflns_shell.pdbx_Rsym_value             ? 
_reflns_shell.pdbx_chi_squared            ? 
_reflns_shell.pdbx_netI_over_sigmaI_all   ? 
_reflns_shell.pdbx_netI_over_sigmaI_obs   ? 
_reflns_shell.pdbx_Rrim_I_all             ? 
_reflns_shell.pdbx_Rpim_I_all             ? 
_reflns_shell.pdbx_rejects                ? 
_reflns_shell.pdbx_ordinal                1 
_reflns_shell.pdbx_diffrn_id              1 
_reflns_shell.pdbx_CC_half                ? 
_reflns_shell.pdbx_R_split                ? 
# 
_refine.aniso_B[1][1]                            ? 
_refine.aniso_B[1][2]                            ? 
_refine.aniso_B[1][3]                            ? 
_refine.aniso_B[2][2]                            ? 
_refine.aniso_B[2][3]                            ? 
_refine.aniso_B[3][3]                            ? 
_refine.B_iso_max                                ? 
_refine.B_iso_mean                               ? 
_refine.B_iso_min                                ? 
_refine.correlation_coeff_Fo_to_Fc               ? 
_refine.correlation_coeff_Fo_to_Fc_free          ? 
_refine.details                                  ? 
_refine.diff_density_max                         ? 
_refine.diff_density_max_esd                     ? 
_refine.diff_density_min                         ? 
_refine.diff_density_min_esd                     ? 
_refine.diff_density_rms                         ? 
_refine.diff_density_rms_esd                     ? 
_refine.entry_id                                 5JYQ 
_refine.pdbx_refine_id                           'X-RAY DIFFRACTION' 
_refine.ls_abs_structure_details                 ? 
_refine.ls_abs_structure_Flack                   ? 
_refine.ls_abs_structure_Flack_esd               ? 
_refine.ls_abs_structure_Rogers                  ? 
_refine.ls_abs_structure_Rogers_esd              ? 
_refine.ls_d_res_high                            1.950 
_refine.ls_d_res_low                             37.455 
_refine.ls_extinction_coef                       ? 
_refine.ls_extinction_coef_esd                   ? 
_refine.ls_extinction_expression                 ? 
_refine.ls_extinction_method                     ? 
_refine.ls_goodness_of_fit_all                   ? 
_refine.ls_goodness_of_fit_all_esd               ? 
_refine.ls_goodness_of_fit_obs                   ? 
_refine.ls_goodness_of_fit_obs_esd               ? 
_refine.ls_hydrogen_treatment                    ? 
_refine.ls_matrix_type                           ? 
_refine.ls_number_constraints                    ? 
_refine.ls_number_parameters                     ? 
_refine.ls_number_reflns_all                     ? 
_refine.ls_number_reflns_obs                     5645 
_refine.ls_number_reflns_R_free                  283 
_refine.ls_number_reflns_R_work                  ? 
_refine.ls_number_restraints                     ? 
_refine.ls_percent_reflns_obs                    99.51 
_refine.ls_percent_reflns_R_free                 5.01 
_refine.ls_R_factor_all                          ? 
_refine.ls_R_factor_obs                          0.2118 
_refine.ls_R_factor_R_free                       0.2330 
_refine.ls_R_factor_R_free_error                 ? 
_refine.ls_R_factor_R_free_error_details         ? 
_refine.ls_R_factor_R_work                       0.2107 
_refine.ls_R_Fsqd_factor_obs                     ? 
_refine.ls_R_I_factor_obs                        ? 
_refine.ls_redundancy_reflns_all                 ? 
_refine.ls_redundancy_reflns_obs                 ? 
_refine.ls_restrained_S_all                      ? 
_refine.ls_restrained_S_obs                      ? 
_refine.ls_shift_over_esd_max                    ? 
_refine.ls_shift_over_esd_mean                   ? 
_refine.ls_structure_factor_coef                 ? 
_refine.ls_weighting_details                     ? 
_refine.ls_weighting_scheme                      ? 
_refine.ls_wR_factor_all                         ? 
_refine.ls_wR_factor_obs                         ? 
_refine.ls_wR_factor_R_free                      ? 
_refine.ls_wR_factor_R_work                      ? 
_refine.occupancy_max                            ? 
_refine.occupancy_min                            ? 
_refine.solvent_model_details                    ? 
_refine.solvent_model_param_bsol                 ? 
_refine.solvent_model_param_ksol                 ? 
_refine.ls_R_factor_gt                           ? 
_refine.ls_goodness_of_fit_gt                    ? 
_refine.ls_goodness_of_fit_ref                   ? 
_refine.ls_shift_over_su_max                     ? 
_refine.ls_shift_over_su_max_lt                  ? 
_refine.ls_shift_over_su_mean                    ? 
_refine.ls_shift_over_su_mean_lt                 ? 
_refine.pdbx_ls_sigma_I                          ? 
_refine.pdbx_ls_sigma_F                          1.34 
_refine.pdbx_ls_sigma_Fsqd                       ? 
_refine.pdbx_data_cutoff_high_absF               ? 
_refine.pdbx_data_cutoff_high_rms_absF           ? 
_refine.pdbx_data_cutoff_low_absF                ? 
_refine.pdbx_isotropic_thermal_model             ? 
_refine.pdbx_ls_cross_valid_method               'FREE R-VALUE' 
_refine.pdbx_method_to_determine_struct          'MOLECULAR REPLACEMENT' 
_refine.pdbx_starting_model                      3I3Z 
_refine.pdbx_stereochemistry_target_values       ? 
_refine.pdbx_R_Free_selection_details            ? 
_refine.pdbx_stereochem_target_val_spec_case     ? 
_refine.pdbx_overall_ESU_R                       ? 
_refine.pdbx_overall_ESU_R_Free                  ? 
_refine.pdbx_solvent_vdw_probe_radii             1.11 
_refine.pdbx_solvent_ion_probe_radii             ? 
_refine.pdbx_solvent_shrinkage_radii             0.90 
_refine.pdbx_real_space_R                        ? 
_refine.pdbx_density_correlation                 ? 
_refine.pdbx_pd_number_of_powder_patterns        ? 
_refine.pdbx_pd_number_of_points                 ? 
_refine.pdbx_pd_meas_number_of_points            ? 
_refine.pdbx_pd_proc_ls_prof_R_factor            ? 
_refine.pdbx_pd_proc_ls_prof_wR_factor           ? 
_refine.pdbx_pd_Marquardt_correlation_coeff      ? 
_refine.pdbx_pd_Fsqrd_R_factor                   ? 
_refine.pdbx_pd_ls_matrix_band_width             ? 
_refine.pdbx_overall_phase_error                 18.61 
_refine.pdbx_overall_SU_R_free_Cruickshank_DPI   ? 
_refine.pdbx_overall_SU_R_free_Blow_DPI          ? 
_refine.pdbx_overall_SU_R_Blow_DPI               ? 
_refine.pdbx_TLS_residual_ADP_flag               ? 
_refine.pdbx_diffrn_id                           1 
_refine.overall_SU_B                             ? 
_refine.overall_SU_ML                            0.23 
_refine.overall_SU_R_Cruickshank_DPI             ? 
_refine.overall_SU_R_free                        ? 
_refine.overall_FOM_free_R_set                   ? 
_refine.overall_FOM_work_R_set                   ? 
_refine.pdbx_average_fsc_overall                 ? 
_refine.pdbx_average_fsc_work                    ? 
_refine.pdbx_average_fsc_free                    ? 
# 
_refine_hist.pdbx_refine_id                   'X-RAY DIFFRACTION' 
_refine_hist.cycle_id                         LAST 
_refine_hist.pdbx_number_atoms_protein        356 
_refine_hist.pdbx_number_atoms_nucleic_acid   0 
_refine_hist.pdbx_number_atoms_ligand         5 
_refine_hist.number_atoms_solvent             35 
_refine_hist.number_atoms_total               396 
_refine_hist.d_res_high                       1.950 
_refine_hist.d_res_low                        37.455 
# 
loop_
_refine_ls_restr.pdbx_refine_id 
_refine_ls_restr.criterion 
_refine_ls_restr.dev_ideal 
_refine_ls_restr.dev_ideal_target 
_refine_ls_restr.number 
_refine_ls_restr.rejects 
_refine_ls_restr.type 
_refine_ls_restr.weight 
_refine_ls_restr.pdbx_restraint_function 
'X-RAY DIFFRACTION' ? 0.013  ? 371 ? f_bond_d           ? ? 
'X-RAY DIFFRACTION' ? 1.392  ? 502 ? f_angle_d          ? ? 
'X-RAY DIFFRACTION' ? 26.200 ? 138 ? f_dihedral_angle_d ? ? 
'X-RAY DIFFRACTION' ? 0.052  ? 49  ? f_chiral_restr     ? ? 
'X-RAY DIFFRACTION' ? 0.006  ? 64  ? f_plane_restr      ? ? 
# 
loop_
_refine_ls_shell.pdbx_refine_id 
_refine_ls_shell.d_res_high 
_refine_ls_shell.d_res_low 
_refine_ls_shell.number_reflns_all 
_refine_ls_shell.number_reflns_obs 
_refine_ls_shell.number_reflns_R_free 
_refine_ls_shell.number_reflns_R_work 
_refine_ls_shell.percent_reflns_obs 
_refine_ls_shell.percent_reflns_R_free 
_refine_ls_shell.R_factor_all 
_refine_ls_shell.R_factor_obs 
_refine_ls_shell.R_factor_R_free 
_refine_ls_shell.R_factor_R_free_error 
_refine_ls_shell.R_factor_R_work 
_refine_ls_shell.redundancy_reflns_all 
_refine_ls_shell.redundancy_reflns_obs 
_refine_ls_shell.wR_factor_all 
_refine_ls_shell.wR_factor_obs 
_refine_ls_shell.wR_factor_R_free 
_refine_ls_shell.wR_factor_R_work 
_refine_ls_shell.pdbx_total_number_of_bins_used 
_refine_ls_shell.pdbx_phase_error 
_refine_ls_shell.pdbx_fsc_work 
_refine_ls_shell.pdbx_fsc_free 
'X-RAY DIFFRACTION' 1.9505 2.0393  . . 33 635 98.00  . . . 0.3071 . 0.3434 . . . . . . . . . . 
'X-RAY DIFFRACTION' 2.0393 2.1468  . . 34 649 100.00 . . . 0.2945 . 0.2972 . . . . . . . . . . 
'X-RAY DIFFRACTION' 2.1468 2.2812  . . 34 643 100.00 . . . 0.3055 . 0.2464 . . . . . . . . . . 
'X-RAY DIFFRACTION' 2.2812 2.4573  . . 35 659 100.00 . . . 0.2189 . 0.2412 . . . . . . . . . . 
'X-RAY DIFFRACTION' 2.4573 2.7046  . . 35 667 100.00 . . . 0.2554 . 0.2331 . . . . . . . . . . 
'X-RAY DIFFRACTION' 2.7046 3.0958  . . 36 666 100.00 . . . 0.2136 . 0.2027 . . . . . . . . . . 
'X-RAY DIFFRACTION' 3.0958 3.8997  . . 36 695 100.00 . . . 0.1787 . 0.1693 . . . . . . . . . . 
'X-RAY DIFFRACTION' 3.8997 37.4619 . . 40 748 99.00  . . . 0.2392 . 0.1806 . . . . . . . . . . 
# 
_struct.entry_id                     5JYQ 
_struct.title                        'Structure of Conus Geographus insulin G1' 
_struct.pdbx_model_details           ? 
_struct.pdbx_formula_weight          ? 
_struct.pdbx_formula_weight_method   ? 
_struct.pdbx_model_type_details      ? 
_struct.pdbx_CASP_flag               N 
# 
_struct_keywords.entry_id        5JYQ 
_struct_keywords.text            'Venom Insulin, HORMONE' 
_struct_keywords.pdbx_keywords   HORMONE 
# 
loop_
_struct_asym.id 
_struct_asym.pdbx_blank_PDB_chainid_flag 
_struct_asym.pdbx_modified 
_struct_asym.entity_id 
_struct_asym.details 
A N N 1 ? 
B N N 2 ? 
C N N 3 ? 
D N N 4 ? 
E N N 4 ? 
# 
loop_
_struct_conf.conf_type_id 
_struct_conf.id 
_struct_conf.pdbx_PDB_helix_id 
_struct_conf.beg_label_comp_id 
_struct_conf.beg_label_asym_id 
_struct_conf.beg_label_seq_id 
_struct_conf.pdbx_beg_PDB_ins_code 
_struct_conf.end_label_comp_id 
_struct_conf.end_label_asym_id 
_struct_conf.end_label_seq_id 
_struct_conf.pdbx_end_PDB_ins_code 
_struct_conf.beg_auth_comp_id 
_struct_conf.beg_auth_asym_id 
_struct_conf.beg_auth_seq_id 
_struct_conf.end_auth_comp_id 
_struct_conf.end_auth_asym_id 
_struct_conf.end_auth_seq_id 
_struct_conf.pdbx_PDB_helix_class 
_struct_conf.details 
_struct_conf.pdbx_PDB_helix_length 
HELX_P HELX_P1 AA1 GLY A 1  ? CYS A 7  ? GLY A 1  CYS A 7  1 ? 7  
HELX_P HELX_P2 AA2 SER A 12 ? LYS A 17 ? SER A 12 LYS A 17 1 ? 6  
HELX_P HELX_P3 AA3 LYS A 18 ? CY3 A 20 ? LYS A 18 CY3 A 20 5 ? 3  
HELX_P HELX_P4 AA4 GLY B 10 ? CYS B 21 ? GLY B 8  CYS B 19 1 ? 12 
# 
_struct_conf_type.id          HELX_P 
_struct_conf_type.criteria    ? 
_struct_conf_type.reference   ? 
# 
loop_
_struct_conn.id 
_struct_conn.conn_type_id 
_struct_conn.pdbx_leaving_atom_flag 
_struct_conn.pdbx_PDB_id 
_struct_conn.ptnr1_label_asym_id 
_struct_conn.ptnr1_label_comp_id 
_struct_conn.ptnr1_label_seq_id 
_struct_conn.ptnr1_label_atom_id 
_struct_conn.pdbx_ptnr1_label_alt_id 
_struct_conn.pdbx_ptnr1_PDB_ins_code 
_struct_conn.pdbx_ptnr1_standard_comp_id 
_struct_conn.ptnr1_symmetry 
_struct_conn.ptnr2_label_asym_id 
_struct_conn.ptnr2_label_comp_id 
_struct_conn.ptnr2_label_seq_id 
_struct_conn.ptnr2_label_atom_id 
_struct_conn.pdbx_ptnr2_label_alt_id 
_struct_conn.pdbx_ptnr2_PDB_ins_code 
_struct_conn.ptnr1_auth_asym_id 
_struct_conn.ptnr1_auth_comp_id 
_struct_conn.ptnr1_auth_seq_id 
_struct_conn.ptnr2_auth_asym_id 
_struct_conn.ptnr2_auth_comp_id 
_struct_conn.ptnr2_auth_seq_id 
_struct_conn.ptnr2_symmetry 
_struct_conn.pdbx_ptnr3_label_atom_id 
_struct_conn.pdbx_ptnr3_label_seq_id 
_struct_conn.pdbx_ptnr3_label_comp_id 
_struct_conn.pdbx_ptnr3_label_asym_id 
_struct_conn.pdbx_ptnr3_label_alt_id 
_struct_conn.pdbx_ptnr3_PDB_ins_code 
_struct_conn.details 
_struct_conn.pdbx_dist_value 
_struct_conn.pdbx_value_order 
_struct_conn.pdbx_role 
disulf1 disulf ?    ? A CYS 6  SG ? ? ? 1_555 A CYS 11 SG ? ? A CYS 6  A CYS 11 1_555 ? ? ? ? ? ? ? 2.082 ? ? 
disulf2 disulf ?    ? A CYS 7  SG ? ? ? 1_555 B CYS 9  SG ? ? A CYS 7  B CYS 7  1_555 ? ? ? ? ? ? ? 2.087 ? ? 
disulf3 disulf ?    ? A CY3 20 SG ? ? ? 1_555 B CYS 21 SG ? ? A CY3 20 B CYS 19 1_555 ? ? ? ? ? ? ? 2.002 ? ? 
covale1 covale both ? A VAL 3  C  ? ? ? 1_555 A CGU 4  N  ? ? A VAL 3  A CGU 4  1_555 ? ? ? ? ? ? ? 1.324 ? ? 
covale2 covale both ? A CGU 4  C  ? ? ? 1_555 A HIS 5  N  ? ? A CGU 4  A HIS 5  1_555 ? ? ? ? ? ? ? 1.328 ? ? 
covale3 covale both ? A TYR 19 C  ? ? ? 1_555 A CY3 20 N  ? ? A TYR 19 A CY3 20 1_555 ? ? ? ? ? ? ? 1.327 ? ? 
covale4 covale both ? B THR 4  C  ? ? ? 1_555 B HYP 5  N  ? ? B THR 2  B HYP 3  1_555 ? ? ? ? ? ? ? 1.313 ? ? 
covale5 covale both ? B HYP 5  C  ? ? ? 1_555 B LYS 6  N  ? ? B HYP 3  B LYS 4  1_555 ? ? ? ? ? ? ? 1.333 ? ? 
covale6 covale both ? B SER 11 C  ? ? ? 1_555 B CGU 12 N  ? ? B SER 9  B CGU 10 1_555 ? ? ? ? ? ? ? 1.327 ? ? 
covale7 covale both ? B CGU 12 C  ? ? ? 1_555 B ILE 13 N  ? ? B CGU 10 B ILE 11 1_555 ? ? ? ? ? ? ? 1.336 ? ? 
# 
loop_
_struct_conn_type.id 
_struct_conn_type.criteria 
_struct_conn_type.reference 
disulf ? ? 
covale ? ? 
# 
_struct_site.id                   AC1 
_struct_site.pdbx_evidence_code   Software 
_struct_site.pdbx_auth_asym_id    A 
_struct_site.pdbx_auth_comp_id    SO4 
_struct_site.pdbx_auth_seq_id     101 
_struct_site.pdbx_auth_ins_code   ? 
_struct_site.pdbx_num_residues    6 
_struct_site.details              'binding site for residue SO4 A 101' 
# 
loop_
_struct_site_gen.id 
_struct_site_gen.site_id 
_struct_site_gen.pdbx_num_res 
_struct_site_gen.label_comp_id 
_struct_site_gen.label_asym_id 
_struct_site_gen.label_seq_id 
_struct_site_gen.pdbx_auth_ins_code 
_struct_site_gen.auth_comp_id 
_struct_site_gen.auth_asym_id 
_struct_site_gen.auth_seq_id 
_struct_site_gen.label_atom_id 
_struct_site_gen.label_alt_id 
_struct_site_gen.symmetry 
_struct_site_gen.details 
1 AC1 6 GLY A 1 ? GLY A 1 . ? 1_555  ? 
2 AC1 6 GLY A 1 ? GLY A 1 . ? 4_566  ? 
3 AC1 6 GLY A 1 ? GLY A 1 . ? 20_565 ? 
4 AC1 6 GLY A 1 ? GLY A 1 . ? 17_556 ? 
5 AC1 6 CGU A 4 ? CGU A 4 . ? 20_565 ? 
6 AC1 6 CGU A 4 ? CGU A 4 . ? 1_555  ? 
# 
_atom_sites.entry_id                    5JYQ 
_atom_sites.fract_transf_matrix[1][1]   0.01170923 
_atom_sites.fract_transf_matrix[1][2]   0.00314843 
_atom_sites.fract_transf_matrix[1][3]   0.00558365 
_atom_sites.fract_transf_matrix[2][1]   0.00640902 
_atom_sites.fract_transf_matrix[2][2]   -0.00553418 
_atom_sites.fract_transf_matrix[2][3]   -0.01031955 
_atom_sites.fract_transf_matrix[3][1]   -0.00011906 
_atom_sites.fract_transf_matrix[3][2]   0.01173269 
_atom_sites.fract_transf_matrix[3][3]   -0.00636597 
_atom_sites.fract_transf_vector[1]      0.158982 
_atom_sites.fract_transf_vector[2]      0.589743 
_atom_sites.fract_transf_vector[3]      0.322137 
# 
loop_
_atom_type.symbol 
C 
H 
N 
O 
S 
# 
loop_
_atom_site.group_PDB 
_atom_site.id 
_atom_site.type_symbol 
_atom_site.label_atom_id 
_atom_site.label_alt_id 
_atom_site.label_comp_id 
_atom_site.label_asym_id 
_atom_site.label_entity_id 
_atom_site.label_seq_id 
_atom_site.pdbx_PDB_ins_code 
_atom_site.Cartn_x 
_atom_site.Cartn_y 
_atom_site.Cartn_z 
_atom_site.occupancy 
_atom_site.B_iso_or_equiv 
_atom_site.pdbx_formal_charge 
_atom_site.auth_seq_id 
_atom_site.auth_comp_id 
_atom_site.auth_asym_id 
_atom_site.auth_atom_id 
_atom_site.pdbx_PDB_model_num 
ATOM   1   N N    . GLY A 1 1  ? 0.415   12.013  0.793   1.00 26.76  ? 1   GLY A N    1 
ATOM   2   C CA   . GLY A 1 1  ? -0.575  11.047  0.237   1.00 22.21  ? 1   GLY A CA   1 
ATOM   3   C C    . GLY A 1 1  ? -0.039  9.642   0.242   1.00 21.30  ? 1   GLY A C    1 
ATOM   4   O O    . GLY A 1 1  ? 1.093   9.412   0.633   1.00 22.73  ? 1   GLY A O    1 
ATOM   5   H H1   . GLY A 1 1  ? 0.382   12.772  0.329   1.00 32.11  ? 1   GLY A H1   1 
ATOM   6   H H2   . GLY A 1 1  ? 0.223   12.178  1.646   1.00 32.11  ? 1   GLY A H2   1 
ATOM   7   H H3   . GLY A 1 1  ? 1.234   11.666  0.735   1.00 32.11  ? 1   GLY A H3   1 
ATOM   8   H HA2  . GLY A 1 1  ? -1.387  11.070  0.767   1.00 26.65  ? 1   GLY A HA2  1 
ATOM   9   H HA3  . GLY A 1 1  ? -0.793  11.292  -0.676  1.00 26.65  ? 1   GLY A HA3  1 
ATOM   10  N N    . VAL A 1 2  ? -0.864  8.705   -0.220  1.00 21.05  ? 2   VAL A N    1 
ATOM   11  C CA   . VAL A 1 2  ? -0.440  7.324   -0.308  1.00 22.11  ? 2   VAL A CA   1 
ATOM   12  C C    . VAL A 1 2  ? 0.729   7.137   -1.282  1.00 20.41  ? 2   VAL A C    1 
ATOM   13  O O    . VAL A 1 2  ? 1.544   6.228   -1.098  1.00 20.06  ? 2   VAL A O    1 
ATOM   14  C CB   . VAL A 1 2  ? -1.657  6.448   -0.666  1.00 25.46  ? 2   VAL A CB   1 
ATOM   15  C CG1  . VAL A 1 2  ? -2.187  6.754   -2.067  1.00 21.30  ? 2   VAL A CG1  1 
ATOM   16  C CG2  . VAL A 1 2  ? -1.297  5.038   -0.562  1.00 27.88  ? 2   VAL A CG2  1 
ATOM   17  H H    . VAL A 1 2  ? -1.669  8.848   -0.484  1.00 25.26  ? 2   VAL A H    1 
ATOM   18  H HA   . VAL A 1 2  ? -0.132  7.044   0.568   1.00 26.54  ? 2   VAL A HA   1 
ATOM   19  H HB   . VAL A 1 2  ? -2.370  6.623   -0.032  1.00 30.55  ? 2   VAL A HB   1 
ATOM   20  H HG11 . VAL A 1 2  ? -2.948  6.183   -2.249  1.00 25.56  ? 2   VAL A HG11 1 
ATOM   21  H HG12 . VAL A 1 2  ? -2.455  7.686   -2.106  1.00 25.56  ? 2   VAL A HG12 1 
ATOM   22  H HG13 . VAL A 1 2  ? -1.484  6.585   -2.714  1.00 25.56  ? 2   VAL A HG13 1 
ATOM   23  H HG21 . VAL A 1 2  ? -2.070  4.497   -0.790  1.00 33.45  ? 2   VAL A HG21 1 
ATOM   24  H HG22 . VAL A 1 2  ? -0.570  4.852   -1.178  1.00 33.45  ? 2   VAL A HG22 1 
ATOM   25  H HG23 . VAL A 1 2  ? -1.017  4.849   0.347   1.00 33.45  ? 2   VAL A HG23 1 
ATOM   26  N N    . VAL A 1 3  ? 0.875   7.999   -2.294  1.00 26.31  ? 3   VAL A N    1 
ATOM   27  C CA   . VAL A 1 3  ? 1.952   7.794   -3.272  1.00 22.38  ? 3   VAL A CA   1 
ATOM   28  C C    . VAL A 1 3  ? 3.267   8.178   -2.597  1.00 26.64  ? 3   VAL A C    1 
ATOM   29  O O    . VAL A 1 3  ? 4.278   7.489   -2.739  1.00 21.94  ? 3   VAL A O    1 
ATOM   30  C CB   . VAL A 1 3  ? 1.712   8.578   -4.585  1.00 28.85  ? 3   VAL A CB   1 
ATOM   31  C CG1  . VAL A 1 3  ? 2.942   8.506   -5.511  1.00 23.35  ? 3   VAL A CG1  1 
ATOM   32  C CG2  . VAL A 1 3  ? 0.433   8.046   -5.308  1.00 22.25  ? 3   VAL A CG2  1 
ATOM   33  H H    . VAL A 1 3  ? 0.382   8.690   -2.435  1.00 31.58  ? 3   VAL A H    1 
ATOM   34  H HA   . VAL A 1 3  ? 1.997   6.851   -3.494  1.00 26.85  ? 3   VAL A HA   1 
ATOM   35  H HB   . VAL A 1 3  ? 1.560   9.510   -4.367  1.00 34.62  ? 3   VAL A HB   1 
ATOM   36  H HG11 . VAL A 1 3  ? 2.756   9.006   -6.320  1.00 28.02  ? 3   VAL A HG11 1 
ATOM   37  H HG12 . VAL A 1 3  ? 3.705   8.892   -5.051  1.00 28.02  ? 3   VAL A HG12 1 
ATOM   38  H HG13 . VAL A 1 3  ? 3.121   7.578   -5.727  1.00 28.02  ? 3   VAL A HG13 1 
ATOM   39  H HG21 . VAL A 1 3  ? 0.301   8.549   -6.126  1.00 26.70  ? 3   VAL A HG21 1 
ATOM   40  H HG22 . VAL A 1 3  ? 0.556   7.105   -5.513  1.00 26.70  ? 3   VAL A HG22 1 
ATOM   41  H HG23 . VAL A 1 3  ? -0.331  8.160   -4.721  1.00 26.70  ? 3   VAL A HG23 1 
HETATM 42  N N    . CGU A 1 4  ? 3.264   9.248   -1.819  1.00 21.34  ? 4   CGU A N    1 
HETATM 43  C CA   . CGU A 1 4  ? 4.527   9.641   -1.135  1.00 21.52  ? 4   CGU A CA   1 
HETATM 44  C C    . CGU A 1 4  ? 4.976   8.528   -0.073  1.00 20.98  ? 4   CGU A C    1 
HETATM 45  O O    . CGU A 1 4  ? 6.187   8.219   0.066   1.00 21.08  ? 4   CGU A O    1 
HETATM 46  C CB   . CGU A 1 4  ? 4.348   10.974  -0.420  1.00 22.15  ? 4   CGU A CB   1 
HETATM 47  C CG   . CGU A 1 4  ? 4.157   12.206  -1.358  1.00 27.83  ? 4   CGU A CG   1 
HETATM 48  C CD1  . CGU A 1 4  ? 2.894   12.215  -2.177  1.00 25.08  ? 4   CGU A CD1  1 
HETATM 49  C CD2  . CGU A 1 4  ? 4.093   13.520  -0.570  1.00 48.38  ? 4   CGU A CD2  1 
HETATM 50  O OE11 . CGU A 1 4  ? 1.812   11.685  -1.730  1.00 22.71  ? 4   CGU A OE11 1 
HETATM 51  O OE12 . CGU A 1 4  ? 2.936   12.818  -3.283  1.00 28.60  ? 4   CGU A OE12 1 
HETATM 52  O OE21 . CGU A 1 4  ? 3.538   13.564  0.563   1.00 54.62  ? 4   CGU A OE21 1 
HETATM 53  O OE22 . CGU A 1 4  ? 4.548   14.564  -1.108  1.00 85.42  ? 4   CGU A OE22 1 
HETATM 54  H HA   . CGU A 1 4  ? 5.330   9.731   -1.916  1.00 25.82  ? 4   CGU A HA   1 
HETATM 55  H HB2  . CGU A 1 4  ? 5.217   11.140  0.256   1.00 26.58  ? 4   CGU A HB2  1 
HETATM 56  H HB3  . CGU A 1 4  ? 3.490   10.920  0.274   1.00 26.58  ? 4   CGU A HB3  1 
HETATM 57  H HG   . CGU A 1 4  ? 5.018   12.272  -2.075  1.00 33.40  ? 4   CGU A HG   1 
ATOM   58  N N    . HIS A 1 5  ? 4.000   7.943   0.612   1.00 21.02  ? 5   HIS A N    1 
ATOM   59  C CA   . HIS A 1 5  ? 4.239   7.023   1.728   1.00 20.65  ? 5   HIS A CA   1 
ATOM   60  C C    . HIS A 1 5  ? 4.446   5.567   1.284   1.00 19.86  ? 5   HIS A C    1 
ATOM   61  O O    . HIS A 1 5  ? 5.031   4.778   1.997   1.00 23.44  ? 5   HIS A O    1 
ATOM   62  C CB   . HIS A 1 5  ? 3.038   7.124   2.716   1.00 20.16  ? 5   HIS A CB   1 
ATOM   63  C CG   . HIS A 1 5  ? 3.337   6.635   4.096   1.00 47.58  ? 5   HIS A CG   1 
ATOM   64  N ND1  . HIS A 1 5  ? 4.012   7.399   5.029   1.00 43.05  ? 5   HIS A ND1  1 
ATOM   65  C CD2  . HIS A 1 5  ? 3.038   5.462   4.707   1.00 45.41  ? 5   HIS A CD2  1 
ATOM   66  C CE1  . HIS A 1 5  ? 4.118   6.710   6.154   1.00 50.46  ? 5   HIS A CE1  1 
ATOM   67  N NE2  . HIS A 1 5  ? 3.537   5.534   5.983   1.00 52.67  ? 5   HIS A NE2  1 
ATOM   68  H H    . HIS A 1 5  ? 3.165   8.066   0.446   1.00 25.23  ? 5   HIS A H    1 
ATOM   69  H HA   . HIS A 1 5  ? 5.037   7.305   2.201   1.00 24.79  ? 5   HIS A HA   1 
ATOM   70  H HB2  . HIS A 1 5  ? 2.768   8.054   2.784   1.00 24.19  ? 5   HIS A HB2  1 
ATOM   71  H HB3  . HIS A 1 5  ? 2.303   6.594   2.368   1.00 24.19  ? 5   HIS A HB3  1 
ATOM   72  H HD2  . HIS A 1 5  ? 2.583   4.744   4.331   1.00 54.49  ? 5   HIS A HD2  1 
ATOM   73  H HE1  . HIS A 1 5  ? 4.533   7.002   6.932   1.00 60.55  ? 5   HIS A HE1  1 
ATOM   74  H HE2  . HIS A 1 5  ? 3.481   4.914   6.576   1.00 63.20  ? 5   HIS A HE2  1 
ATOM   75  N N    . CYS A 1 6  ? 3.947   5.198   0.103   1.00 19.88  ? 6   CYS A N    1 
ATOM   76  C CA   . CYS A 1 6  ? 3.921   3.803   -0.318  1.00 19.76  ? 6   CYS A CA   1 
ATOM   77  C C    . CYS A 1 6  ? 4.571   3.573   -1.671  1.00 21.58  ? 6   CYS A C    1 
ATOM   78  O O    . CYS A 1 6  ? 4.864   2.415   -2.001  1.00 20.58  ? 6   CYS A O    1 
ATOM   79  C CB   . CYS A 1 6  ? 2.478   3.295   -0.395  1.00 21.07  ? 6   CYS A CB   1 
ATOM   80  S SG   . CYS A 1 6  ? 1.709   3.177   1.242   1.00 26.00  ? 6   CYS A SG   1 
ATOM   81  H H    . CYS A 1 6  ? 3.617   5.742   -0.475  1.00 23.85  ? 6   CYS A H    1 
ATOM   82  H HA   . CYS A 1 6  ? 4.395   3.267   0.337   1.00 23.71  ? 6   CYS A HA   1 
ATOM   83  H HB2  . CYS A 1 6  ? 1.953   3.908   -0.933  1.00 25.29  ? 6   CYS A HB2  1 
ATOM   84  H HB3  . CYS A 1 6  ? 2.473   2.411   -0.795  1.00 25.29  ? 6   CYS A HB3  1 
ATOM   85  N N    . CYS A 1 7  ? 4.751   4.610   -2.477  1.00 21.05  ? 7   CYS A N    1 
ATOM   86  C CA   . CYS A 1 7  ? 5.456   4.508   -3.761  1.00 21.74  ? 7   CYS A CA   1 
ATOM   87  C C    . CYS A 1 7  ? 6.819   5.187   -3.733  1.00 23.78  ? 7   CYS A C    1 
ATOM   88  O O    . CYS A 1 7  ? 7.798   4.567   -4.121  1.00 30.88  ? 7   CYS A O    1 
ATOM   89  C CB   . CYS A 1 7  ? 4.610   5.078   -4.908  1.00 21.43  ? 7   CYS A CB   1 
ATOM   90  S SG   . CYS A 1 7  ? 5.496   5.164   -6.521  1.00 27.59  ? 7   CYS A SG   1 
ATOM   91  H H    . CYS A 1 7  ? 4.468   5.405   -2.304  1.00 25.26  ? 7   CYS A H    1 
ATOM   92  H HA   . CYS A 1 7  ? 5.606   3.569   -3.952  1.00 26.09  ? 7   CYS A HA   1 
ATOM   93  H HB2  . CYS A 1 7  ? 3.828   4.515   -5.030  1.00 25.71  ? 7   CYS A HB2  1 
ATOM   94  H HB3  . CYS A 1 7  ? 4.333   5.978   -4.674  1.00 25.71  ? 7   CYS A HB3  1 
ATOM   95  N N    . HIS A 1 8  ? 6.938   6.428   -3.238  1.00 28.49  ? 8   HIS A N    1 
ATOM   96  C CA   . HIS A 1 8  ? 8.268   7.043   -3.142  1.00 25.02  ? 8   HIS A CA   1 
ATOM   97  C C    . HIS A 1 8  ? 9.105   6.419   -2.023  1.00 30.05  ? 8   HIS A C    1 
ATOM   98  O O    . HIS A 1 8  ? 10.326  6.306   -2.143  1.00 34.16  ? 8   HIS A O    1 
ATOM   99  C CB   . HIS A 1 8  ? 8.147   8.551   -2.931  1.00 27.96  ? 8   HIS A CB   1 
ATOM   100 C CG   . HIS A 1 8  ? 7.425   9.254   -4.039  1.00 33.40  ? 8   HIS A CG   1 
ATOM   101 N ND1  . HIS A 1 8  ? 6.683   10.400  -3.839  1.00 34.99  ? 8   HIS A ND1  1 
ATOM   102 C CD2  . HIS A 1 8  ? 7.351   8.985   -5.363  1.00 27.24  ? 8   HIS A CD2  1 
ATOM   103 C CE1  . HIS A 1 8  ? 6.155   10.787  -4.986  1.00 33.70  ? 8   HIS A CE1  1 
ATOM   104 N NE2  . HIS A 1 8  ? 6.555   9.953   -5.928  1.00 38.53  ? 8   HIS A NE2  1 
ATOM   105 H H    . HIS A 1 8  ? 6.288   6.919   -2.962  1.00 34.19  ? 8   HIS A H    1 
ATOM   106 H HA   . HIS A 1 8  ? 8.738   6.899   -3.977  1.00 30.03  ? 8   HIS A HA   1 
ATOM   107 H HB2  . HIS A 1 8  ? 7.660   8.714   -2.109  1.00 33.55  ? 8   HIS A HB2  1 
ATOM   108 H HB3  . HIS A 1 8  ? 9.038   8.930   -2.868  1.00 33.55  ? 8   HIS A HB3  1 
ATOM   109 H HD2  . HIS A 1 8  ? 7.753   8.273   -5.806  1.00 32.68  ? 8   HIS A HD2  1 
ATOM   110 H HE1  . HIS A 1 8  ? 5.615   11.535  -5.113  1.00 40.44  ? 8   HIS A HE1  1 
ATOM   111 H HE2  . HIS A 1 8  ? 6.347   10.004  -6.760  1.00 46.23  ? 8   HIS A HE2  1 
ATOM   112 N N    . ARG A 1 9  ? 8.480   6.038   -0.944  1.00 32.17  ? 9   ARG A N    1 
ATOM   113 C CA   . ARG A 1 9  ? 8.938   5.180   0.131   1.00 24.61  ? 9   ARG A CA   1 
ATOM   114 C C    . ARG A 1 9  ? 8.126   3.907   0.062   1.00 24.55  ? 9   ARG A C    1 
ATOM   115 O O    . ARG A 1 9  ? 6.950   4.000   -0.266  1.00 22.58  ? 9   ARG A O    1 
ATOM   116 C CB   . ARG A 1 9  ? 8.682   5.801   1.508   1.00 42.60  ? 9   ARG A CB   1 
ATOM   117 C CG   . ARG A 1 9  ? 9.832   6.546   2.122   1.00 89.14  ? 9   ARG A CG   1 
ATOM   118 C CD   . ARG A 1 9  ? 9.920   6.276   3.625   1.00 118.62 ? 9   ARG A CD   1 
ATOM   119 N NE   . ARG A 1 9  ? 11.272  6.519   4.121   1.00 137.92 ? 9   ARG A NE   1 
ATOM   120 C CZ   . ARG A 1 9  ? 11.578  6.848   5.373   1.00 154.54 ? 9   ARG A CZ   1 
ATOM   121 N NH1  . ARG A 1 9  ? 10.632  6.995   6.292   1.00 170.53 ? 9   ARG A NH1  1 
ATOM   122 N NH2  . ARG A 1 9  ? 12.847  7.044   5.700   1.00 152.73 ? 9   ARG A NH2  1 
ATOM   123 H H    . ARG A 1 9  ? 7.675   6.299   -0.791  1.00 38.61  ? 9   ARG A H    1 
ATOM   124 H HA   . ARG A 1 9  ? 9.881   4.974   0.032   1.00 29.53  ? 9   ARG A HA   1 
ATOM   125 H HB2  . ARG A 1 9  ? 7.943   6.425   1.429   1.00 51.12  ? 9   ARG A HB2  1 
ATOM   126 H HB3  . ARG A 1 9  ? 8.437   5.091   2.123   1.00 51.12  ? 9   ARG A HB3  1 
ATOM   127 H HG2  . ARG A 1 9  ? 10.660  6.255   1.710   1.00 106.97 ? 9   ARG A HG2  1 
ATOM   128 H HG3  . ARG A 1 9  ? 9.706   7.499   1.989   1.00 106.97 ? 9   ARG A HG3  1 
ATOM   129 H HD2  . ARG A 1 9  ? 9.312   6.867   4.095   1.00 142.34 ? 9   ARG A HD2  1 
ATOM   130 H HD3  . ARG A 1 9  ? 9.693   5.349   3.800   1.00 142.34 ? 9   ARG A HD3  1 
ATOM   131 H HE   . ARG A 1 9  ? 11.920  6.444   3.561   1.00 165.51 ? 9   ARG A HE   1 
ATOM   132 H HH11 . ARG A 1 9  ? 9.806   6.869   6.084   1.00 204.63 ? 9   ARG A HH11 1 
ATOM   133 H HH12 . ARG A 1 9  ? 10.843  7.209   7.098   1.00 204.63 ? 9   ARG A HH12 1 
ATOM   134 H HH21 . ARG A 1 9  ? 13.463  6.952   5.108   1.00 183.27 ? 9   ARG A HH21 1 
ATOM   135 H HH22 . ARG A 1 9  ? 13.054  7.259   6.506   1.00 183.27 ? 9   ARG A HH22 1 
ATOM   136 N N    . PRO A 1 10 ? 8.671   2.727   0.374   1.00 21.04  ? 10  PRO A N    1 
ATOM   137 C CA   . PRO A 1 10 ? 7.824   1.528   0.459   1.00 22.55  ? 10  PRO A CA   1 
ATOM   138 C C    . PRO A 1 10 ? 7.019   1.489   1.757   1.00 20.80  ? 10  PRO A C    1 
ATOM   139 O O    . PRO A 1 10 ? 7.396   2.076   2.779   1.00 22.83  ? 10  PRO A O    1 
ATOM   140 C CB   . PRO A 1 10 ? 8.832   0.388   0.397   1.00 21.44  ? 10  PRO A CB   1 
ATOM   141 C CG   . PRO A 1 10 ? 10.047  0.972   1.056   1.00 23.92  ? 10  PRO A CG   1 
ATOM   142 C CD   . PRO A 1 10 ? 10.087  2.400   0.615   1.00 26.07  ? 10  PRO A CD   1 
ATOM   143 H HA   . PRO A 1 10 ? 7.224   1.476   -0.301  1.00 27.06  ? 10  PRO A HA   1 
ATOM   144 H HB2  . PRO A 1 10 ? 8.500   -0.377  0.893   1.00 25.72  ? 10  PRO A HB2  1 
ATOM   145 H HB3  . PRO A 1 10 ? 9.014   0.155   -0.526  1.00 25.72  ? 10  PRO A HB3  1 
ATOM   146 H HG2  . PRO A 1 10 ? 9.956   0.914   2.020   1.00 28.70  ? 10  PRO A HG2  1 
ATOM   147 H HG3  . PRO A 1 10 ? 10.840  0.499   0.759   1.00 28.70  ? 10  PRO A HG3  1 
ATOM   148 H HD2  . PRO A 1 10 ? 10.448  2.962   1.318   1.00 31.28  ? 10  PRO A HD2  1 
ATOM   149 H HD3  . PRO A 1 10 ? 10.598  2.486   -0.205  1.00 31.28  ? 10  PRO A HD3  1 
ATOM   150 N N    . CYS A 1 11 ? 5.870   0.808   1.710   1.00 20.27  ? 11  CYS A N    1 
ATOM   151 C CA   . CYS A 1 11 ? 5.068   0.666   2.923   1.00 20.11  ? 11  CYS A CA   1 
ATOM   152 C C    . CYS A 1 11 ? 4.561   -0.762  3.086   1.00 20.29  ? 11  CYS A C    1 
ATOM   153 O O    . CYS A 1 11 ? 4.337   -1.496  2.123   1.00 20.43  ? 11  CYS A O    1 
ATOM   154 C CB   . CYS A 1 11 ? 3.888   1.688   2.966   1.00 20.58  ? 11  CYS A CB   1 
ATOM   155 S SG   . CYS A 1 11 ? 2.477   1.350   1.877   1.00 23.25  ? 11  CYS A SG   1 
ATOM   156 H H    . CYS A 1 11 ? 5.543   0.431   1.010   1.00 24.33  ? 11  CYS A H    1 
ATOM   157 H HA   . CYS A 1 11 ? 5.638   0.855   3.684   1.00 24.13  ? 11  CYS A HA   1 
ATOM   158 H HB2  . CYS A 1 11 ? 3.548   1.718   3.874   1.00 24.70  ? 11  CYS A HB2  1 
ATOM   159 H HB3  . CYS A 1 11 ? 4.235   2.560   2.724   1.00 24.70  ? 11  CYS A HB3  1 
ATOM   160 N N    . SER A 1 12 ? 4.446   -1.163  4.337   1.00 19.95  ? 12  SER A N    1 
ATOM   161 C CA   . SER A 1 12 ? 3.802   -2.416  4.698   1.00 20.24  ? 12  SER A CA   1 
ATOM   162 C C    . SER A 1 12 ? 2.296   -2.385  4.391   1.00 19.90  ? 12  SER A C    1 
ATOM   163 O O    . SER A 1 12 ? 1.686   -1.337  4.176   1.00 19.48  ? 12  SER A O    1 
ATOM   164 C CB   . SER A 1 12 ? 3.999   -2.685  6.170   1.00 20.66  ? 12  SER A CB   1 
ATOM   165 O OG   . SER A 1 12 ? 3.236   -1.763  6.918   1.00 20.36  ? 12  SER A OG   1 
ATOM   166 H H    . SER A 1 12 ? 4.738   -0.718  5.012   1.00 23.94  ? 12  SER A H    1 
ATOM   167 H HA   . SER A 1 12 ? 4.204   -3.142  4.196   1.00 24.29  ? 12  SER A HA   1 
ATOM   168 H HB2  . SER A 1 12 ? 3.703   -3.586  6.373   1.00 24.79  ? 12  SER A HB2  1 
ATOM   169 H HB3  . SER A 1 12 ? 4.937   -2.580  6.393   1.00 24.79  ? 12  SER A HB3  1 
ATOM   170 H HG   . SER A 1 12 ? 3.339   -1.906  7.739   1.00 24.43  ? 12  SER A HG   1 
ATOM   171 N N    . ASN A 1 13 ? 1.696   -3.566  4.375   1.00 20.29  ? 13  ASN A N    1 
ATOM   172 C CA   . ASN A 1 13 ? 0.235   -3.665  4.301   1.00 20.21  ? 13  ASN A CA   1 
ATOM   173 C C    . ASN A 1 13 ? -0.440  -2.897  5.433   1.00 19.99  ? 13  ASN A C    1 
ATOM   174 O O    . ASN A 1 13 ? -1.442  -2.208  5.209   1.00 19.76  ? 13  ASN A O    1 
ATOM   175 C CB   . ASN A 1 13 ? -0.215  -5.105  4.353   1.00 20.89  ? 13  ASN A CB   1 
ATOM   176 C CG   . ASN A 1 13 ? 0.169   -5.880  3.161   1.00 21.34  ? 13  ASN A CG   1 
ATOM   177 O OD1  . ASN A 1 13 ? 0.590   -5.329  2.134   1.00 21.10  ? 13  ASN A OD1  1 
ATOM   178 N ND2  . ASN A 1 13 ? -0.016  -7.196  3.257   1.00 22.20  ? 13  ASN A ND2  1 
ATOM   179 H H    . ASN A 1 13 ? 2.103   -4.323  4.405   1.00 24.35  ? 13  ASN A H    1 
ATOM   180 H HA   . ASN A 1 13 ? -0.067  -3.288  3.460   1.00 24.25  ? 13  ASN A HA   1 
ATOM   181 H HB2  . ASN A 1 13 ? 0.186   -5.532  5.127   1.00 25.07  ? 13  ASN A HB2  1 
ATOM   182 H HB3  . ASN A 1 13 ? -1.182  -5.130  4.427   1.00 25.07  ? 13  ASN A HB3  1 
ATOM   183 H HD21 . ASN A 1 13 ? 0.188   -7.709  2.598   1.00 26.64  ? 13  ASN A HD21 1 
ATOM   184 H HD22 . ASN A 1 13 ? -0.337  -7.533  3.980   1.00 26.64  ? 13  ASN A HD22 1 
ATOM   185 N N    . ALA A 1 14 ? 0.098   -2.993  6.654   1.00 20.53  ? 14  ALA A N    1 
ATOM   186 C CA   . ALA A 1 14 ? -0.547  -2.363  7.801   1.00 20.59  ? 14  ALA A CA   1 
ATOM   187 C C    . ALA A 1 14 ? -0.478  -0.851  7.707   1.00 20.20  ? 14  ALA A C    1 
ATOM   188 O O    . ALA A 1 14 ? -1.444  -0.162  8.036   1.00 20.42  ? 14  ALA A O    1 
ATOM   189 C CB   . ALA A 1 14 ? 0.098   -2.852  9.082   1.00 21.21  ? 14  ALA A CB   1 
ATOM   190 H H    . ALA A 1 14 ? 0.826   -3.414  6.838   1.00 24.64  ? 14  ALA A H    1 
ATOM   191 H HA   . ALA A 1 14 ? -1.482  -2.619  7.818   1.00 24.71  ? 14  ALA A HA   1 
ATOM   192 H HB1  . ALA A 1 14 ? -0.337  -2.427  9.836   1.00 25.45  ? 14  ALA A HB1  1 
ATOM   193 H HB2  . ALA A 1 14 ? -0.006  -3.815  9.138   1.00 25.45  ? 14  ALA A HB2  1 
ATOM   194 H HB3  . ALA A 1 14 ? 1.040   -2.622  9.068   1.00 25.45  ? 14  ALA A HB3  1 
ATOM   195 N N    . GLU A 1 15 ? 0.625   -0.316  7.195   1.00 19.99  ? 15  GLU A N    1 
ATOM   196 C CA   . GLU A 1 15 ? 0.699   1.110   6.908   1.00 20.64  ? 15  GLU A CA   1 
ATOM   197 C C    . GLU A 1 15 ? -0.248  1.500   5.768   1.00 20.25  ? 15  GLU A C    1 
ATOM   198 O O    . GLU A 1 15 ? -0.938  2.513   5.849   1.00 19.51  ? 15  GLU A O    1 
ATOM   199 C CB   . GLU A 1 15 ? 2.138   1.506   6.564   1.00 24.27  ? 15  GLU A CB   1 
ATOM   200 C CG   . GLU A 1 15 ? 3.048   1.661   7.761   1.00 52.08  ? 15  GLU A CG   1 
ATOM   201 C CD   . GLU A 1 15 ? 2.599   2.773   8.696   1.00 68.30  ? 15  GLU A CD   1 
ATOM   202 O OE1  . GLU A 1 15 ? 2.433   3.929   8.232   1.00 37.34  ? 15  GLU A OE1  1 
ATOM   203 O OE2  . GLU A 1 15 ? 2.411   2.483   9.898   1.00 92.14  ? 15  GLU A OE2  1 
ATOM   204 H H    . GLU A 1 15 ? 1.340   -0.754  7.006   1.00 23.99  ? 15  GLU A H    1 
ATOM   205 H HA   . GLU A 1 15 ? 0.434   1.605   7.699   1.00 24.77  ? 15  GLU A HA   1 
ATOM   206 H HB2  . GLU A 1 15 ? 2.520   0.821   5.992   1.00 29.12  ? 15  GLU A HB2  1 
ATOM   207 H HB3  . GLU A 1 15 ? 2.124   2.353   6.092   1.00 29.12  ? 15  GLU A HB3  1 
ATOM   208 H HG2  . GLU A 1 15 ? 3.056   0.831   8.262   1.00 62.50  ? 15  GLU A HG2  1 
ATOM   209 H HG3  . GLU A 1 15 ? 3.943   1.872   7.452   1.00 62.50  ? 15  GLU A HG3  1 
ATOM   210 N N    . PHE A 1 16 ? -0.257  0.743   4.671   1.00 19.08  ? 16  PHE A N    1 
ATOM   211 C CA   . PHE A 1 16 ? -1.181  1.077   3.585   1.00 19.01  ? 16  PHE A CA   1 
ATOM   212 C C    . PHE A 1 16 ? -2.636  1.187   4.070   1.00 19.21  ? 16  PHE A C    1 
ATOM   213 O O    . PHE A 1 16 ? -3.393  2.074   3.620   1.00 19.32  ? 16  PHE A O    1 
ATOM   214 C CB   . PHE A 1 16 ? -1.083  0.045   2.461   1.00 19.12  ? 16  PHE A CB   1 
ATOM   215 C CG   . PHE A 1 16 ? -1.900  0.402   1.270   1.00 19.26  ? 16  PHE A CG   1 
ATOM   216 C CD1  . PHE A 1 16 ? -3.228  0.007   1.183   1.00 19.56  ? 16  PHE A CD1  1 
ATOM   217 C CD2  . PHE A 1 16 ? -1.356  1.131   0.237   1.00 19.26  ? 16  PHE A CD2  1 
ATOM   218 C CE1  . PHE A 1 16 ? -4.007  0.328   0.057   1.00 19.92  ? 16  PHE A CE1  1 
ATOM   219 C CE2  . PHE A 1 16 ? -2.137  1.489   -0.880  1.00 19.59  ? 16  PHE A CE2  1 
ATOM   220 C CZ   . PHE A 1 16 ? -3.471  1.074   -0.959  1.00 19.95  ? 16  PHE A CZ   1 
ATOM   221 H H    . PHE A 1 16 ? 0.240   0.056   4.532   1.00 22.90  ? 16  PHE A H    1 
ATOM   222 H HA   . PHE A 1 16 ? -0.928  1.938   3.217   1.00 22.81  ? 16  PHE A HA   1 
ATOM   223 H HB2  . PHE A 1 16 ? -0.157  -0.025  2.178   1.00 22.95  ? 16  PHE A HB2  1 
ATOM   224 H HB3  . PHE A 1 16 ? -1.394  -0.812  2.791   1.00 22.95  ? 16  PHE A HB3  1 
ATOM   225 H HD1  . PHE A 1 16 ? -3.602  -0.495  1.870   1.00 23.48  ? 16  PHE A HD1  1 
ATOM   226 H HD2  . PHE A 1 16 ? -0.472  1.414   0.289   1.00 23.11  ? 16  PHE A HD2  1 
ATOM   227 H HE1  . PHE A 1 16 ? -4.897  0.060   0.016   1.00 23.90  ? 16  PHE A HE1  1 
ATOM   228 H HE2  . PHE A 1 16 ? -1.761  1.978   -1.575  1.00 23.51  ? 16  PHE A HE2  1 
ATOM   229 H HZ   . PHE A 1 16 ? -3.986  1.291   -1.702  1.00 23.93  ? 16  PHE A HZ   1 
ATOM   230 N N    . LYS A 1 17 ? -3.047  0.306   4.984   1.00 19.63  ? 17  LYS A N    1 
ATOM   231 C CA   . LYS A 1 17 ? -4.432  0.311   5.462   1.00 19.97  ? 17  LYS A CA   1 
ATOM   232 C C    . LYS A 1 17 ? -4.830  1.622   6.116   1.00 20.12  ? 17  LYS A C    1 
ATOM   233 O O    . LYS A 1 17 ? -6.030  1.905   6.221   1.00 20.50  ? 17  LYS A O    1 
ATOM   234 C CB   . LYS A 1 17 ? -4.661  -0.830  6.463   1.00 20.31  ? 17  LYS A CB   1 
ATOM   235 C CG   . LYS A 1 17 ? -4.901  -2.195  5.764   1.00 20.56  ? 17  LYS A CG   1 
ATOM   236 C CD   . LYS A 1 17 ? -4.840  -3.330  6.719   1.00 21.03  ? 17  LYS A CD   1 
ATOM   237 C CE   . LYS A 1 17 ? -4.794  -4.672  5.956   1.00 23.58  ? 17  LYS A CE   1 
ATOM   238 N NZ   . LYS A 1 17 ? -4.719  -5.906  6.801   1.00 26.95  ? 17  LYS A NZ   1 
ATOM   239 H H    . LYS A 1 17 ? -2.549  -0.298  5.340   1.00 23.56  ? 17  LYS A H    1 
ATOM   240 H HA   . LYS A 1 17 ? -5.022  0.166   4.706   1.00 23.96  ? 17  LYS A HA   1 
ATOM   241 H HB2  . LYS A 1 17 ? -3.879  -0.916  7.030   1.00 24.37  ? 17  LYS A HB2  1 
ATOM   242 H HB3  . LYS A 1 17 ? -5.442  -0.626  7.002   1.00 24.37  ? 17  LYS A HB3  1 
ATOM   243 H HG2  . LYS A 1 17 ? -5.780  -2.192  5.355   1.00 24.67  ? 17  LYS A HG2  1 
ATOM   244 H HG3  . LYS A 1 17 ? -4.219  -2.331  5.089   1.00 24.67  ? 17  LYS A HG3  1 
ATOM   245 H HD2  . LYS A 1 17 ? -4.039  -3.255  7.260   1.00 25.23  ? 17  LYS A HD2  1 
ATOM   246 H HD3  . LYS A 1 17 ? -5.631  -3.323  7.281   1.00 25.23  ? 17  LYS A HD3  1 
ATOM   247 H HE2  . LYS A 1 17 ? -5.594  -4.742  5.412   1.00 28.30  ? 17  LYS A HE2  1 
ATOM   248 H HE3  . LYS A 1 17 ? -4.013  -4.668  5.380   1.00 28.30  ? 17  LYS A HE3  1 
ATOM   249 H HZ1  . LYS A 1 17 ? -4.696  -6.629  6.282   1.00 32.34  ? 17  LYS A HZ1  1 
ATOM   250 H HZ2  . LYS A 1 17 ? -3.984  -5.887  7.303   1.00 32.34  ? 17  LYS A HZ2  1 
ATOM   251 H HZ3  . LYS A 1 17 ? -5.432  -5.954  7.332   1.00 32.34  ? 17  LYS A HZ3  1 
ATOM   252 N N    . LYS A 1 18 ? -3.857  2.390   6.613   1.00 20.04  ? 18  LYS A N    1 
ATOM   253 C CA   . LYS A 1 18 ? -4.145  3.726   7.151   1.00 21.82  ? 18  LYS A CA   1 
ATOM   254 C C    . LYS A 1 18 ? -4.860  4.604   6.140   1.00 20.55  ? 18  LYS A C    1 
ATOM   255 O O    . LYS A 1 18 ? -5.560  5.540   6.532   1.00 21.12  ? 18  LYS A O    1 
ATOM   256 C CB   . LYS A 1 18 ? -2.853  4.435   7.580   1.00 20.42  ? 18  LYS A CB   1 
ATOM   257 C CG   . LYS A 1 18 ? -2.216  3.761   8.762   1.00 20.61  ? 18  LYS A CG   1 
ATOM   258 C CD   . LYS A 1 18 ? -0.896  4.444   9.188   1.00 30.84  ? 18  LYS A CD   1 
ATOM   259 C CE   . LYS A 1 18 ? -0.381  3.816   10.496  1.00 38.22  ? 18  LYS A CE   1 
ATOM   260 N NZ   . LYS A 1 18 ? 0.694   4.649   11.126  1.00 62.00  ? 18  LYS A NZ   1 
ATOM   261 H H    . LYS A 1 18 ? -3.029  2.164   6.652   1.00 24.05  ? 18  LYS A H    1 
ATOM   262 H HA   . LYS A 1 18 ? -4.713  3.638   7.932   1.00 26.19  ? 18  LYS A HA   1 
ATOM   263 H HB2  . LYS A 1 18 ? -2.221  4.420   6.845   1.00 24.51  ? 18  LYS A HB2  1 
ATOM   264 H HB3  . LYS A 1 18 ? -3.058  5.351   7.826   1.00 24.51  ? 18  LYS A HB3  1 
ATOM   265 H HG2  . LYS A 1 18 ? -2.828  3.793   9.514   1.00 24.73  ? 18  LYS A HG2  1 
ATOM   266 H HG3  . LYS A 1 18 ? -2.018  2.839   8.534   1.00 24.73  ? 18  LYS A HG3  1 
ATOM   267 H HD2  . LYS A 1 18 ? -0.226  4.316   8.498   1.00 37.00  ? 18  LYS A HD2  1 
ATOM   268 H HD3  . LYS A 1 18 ? -1.054  5.389   9.340   1.00 37.00  ? 18  LYS A HD3  1 
ATOM   269 H HE2  . LYS A 1 18 ? -1.115  3.742   11.126  1.00 45.86  ? 18  LYS A HE2  1 
ATOM   270 H HE3  . LYS A 1 18 ? -0.013  2.939   10.306  1.00 45.86  ? 18  LYS A HE3  1 
ATOM   271 H HZ1  . LYS A 1 18 ? 0.975   4.265   11.878  1.00 74.40  ? 18  LYS A HZ1  1 
ATOM   272 H HZ2  . LYS A 1 18 ? 1.383   4.728   10.568  1.00 74.40  ? 18  LYS A HZ2  1 
ATOM   273 H HZ3  . LYS A 1 18 ? 0.380   5.459   11.315  1.00 74.40  ? 18  LYS A HZ3  1 
ATOM   274 N N    . TYR A 1 19 ? -4.659  4.355   4.854   1.00 25.20  ? 19  TYR A N    1 
ATOM   275 C CA   . TYR A 1 19 ? -5.233  5.171   3.775   1.00 20.68  ? 19  TYR A CA   1 
ATOM   276 C C    . TYR A 1 19 ? -6.581  4.640   3.212   1.00 31.44  ? 19  TYR A C    1 
ATOM   277 O O    . TYR A 1 19 ? -7.115  5.191   2.245   1.00 29.68  ? 19  TYR A O    1 
ATOM   278 C CB   . TYR A 1 19 ? -4.228  5.270   2.614   1.00 20.37  ? 19  TYR A CB   1 
ATOM   279 C CG   . TYR A 1 19 ? -3.041  6.082   2.927   1.00 23.44  ? 19  TYR A CG   1 
ATOM   280 C CD1  . TYR A 1 19 ? -1.920  5.521   3.520   1.00 19.93  ? 19  TYR A CD1  1 
ATOM   281 C CD2  . TYR A 1 19 ? -3.034  7.440   2.663   1.00 23.18  ? 19  TYR A CD2  1 
ATOM   282 C CE1  . TYR A 1 19 ? -0.815  6.303   3.817   1.00 26.81  ? 19  TYR A CE1  1 
ATOM   283 C CE2  . TYR A 1 19 ? -1.940  8.212   2.950   1.00 25.73  ? 19  TYR A CE2  1 
ATOM   284 C CZ   . TYR A 1 19 ? -0.854  7.656   3.533   1.00 22.56  ? 19  TYR A CZ   1 
ATOM   285 O OH   . TYR A 1 19 ? 0.209   8.461   3.810   1.00 22.36  ? 19  TYR A OH   1 
ATOM   286 H H    . TYR A 1 19 ? -4.181  3.701   4.566   1.00 30.24  ? 19  TYR A H    1 
ATOM   287 H HA   . TYR A 1 19 ? -5.387  6.068   4.112   1.00 24.82  ? 19  TYR A HA   1 
ATOM   288 H HB2  . TYR A 1 19 ? -3.924  4.377   2.387   1.00 24.45  ? 19  TYR A HB2  1 
ATOM   289 H HB3  . TYR A 1 19 ? -4.670  5.672   1.852   1.00 24.45  ? 19  TYR A HB3  1 
ATOM   290 H HD1  . TYR A 1 19 ? -1.907  4.610   3.711   1.00 23.92  ? 19  TYR A HD1  1 
ATOM   291 H HD2  . TYR A 1 19 ? -3.780  7.832   2.268   1.00 27.82  ? 19  TYR A HD2  1 
ATOM   292 H HE1  . TYR A 1 19 ? -0.062  5.926   4.212   1.00 32.17  ? 19  TYR A HE1  1 
ATOM   293 H HE2  . TYR A 1 19 ? -1.954  9.124   2.766   1.00 30.88  ? 19  TYR A HE2  1 
ATOM   294 H HH   . TYR A 1 19 ? 0.823   8.013   4.168   1.00 26.83  ? 19  TYR A HH   1 
HETATM 295 N N    . CY3 A 1 20 ? -7.121  3.567   3.776   1.00 22.50  ? 20  CY3 A N    1 
HETATM 296 C CA   . CY3 A 1 20 ? -8.389  3.048   3.338   1.00 21.87  ? 20  CY3 A CA   1 
HETATM 297 C C    . CY3 A 1 20 ? -9.578  4.055   3.594   1.00 39.60  ? 20  CY3 A C    1 
HETATM 298 O O    . CY3 A 1 20 ? -9.786  4.468   4.672   1.00 46.46  ? 20  CY3 A O    1 
HETATM 299 C CB   . CY3 A 1 20 ? -8.780  1.832   4.165   1.00 33.52  ? 20  CY3 A CB   1 
HETATM 300 S SG   . CY3 A 1 20 ? -7.669  0.389   3.723   1.00 39.89  ? 20  CY3 A SG   1 
HETATM 301 N N1   . CY3 A 1 20 ? -10.441 4.438   2.510   1.00 43.25  ? 20  CY3 A N1   1 
HETATM 302 H H    . CY3 A 1 20 ? -6.790  3.102   4.419   1.00 27.00  ? 20  CY3 A H    1 
HETATM 303 H HA   . CY3 A 1 20 ? -8.349  2.813   2.397   1.00 26.25  ? 20  CY3 A HA   1 
HETATM 304 H HB2  . CY3 A 1 20 ? -9.704  1.597   3.979   1.00 40.22  ? 20  CY3 A HB2  1 
HETATM 305 H HB3  . CY3 A 1 20 ? -8.686  2.040   5.108   1.00 40.22  ? 20  CY3 A HB3  1 
HETATM 306 H HN11 . CY3 A 1 20 ? -10.300 4.135   1.718   1.00 51.90  ? 20  CY3 A HN11 1 
HETATM 307 H HN12 . CY3 A 1 20 ? -11.090 4.984   2.652   1.00 51.90  ? 20  CY3 A HN12 1 
ATOM   308 N N    . THR B 2 1  ? 6.239   -15.320 6.304   1.00 78.37  ? -1  THR B N    1 
ATOM   309 C CA   . THR B 2 1  ? 6.946   -14.083 5.860   1.00 76.87  ? -1  THR B CA   1 
ATOM   310 C C    . THR B 2 1  ? 6.293   -12.853 6.480   1.00 64.38  ? -1  THR B C    1 
ATOM   311 O O    . THR B 2 1  ? 5.075   -12.690 6.427   1.00 60.34  ? -1  THR B O    1 
ATOM   312 C CB   . THR B 2 1  ? 6.960   -13.964 4.313   1.00 82.36  ? -1  THR B CB   1 
ATOM   313 O OG1  . THR B 2 1  ? 8.002   -14.798 3.783   1.00 103.80 ? -1  THR B OG1  1 
ATOM   314 C CG2  . THR B 2 1  ? 7.198   -12.520 3.849   1.00 68.98  ? -1  THR B CG2  1 
ATOM   315 H H1   . THR B 2 1  ? 6.517   -16.011 5.817   1.00 94.05  ? -1  THR B H1   1 
ATOM   316 H H2   . THR B 2 1  ? 6.418   -15.471 7.163   1.00 94.05  ? -1  THR B H2   1 
ATOM   317 H H3   . THR B 2 1  ? 5.362   -15.215 6.197   1.00 94.05  ? -1  THR B H3   1 
ATOM   318 H HA   . THR B 2 1  ? 7.865   -14.119 6.166   1.00 92.25  ? -1  THR B HA   1 
ATOM   319 H HB   . THR B 2 1  ? 6.106   -14.258 3.963   1.00 98.83  ? -1  THR B HB   1 
ATOM   320 H HG1  . THR B 2 1  ? 8.018   -14.740 2.946   1.00 124.55 ? -1  THR B HG1  1 
ATOM   321 H HG21 . THR B 2 1  ? 7.200   -12.481 2.879   1.00 82.78  ? -1  THR B HG21 1 
ATOM   322 H HG22 . THR B 2 1  ? 6.493   -11.945 4.185   1.00 82.78  ? -1  THR B HG22 1 
ATOM   323 H HG23 . THR B 2 1  ? 8.051   -12.201 4.180   1.00 82.78  ? -1  THR B HG23 1 
ATOM   324 N N    . PHE B 2 2  ? 7.127   -11.986 7.054   1.00 47.49  ? 0   PHE B N    1 
ATOM   325 C CA   . PHE B 2 2  ? 6.648   -10.805 7.750   1.00 33.82  ? 0   PHE B CA   1 
ATOM   326 C C    . PHE B 2 2  ? 6.100   -9.785  6.751   1.00 30.41  ? 0   PHE B C    1 
ATOM   327 O O    . PHE B 2 2  ? 6.537   -9.727  5.603   1.00 32.11  ? 0   PHE B O    1 
ATOM   328 C CB   . PHE B 2 2  ? 7.788   -10.207 8.565   1.00 28.40  ? 0   PHE B CB   1 
ATOM   329 C CG   . PHE B 2 2  ? 7.353   -9.205  9.556   1.00 27.64  ? 0   PHE B CG   1 
ATOM   330 C CD1  . PHE B 2 2  ? 7.173   -7.886  9.192   1.00 26.31  ? 0   PHE B CD1  1 
ATOM   331 C CD2  . PHE B 2 2  ? 7.123   -9.576  10.864  1.00 29.44  ? 0   PHE B CD2  1 
ATOM   332 C CE1  . PHE B 2 2  ? 6.776   -6.945  10.134  1.00 27.97  ? 0   PHE B CE1  1 
ATOM   333 C CE2  . PHE B 2 2  ? 6.732   -8.663  11.797  1.00 27.99  ? 0   PHE B CE2  1 
ATOM   334 C CZ   . PHE B 2 2  ? 6.541   -7.340  11.442  1.00 27.51  ? 0   PHE B CZ   1 
ATOM   335 H H    . PHE B 2 2  ? 7.984   -12.066 7.050   1.00 56.99  ? 0   PHE B H    1 
ATOM   336 H HA   . PHE B 2 2  ? 5.934   -11.055 8.357   1.00 40.59  ? 0   PHE B HA   1 
ATOM   337 H HB2  . PHE B 2 2  ? 8.237   -10.921 9.044   1.00 34.08  ? 0   PHE B HB2  1 
ATOM   338 H HB3  . PHE B 2 2  ? 8.410   -9.774  7.960   1.00 34.08  ? 0   PHE B HB3  1 
ATOM   339 H HD1  . PHE B 2 2  ? 7.328   -7.623  8.313   1.00 31.58  ? 0   PHE B HD1  1 
ATOM   340 H HD2  . PHE B 2 2  ? 7.244   -10.463 11.115  1.00 35.33  ? 0   PHE B HD2  1 
ATOM   341 H HE1  . PHE B 2 2  ? 6.652   -6.058  9.884   1.00 33.57  ? 0   PHE B HE1  1 
ATOM   342 H HE2  . PHE B 2 2  ? 6.579   -8.934  12.673  1.00 33.58  ? 0   PHE B HE2  1 
ATOM   343 H HZ   . PHE B 2 2  ? 6.274   -6.718  12.079  1.00 33.01  ? 0   PHE B HZ   1 
ATOM   344 N N    . ASP B 2 3  ? 5.145   -8.959  7.208   1.00 25.54  ? 1   ASP B N    1 
ATOM   345 C CA   . ASP B 2 3  ? 4.501   -7.950  6.358   1.00 24.29  ? 1   ASP B CA   1 
ATOM   346 C C    . ASP B 2 3  ? 5.498   -6.812  6.158   1.00 25.42  ? 1   ASP B C    1 
ATOM   347 O O    . ASP B 2 3  ? 5.537   -5.807  6.884   1.00 23.30  ? 1   ASP B O    1 
ATOM   348 C CB   . ASP B 2 3  ? 3.186   -7.484  6.990   1.00 30.99  ? 1   ASP B CB   1 
ATOM   349 C CG   . ASP B 2 3  ? 2.647   -6.216  6.358   1.00 33.34  ? 1   ASP B CG   1 
ATOM   350 O OD1  . ASP B 2 3  ? 2.893   -6.038  5.137   1.00 26.15  ? 1   ASP B OD1  1 
ATOM   351 O OD2  . ASP B 2 3  ? 2.011   -5.391  7.071   1.00 22.10  ? 1   ASP B OD2  1 
ATOM   352 H H    . ASP B 2 3  ? 4.852   -8.967  8.017   1.00 30.65  ? 1   ASP B H    1 
ATOM   353 H HA   . ASP B 2 3  ? 4.302   -8.339  5.492   1.00 29.15  ? 1   ASP B HA   1 
ATOM   354 H HB2  . ASP B 2 3  ? 2.519   -8.180  6.881   1.00 37.19  ? 1   ASP B HB2  1 
ATOM   355 H HB3  . ASP B 2 3  ? 3.333   -7.310  7.933   1.00 37.19  ? 1   ASP B HB3  1 
ATOM   356 N N    . THR B 2 4  ? 6.381   -6.997  5.186   1.00 24.07  ? 2   THR B N    1 
ATOM   357 C CA   . THR B 2 4  ? 7.476   -6.037  5.037   1.00 23.86  ? 2   THR B CA   1 
ATOM   358 C C    . THR B 2 4  ? 7.134   -4.961  4.038   1.00 24.18  ? 2   THR B C    1 
ATOM   359 O O    . THR B 2 4  ? 6.286   -5.145  3.179   1.00 27.96  ? 2   THR B O    1 
ATOM   360 C CB   . THR B 2 4  ? 8.749   -6.701  4.560   1.00 31.47  ? 2   THR B CB   1 
ATOM   361 O OG1  . THR B 2 4  ? 8.411   -7.565  3.479   1.00 33.31  ? 2   THR B OG1  1 
ATOM   362 C CG2  . THR B 2 4  ? 9.426   -7.460  5.731   1.00 33.17  ? 2   THR B CG2  1 
ATOM   363 H H    . THR B 2 4  ? 6.375   -7.643  4.618   1.00 28.88  ? 2   THR B H    1 
ATOM   364 H HA   . THR B 2 4  ? 7.652   -5.616  5.892   1.00 28.64  ? 2   THR B HA   1 
ATOM   365 H HB   . THR B 2 4  ? 9.364   -6.020  4.245   1.00 37.77  ? 2   THR B HB   1 
ATOM   366 H HG1  . THR B 2 4  ? 9.100   -7.949  3.192   1.00 39.98  ? 2   THR B HG1  1 
ATOM   367 H HG21 . THR B 2 4  ? 10.242  -7.884  5.422   1.00 39.81  ? 2   THR B HG21 1 
ATOM   368 H HG22 . THR B 2 4  ? 9.642   -6.842  6.445   1.00 39.81  ? 2   THR B HG22 1 
ATOM   369 H HG23 . THR B 2 4  ? 8.827   -8.142  6.073   1.00 39.81  ? 2   THR B HG23 1 
HETATM 370 N N    . HYP B 2 5  ? 7.811   -3.841  4.148   1.00 25.20  ? 3   HYP B N    1 
HETATM 371 C CA   . HYP B 2 5  ? 7.523   -2.612  3.144   1.00 30.06  ? 3   HYP B CA   1 
HETATM 372 C C    . HYP B 2 5  ? 7.665   -3.026  1.667   1.00 37.46  ? 3   HYP B C    1 
HETATM 373 O O    . HYP B 2 5  ? 8.656   -3.689  1.290   1.00 33.28  ? 3   HYP B O    1 
HETATM 374 C CB   . HYP B 2 5  ? 8.431   -1.671  3.479   1.00 46.37  ? 3   HYP B CB   1 
HETATM 375 C CG   . HYP B 2 5  ? 8.776   -1.974  4.944   1.00 34.65  ? 3   HYP B CG   1 
HETATM 376 C CD   . HYP B 2 5  ? 8.831   -3.521  4.933   1.00 30.67  ? 3   HYP B CD   1 
HETATM 377 O OD1  . HYP B 2 5  ? 7.794   -1.599  5.779   1.00 37.02  ? 3   HYP B OD1  1 
HETATM 378 H HA   . HYP B 2 5  ? 6.630   -2.269  3.304   1.00 36.08  ? 3   HYP B HA   1 
HETATM 379 H HB2  . HYP B 2 5  ? 8.043   -0.786  3.398   1.00 55.65  ? 3   HYP B HB2  1 
HETATM 380 H HB3  . HYP B 2 5  ? 9.221   -1.753  2.922   1.00 55.65  ? 3   HYP B HB3  1 
HETATM 381 H HG   . HYP B 2 5  ? 9.632   -1.590  5.194   1.00 41.58  ? 3   HYP B HG   1 
HETATM 382 H HD22 . HYP B 2 5  ? 9.668   -3.832  4.552   1.00 36.81  ? 3   HYP B HD22 1 
HETATM 383 H HD23 . HYP B 2 5  ? 8.701   -3.876  5.827   1.00 36.81  ? 3   HYP B HD23 1 
HETATM 384 H HD1  . HYP B 2 5  ? 7.882   -2.007  6.521   1.00 44.43  ? 3   HYP B HD1  1 
ATOM   385 N N    . LYS B 2 6  ? 6.703   -2.622  0.837   1.00 29.31  ? 4   LYS B N    1 
ATOM   386 C CA   . LYS B 2 6  ? 6.739   -2.838  -0.604  1.00 26.28  ? 4   LYS B CA   1 
ATOM   387 C C    . LYS B 2 6  ? 6.432   -1.530  -1.331  1.00 21.83  ? 4   LYS B C    1 
ATOM   388 O O    . LYS B 2 6  ? 5.590   -0.752  -0.872  1.00 25.52  ? 4   LYS B O    1 
ATOM   389 C CB   . LYS B 2 6  ? 5.696   -3.885  -1.032  1.00 37.68  ? 4   LYS B CB   1 
ATOM   390 C CG   . LYS B 2 6  ? 5.935   -5.277  -0.490  1.00 65.23  ? 4   LYS B CG   1 
ATOM   391 C CD   . LYS B 2 6  ? 4.745   -6.180  -0.825  1.00 94.75  ? 4   LYS B CD   1 
ATOM   392 C CE   . LYS B 2 6  ? 4.983   -7.642  -0.452  1.00 109.16 ? 4   LYS B CE   1 
ATOM   393 N NZ   . LYS B 2 6  ? 3.834   -8.504  -0.869  1.00 105.24 ? 4   LYS B NZ   1 
ATOM   394 H H    . LYS B 2 6  ? 5.997   -2.206  1.098   1.00 35.17  ? 4   LYS B H    1 
ATOM   395 H HA   . LYS B 2 6  ? 7.620   -3.146  -0.869  1.00 31.53  ? 4   LYS B HA   1 
ATOM   396 H HB2  . LYS B 2 6  ? 4.823   -3.596  -0.723  1.00 45.21  ? 4   LYS B HB2  1 
ATOM   397 H HB3  . LYS B 2 6  ? 5.695   -3.943  -2.000  1.00 45.21  ? 4   LYS B HB3  1 
ATOM   398 H HG2  . LYS B 2 6  ? 6.731   -5.651  -0.897  1.00 78.28  ? 4   LYS B HG2  1 
ATOM   399 H HG3  . LYS B 2 6  ? 6.031   -5.238  0.475   1.00 78.28  ? 4   LYS B HG3  1 
ATOM   400 H HD2  . LYS B 2 6  ? 3.967   -5.870  -0.337  1.00 113.71 ? 4   LYS B HD2  1 
ATOM   401 H HD3  . LYS B 2 6  ? 4.576   -6.139  -1.779  1.00 113.71 ? 4   LYS B HD3  1 
ATOM   402 H HE2  . LYS B 2 6  ? 5.782   -7.962  -0.899  1.00 130.99 ? 4   LYS B HE2  1 
ATOM   403 H HE3  . LYS B 2 6  ? 5.084   -7.715  0.510   1.00 130.99 ? 4   LYS B HE3  1 
ATOM   404 H HZ1  . LYS B 2 6  ? 3.992   -9.350  -0.643  1.00 126.28 ? 4   LYS B HZ1  1 
ATOM   405 H HZ2  . LYS B 2 6  ? 3.088   -8.231  -0.467  1.00 126.28 ? 4   LYS B HZ2  1 
ATOM   406 H HZ3  . LYS B 2 6  ? 3.723   -8.455  -1.751  1.00 126.28 ? 4   LYS B HZ3  1 
ATOM   407 N N    . HIS B 2 7  ? 7.039   -1.306  -2.491  1.00 21.79  ? 5   HIS B N    1 
ATOM   408 C CA   . HIS B 2 7  ? 6.694   -0.148  -3.307  1.00 21.56  ? 5   HIS B CA   1 
ATOM   409 C C    . HIS B 2 7  ? 5.389   -0.440  -4.006  1.00 22.30  ? 5   HIS B C    1 
ATOM   410 O O    . HIS B 2 7  ? 5.238   -1.497  -4.600  1.00 32.55  ? 5   HIS B O    1 
ATOM   411 C CB   . HIS B 2 7  ? 7.763   0.158   -4.348  1.00 22.18  ? 5   HIS B CB   1 
ATOM   412 C CG   . HIS B 2 7  ? 9.066   0.562   -3.758  1.00 22.64  ? 5   HIS B CG   1 
ATOM   413 N ND1  . HIS B 2 7  ? 9.362   1.873   -3.425  1.00 28.27  ? 5   HIS B ND1  1 
ATOM   414 C CD2  . HIS B 2 7  ? 10.152  -0.175  -3.415  1.00 25.48  ? 5   HIS B CD2  1 
ATOM   415 C CE1  . HIS B 2 7  ? 10.576  1.923   -2.898  1.00 22.51  ? 5   HIS B CE1  1 
ATOM   416 N NE2  . HIS B 2 7  ? 11.079  0.697   -2.887  1.00 28.72  ? 5   HIS B NE2  1 
ATOM   417 H H    . HIS B 2 7  ? 7.651   -1.806  -2.826  1.00 26.15  ? 5   HIS B H    1 
ATOM   418 H HA   . HIS B 2 7  ? 6.577   0.631   -2.739  1.00 25.87  ? 5   HIS B HA   1 
ATOM   419 H HB2  . HIS B 2 7  ? 7.913   -0.636  -4.885  1.00 26.62  ? 5   HIS B HB2  1 
ATOM   420 H HB3  . HIS B 2 7  ? 7.453   0.884   -4.912  1.00 26.62  ? 5   HIS B HB3  1 
ATOM   421 H HD1  . HIS B 2 7  ? 8.837   2.546   -3.532  1.00 33.93  ? 5   HIS B HD1  1 
ATOM   422 H HD2  . HIS B 2 7  ? 10.252  -1.094  -3.517  1.00 30.58  ? 5   HIS B HD2  1 
ATOM   423 H HE1  . HIS B 2 7  ? 11.008  2.691   -2.602  1.00 27.01  ? 5   HIS B HE1  1 
ATOM   424 N N    . ARG B 2 8  ? 4.433   0.475   -3.901  1.00 20.97  ? 6   ARG B N    1 
ATOM   425 C CA   . ARG B 2 8  ? 3.141   0.326   -4.551  1.00 24.52  ? 6   ARG B CA   1 
ATOM   426 C C    . ARG B 2 8  ? 2.926   1.588   -5.361  1.00 21.26  ? 6   ARG B C    1 
ATOM   427 O O    . ARG B 2 8  ? 2.680   2.657   -4.789  1.00 23.78  ? 6   ARG B O    1 
ATOM   428 C CB   . ARG B 2 8  ? 2.026   0.111   -3.527  1.00 20.69  ? 6   ARG B CB   1 
ATOM   429 C CG   . ARG B 2 8  ? 2.408   -0.852  -2.450  1.00 26.83  ? 6   ARG B CG   1 
ATOM   430 C CD   . ARG B 2 8  ? 1.514   -0.677  -1.201  1.00 33.07  ? 6   ARG B CD   1 
ATOM   431 N NE   . ARG B 2 8  ? 2.032   -1.473  -0.087  1.00 31.36  ? 6   ARG B NE   1 
ATOM   432 C CZ   . ARG B 2 8  ? 1.645   -2.702  0.219   1.00 20.49  ? 6   ARG B CZ   1 
ATOM   433 N NH1  . ARG B 2 8  ? 0.695   -3.334  -0.493  1.00 28.98  ? 6   ARG B NH1  1 
ATOM   434 N NH2  . ARG B 2 8  ? 2.205   -3.298  1.262   1.00 25.07  ? 6   ARG B NH2  1 
ATOM   435 H H    . ARG B 2 8  ? 4.512   1.203   -3.452  1.00 25.17  ? 6   ARG B H    1 
ATOM   436 H HA   . ARG B 2 8  ? 3.162   -0.433  -5.154  1.00 29.42  ? 6   ARG B HA   1 
ATOM   437 H HB2  . ARG B 2 8  ? 1.813   0.959   -3.108  1.00 24.83  ? 6   ARG B HB2  1 
ATOM   438 H HB3  . ARG B 2 8  ? 1.244   -0.242  -3.980  1.00 24.83  ? 6   ARG B HB3  1 
ATOM   439 H HG2  . ARG B 2 8  ? 2.301   -1.758  -2.777  1.00 32.19  ? 6   ARG B HG2  1 
ATOM   440 H HG3  . ARG B 2 8  ? 3.329   -0.694  -2.190  1.00 32.19  ? 6   ARG B HG3  1 
ATOM   441 H HD2  . ARG B 2 8  ? 1.509   0.256   -0.934  1.00 39.68  ? 6   ARG B HD2  1 
ATOM   442 H HD3  . ARG B 2 8  ? 0.615   -0.978  -1.402  1.00 39.68  ? 6   ARG B HD3  1 
ATOM   443 H HE   . ARG B 2 8  ? 2.636   -1.115  0.408   1.00 37.64  ? 6   ARG B HE   1 
ATOM   444 H HH11 . ARG B 2 8  ? 0.333   -2.942  -1.168  1.00 34.78  ? 6   ARG B HH11 1 
ATOM   445 H HH12 . ARG B 2 8  ? 0.454   -4.130  -0.278  1.00 34.78  ? 6   ARG B HH12 1 
ATOM   446 H HH21 . ARG B 2 8  ? 2.810   -2.890  1.718   1.00 30.08  ? 6   ARG B HH21 1 
ATOM   447 H HH22 . ARG B 2 8  ? 1.967   -4.095  1.481   1.00 30.08  ? 6   ARG B HH22 1 
ATOM   448 N N    . CYS B 2 9  ? 3.037   1.474   -6.684  1.00 22.09  ? 7   CYS B N    1 
ATOM   449 C CA   . CYS B 2 9  ? 3.023   2.634   -7.566  1.00 24.41  ? 7   CYS B CA   1 
ATOM   450 C C    . CYS B 2 9  ? 1.983   2.476   -8.662  1.00 28.77  ? 7   CYS B C    1 
ATOM   451 O O    . CYS B 2 9  ? 1.661   1.366   -9.110  1.00 23.73  ? 7   CYS B O    1 
ATOM   452 C CB   . CYS B 2 9  ? 4.387   2.868   -8.222  1.00 25.61  ? 7   CYS B CB   1 
ATOM   453 S SG   . CYS B 2 9  ? 5.744   3.168   -7.078  1.00 32.01  ? 7   CYS B SG   1 
ATOM   454 H H    . CYS B 2 9  ? 3.123   0.725   -7.097  1.00 26.51  ? 7   CYS B H    1 
ATOM   455 H HA   . CYS B 2 9  ? 2.797   3.424   -7.048  1.00 29.30  ? 7   CYS B HA   1 
ATOM   456 H HB2  . CYS B 2 9  ? 4.615   2.084   -8.746  1.00 30.73  ? 7   CYS B HB2  1 
ATOM   457 H HB3  . CYS B 2 9  ? 4.320   3.640   -8.806  1.00 30.73  ? 7   CYS B HB3  1 
ATOM   458 N N    . GLY B 2 10 ? 1.479   3.608   -9.113  1.00 23.30  ? 8   GLY B N    1 
ATOM   459 C CA   . GLY B 2 10 ? 0.519   3.571   -10.199 1.00 24.26  ? 8   GLY B CA   1 
ATOM   460 C C    . GLY B 2 10 ? -0.652  2.685   -9.856  1.00 27.94  ? 8   GLY B C    1 
ATOM   461 O O    . GLY B 2 10 ? -1.281  2.888   -8.808  1.00 23.54  ? 8   GLY B O    1 
ATOM   462 H H    . GLY B 2 10 ? 1.668   4.393   -8.817  1.00 27.96  ? 8   GLY B H    1 
ATOM   463 H HA2  . GLY B 2 10 ? 0.191   4.466   -10.378 1.00 29.11  ? 8   GLY B HA2  1 
ATOM   464 H HA3  . GLY B 2 10 ? 0.944   3.229   -11.001 1.00 29.11  ? 8   GLY B HA3  1 
ATOM   465 N N    . SER B 2 11 ? -0.895  1.663   -10.691 1.00 25.43  ? 9   SER B N    1 
ATOM   466 C CA   . SER B 2 11 ? -2.090  0.827   -10.630 1.00 28.83  ? 9   SER B CA   1 
ATOM   467 C C    . SER B 2 11 ? -1.998  -0.218  -9.513  1.00 33.52  ? 9   SER B C    1 
ATOM   468 O O    . SER B 2 11 ? -3.011  -0.699  -9.010  1.00 31.13  ? 9   SER B O    1 
ATOM   469 C CB   . SER B 2 11 ? -2.299  0.136   -11.981 1.00 36.62  ? 9   SER B CB   1 
ATOM   470 O OG   . SER B 2 11 ? -1.180  -0.686  -12.288 1.00 36.38  ? 9   SER B OG   1 
ATOM   471 H H    . SER B 2 11 ? -0.357  1.432   -11.322 1.00 30.51  ? 9   SER B H    1 
ATOM   472 H HA   . SER B 2 11 ? -2.862  1.388   -10.456 1.00 34.60  ? 9   SER B HA   1 
ATOM   473 H HB2  . SER B 2 11 ? -3.095  -0.415  -11.936 1.00 43.94  ? 9   SER B HB2  1 
ATOM   474 H HB3  . SER B 2 11 ? -2.397  0.810   -12.671 1.00 43.94  ? 9   SER B HB3  1 
ATOM   475 H HG   . SER B 2 11 ? -0.482  -0.219  -12.326 1.00 43.65  ? 9   SER B HG   1 
HETATM 476 N N    . CGU B 2 12 ? -0.775  -0.561  -9.127  1.00 28.76  ? 10  CGU B N    1 
HETATM 477 C CA   . CGU B 2 12 ? -0.538  -1.382  -7.894  1.00 28.05  ? 10  CGU B CA   1 
HETATM 478 C C    . CGU B 2 12 ? -1.196  -0.765  -6.675  1.00 29.41  ? 10  CGU B C    1 
HETATM 479 O O    . CGU B 2 12 ? -1.461  -1.522  -5.704  1.00 30.26  ? 10  CGU B O    1 
HETATM 480 C CB   . CGU B 2 12 ? 0.966   -1.501  -7.564  1.00 26.61  ? 10  CGU B CB   1 
HETATM 481 C CG   . CGU B 2 12 ? 1.772   -2.029  -8.733  1.00 48.20  ? 10  CGU B CG   1 
HETATM 482 C CD1  . CGU B 2 12 ? 3.286   -2.047  -8.400  1.00 43.27  ? 10  CGU B CD1  1 
HETATM 483 C CD2  . CGU B 2 12 ? 1.246   -3.424  -9.217  1.00 61.07  ? 10  CGU B CD2  1 
HETATM 484 O OE11 . CGU B 2 12 ? 4.021   -2.909  -8.973  1.00 32.43  ? 10  CGU B OE11 1 
HETATM 485 O OE12 . CGU B 2 12 ? 3.774   -1.191  -7.564  1.00 28.59  ? 10  CGU B OE12 1 
HETATM 486 O OE21 . CGU B 2 12 ? 0.912   -4.306  -8.376  1.00 60.62  ? 10  CGU B OE21 1 
HETATM 487 O OE22 . CGU B 2 12 ? 1.125   -3.635  -10.458 1.00 71.45  ? 10  CGU B OE22 1 
HETATM 488 H HA   . CGU B 2 12 ? -0.979  -2.402  -8.060  1.00 33.66  ? 10  CGU B HA   1 
HETATM 489 H HB2  . CGU B 2 12 ? 1.098   -2.151  -6.670  1.00 31.93  ? 10  CGU B HB2  1 
HETATM 490 H HB3  . CGU B 2 12 ? 1.371   -0.523  -7.249  1.00 31.93  ? 10  CGU B HB3  1 
HETATM 491 H HG   . CGU B 2 12 ? 1.655   -1.318  -9.595  1.00 57.84  ? 10  CGU B HG   1 
ATOM   492 N N    . ILE B 2 13 ? -1.383  0.557   -6.645  1.00 25.25  ? 11  ILE B N    1 
ATOM   493 C CA   . ILE B 2 13 ? -2.073  1.176   -5.518  1.00 21.79  ? 11  ILE B CA   1 
ATOM   494 C C    . ILE B 2 13 ? -3.534  0.768   -5.591  1.00 22.28  ? 11  ILE B C    1 
ATOM   495 O O    . ILE B 2 13 ? -4.112  0.387   -4.593  1.00 22.22  ? 11  ILE B O    1 
ATOM   496 C CB   . ILE B 2 13 ? -1.894  2.696   -5.498  1.00 29.42  ? 11  ILE B CB   1 
ATOM   497 C CG1  . ILE B 2 13 ? -0.434  3.040   -5.157  1.00 30.34  ? 11  ILE B CG1  1 
ATOM   498 C CG2  . ILE B 2 13 ? -2.844  3.355   -4.490  1.00 23.17  ? 11  ILE B CG2  1 
ATOM   499 C CD1  . ILE B 2 13 ? -0.072  4.497   -5.385  1.00 34.61  ? 11  ILE B CD1  1 
ATOM   500 H H    . ILE B 2 13 ? -1.124  1.106   -7.255  1.00 30.30  ? 11  ILE B H    1 
ATOM   501 H HA   . ILE B 2 13 ? -1.705  0.823   -4.693  1.00 26.14  ? 11  ILE B HA   1 
ATOM   502 H HB   . ILE B 2 13 ? -2.095  3.041   -6.382  1.00 35.31  ? 11  ILE B HB   1 
ATOM   503 H HG12 . ILE B 2 13 ? -0.276  2.839   -4.222  1.00 36.41  ? 11  ILE B HG12 1 
ATOM   504 H HG13 . ILE B 2 13 ? 0.151   2.500   -5.711  1.00 36.41  ? 11  ILE B HG13 1 
ATOM   505 H HG21 . ILE B 2 13 ? -2.704  4.315   -4.505  1.00 27.80  ? 11  ILE B HG21 1 
ATOM   506 H HG22 . ILE B 2 13 ? -3.759  3.151   -4.739  1.00 27.80  ? 11  ILE B HG22 1 
ATOM   507 H HG23 . ILE B 2 13 ? -2.657  3.007   -3.604  1.00 27.80  ? 11  ILE B HG23 1 
ATOM   508 H HD11 . ILE B 2 13 ? 0.860   4.631   -5.147  1.00 41.53  ? 11  ILE B HD11 1 
ATOM   509 H HD12 . ILE B 2 13 ? -0.210  4.714   -6.320  1.00 41.53  ? 11  ILE B HD12 1 
ATOM   510 H HD13 . ILE B 2 13 ? -0.639  5.053   -4.827  1.00 41.53  ? 11  ILE B HD13 1 
ATOM   511 N N    . THR B 2 14 ? -4.136  0.832   -6.779  1.00 23.69  ? 12  THR B N    1 
ATOM   512 C CA   . THR B 2 14 ? -5.488  0.304   -6.942  1.00 27.80  ? 12  THR B CA   1 
ATOM   513 C C    . THR B 2 14 ? -5.564  -1.139  -6.477  1.00 32.55  ? 12  THR B C    1 
ATOM   514 O O    . THR B 2 14 ? -6.455  -1.507  -5.693  1.00 24.04  ? 12  THR B O    1 
ATOM   515 C CB   . THR B 2 14 ? -5.936  0.441   -8.403  1.00 33.52  ? 12  THR B CB   1 
ATOM   516 O OG1  . THR B 2 14 ? -5.901  1.826   -8.756  1.00 32.74  ? 12  THR B OG1  1 
ATOM   517 C CG2  . THR B 2 14 ? -7.377  -0.105  -8.634  1.00 26.30  ? 12  THR B CG2  1 
ATOM   518 H H    . THR B 2 14 ? -3.791  1.168   -7.492  1.00 28.42  ? 12  THR B H    1 
ATOM   519 H HA   . THR B 2 14 ? -6.096  0.825   -6.395  1.00 33.36  ? 12  THR B HA   1 
ATOM   520 H HB   . THR B 2 14 ? -5.327  -0.053  -8.974  1.00 40.23  ? 12  THR B HB   1 
ATOM   521 H HG1  . THR B 2 14 ? -6.143  1.925   -9.555  1.00 39.29  ? 12  THR B HG1  1 
ATOM   522 H HG21 . THR B 2 14 ? -7.625  -0.001  -9.566  1.00 31.56  ? 12  THR B HG21 1 
ATOM   523 H HG22 . THR B 2 14 ? -7.417  -1.045  -8.400  1.00 31.56  ? 12  THR B HG22 1 
ATOM   524 H HG23 . THR B 2 14 ? -8.009  0.384   -8.084  1.00 31.56  ? 12  THR B HG23 1 
ATOM   525 N N    . ASN B 2 15 ? -4.649  -1.982  -6.961  1.00 24.48  ? 13  ASN B N    1 
ATOM   526 C CA   . ASN B 2 15 ? -4.639  -3.387  -6.552  1.00 25.34  ? 13  ASN B CA   1 
ATOM   527 C C    . ASN B 2 15 ? -4.554  -3.515  -5.049  1.00 24.13  ? 13  ASN B C    1 
ATOM   528 O O    . ASN B 2 15 ? -5.193  -4.388  -4.441  1.00 24.08  ? 13  ASN B O    1 
ATOM   529 C CB   . ASN B 2 15 ? -3.452  -4.138  -7.165  1.00 28.08  ? 13  ASN B CB   1 
ATOM   530 C CG   . ASN B 2 15 ? -3.539  -4.257  -8.684  1.00 43.36  ? 13  ASN B CG   1 
ATOM   531 O OD1  . ASN B 2 15 ? -4.599  -4.054  -9.281  1.00 39.56  ? 13  ASN B OD1  1 
ATOM   532 N ND2  . ASN B 2 15 ? -2.410  -4.575  -9.317  1.00 47.85  ? 13  ASN B ND2  1 
ATOM   533 H H    . ASN B 2 15 ? -4.030  -1.768  -7.520  1.00 29.38  ? 13  ASN B H    1 
ATOM   534 H HA   . ASN B 2 15 ? -5.457  -3.813  -6.850  1.00 30.41  ? 13  ASN B HA   1 
ATOM   535 H HB2  . ASN B 2 15 ? -2.634  -3.664  -6.949  1.00 33.69  ? 13  ASN B HB2  1 
ATOM   536 H HB3  . ASN B 2 15 ? -3.423  -5.035  -6.796  1.00 33.69  ? 13  ASN B HB3  1 
ATOM   537 H HD21 . ASN B 2 15 ? -2.403  -4.655  -10.173 1.00 57.42  ? 13  ASN B HD21 1 
ATOM   538 H HD22 . ASN B 2 15 ? -1.686  -4.701  -8.868  1.00 57.42  ? 13  ASN B HD22 1 
ATOM   539 N N    . SER B 2 16 ? -3.727  -2.684  -4.428  1.00 22.66  ? 14  SER B N    1 
ATOM   540 C CA   . SER B 2 16 ? -3.609  -2.745  -2.980  1.00 21.94  ? 14  SER B CA   1 
ATOM   541 C C    . SER B 2 16 ? -4.905  -2.331  -2.293  1.00 21.87  ? 14  SER B C    1 
ATOM   542 O O    . SER B 2 16 ? -5.344  -2.993  -1.351  1.00 22.01  ? 14  SER B O    1 
ATOM   543 C CB   . SER B 2 16 ? -2.431  -1.896  -2.536  1.00 25.08  ? 14  SER B CB   1 
ATOM   544 O OG   . SER B 2 16 ? -1.268  -2.670  -2.714  1.00 24.01  ? 14  SER B OG   1 
ATOM   545 H H    . SER B 2 16 ? -3.238  -2.090  -4.810  1.00 27.19  ? 14  SER B H    1 
ATOM   546 H HA   . SER B 2 16 ? -3.423  -3.662  -2.725  1.00 26.33  ? 14  SER B HA   1 
ATOM   547 H HB2  . SER B 2 16 ? -2.380  -1.097  -3.083  1.00 30.10  ? 14  SER B HB2  1 
ATOM   548 H HB3  . SER B 2 16 ? -2.529  -1.665  -1.599  1.00 30.10  ? 14  SER B HB3  1 
ATOM   549 H HG   . SER B 2 16 ? -0.592  -2.231  -2.478  1.00 28.81  ? 14  SER B HG   1 
ATOM   550 N N    . TYR B 2 17 ? -5.528  -1.231  -2.728  1.00 21.89  ? 15  TYR B N    1 
ATOM   551 C CA   . TYR B 2 17 ? -6.851  -0.898  -2.202  1.00 22.13  ? 15  TYR B CA   1 
ATOM   552 C C    . TYR B 2 17 ? -7.798  -2.081  -2.318  1.00 22.94  ? 15  TYR B C    1 
ATOM   553 O O    . TYR B 2 17 ? -8.539  -2.381  -1.374  1.00 23.01  ? 15  TYR B O    1 
ATOM   554 C CB   . TYR B 2 17 ? -7.485  0.297   -2.919  1.00 22.53  ? 15  TYR B CB   1 
ATOM   555 C CG   . TYR B 2 17 ? -6.960  1.666   -2.589  1.00 22.01  ? 15  TYR B CG   1 
ATOM   556 C CD1  . TYR B 2 17 ? -7.068  2.203   -1.316  1.00 37.65  ? 15  TYR B CD1  1 
ATOM   557 C CD2  . TYR B 2 17 ? -6.426  2.473   -3.598  1.00 48.14  ? 15  TYR B CD2  1 
ATOM   558 C CE1  . TYR B 2 17 ? -6.598  3.480   -1.043  1.00 62.89  ? 15  TYR B CE1  1 
ATOM   559 C CE2  . TYR B 2 17 ? -5.967  3.756   -3.338  1.00 52.81  ? 15  TYR B CE2  1 
ATOM   560 C CZ   . TYR B 2 17 ? -6.042  4.251   -2.067  1.00 60.82  ? 15  TYR B CZ   1 
ATOM   561 O OH   . TYR B 2 17 ? -5.569  5.537   -1.847  1.00 54.81  ? 15  TYR B OH   1 
ATOM   562 H H    . TYR B 2 17 ? -5.217  -0.679  -3.310  1.00 26.27  ? 15  TYR B H    1 
ATOM   563 H HA   . TYR B 2 17 ? -6.767  -0.673  -1.263  1.00 26.56  ? 15  TYR B HA   1 
ATOM   564 H HB2  . TYR B 2 17 ? -7.367  0.171   -3.873  1.00 27.03  ? 15  TYR B HB2  1 
ATOM   565 H HB3  . TYR B 2 17 ? -8.433  0.300   -2.714  1.00 27.03  ? 15  TYR B HB3  1 
ATOM   566 H HD1  . TYR B 2 17 ? -7.427  1.688   -0.629  1.00 45.19  ? 15  TYR B HD1  1 
ATOM   567 H HD2  . TYR B 2 17 ? -6.363  2.137   -4.463  1.00 57.77  ? 15  TYR B HD2  1 
ATOM   568 H HE1  . TYR B 2 17 ? -6.657  3.824   -0.180  1.00 75.46  ? 15  TYR B HE1  1 
ATOM   569 H HE2  . TYR B 2 17 ? -5.595  4.268   -4.019  1.00 63.37  ? 15  TYR B HE2  1 
ATOM   570 H HH   . TYR B 2 17 ? -5.270  5.859   -2.563  1.00 65.77  ? 15  TYR B HH   1 
ATOM   571 N N    . MET B 2 18 ? -7.801  -2.760  -3.463  1.00 23.80  ? 16  MET B N    1 
ATOM   572 C CA   . MET B 2 18 ? -8.734  -3.881  -3.659  1.00 28.09  ? 16  MET B CA   1 
ATOM   573 C C    . MET B 2 18 ? -8.420  -5.033  -2.725  1.00 26.65  ? 16  MET B C    1 
ATOM   574 O O    . MET B 2 18 ? -9.329  -5.673  -2.194  1.00 36.43  ? 16  MET B O    1 
ATOM   575 C CB   . MET B 2 18 ? -8.688  -4.406  -5.097  1.00 30.99  ? 16  MET B CB   1 
ATOM   576 C CG   . MET B 2 18 ? -9.146  -3.423  -6.171  1.00 42.33  ? 16  MET B CG   1 
ATOM   577 S SD   . MET B 2 18 ? -10.916 -3.114  -6.106  1.00 68.25  ? 16  MET B SD   1 
ATOM   578 C CE   . MET B 2 18 ? -10.883 -1.509  -5.292  1.00 42.42  ? 16  MET B CE   1 
ATOM   579 H H    . MET B 2 18 ? -7.286  -2.599  -4.133  1.00 28.56  ? 16  MET B H    1 
ATOM   580 H HA   . MET B 2 18 ? -9.637  -3.572  -3.484  1.00 33.71  ? 16  MET B HA   1 
ATOM   581 H HB2  . MET B 2 18 ? -7.773  -4.655  -5.304  1.00 37.19  ? 16  MET B HB2  1 
ATOM   582 H HB3  . MET B 2 18 ? -9.257  -5.188  -5.157  1.00 37.19  ? 16  MET B HB3  1 
ATOM   583 H HG2  . MET B 2 18 ? -8.688  -2.578  -6.043  1.00 50.79  ? 16  MET B HG2  1 
ATOM   584 H HG3  . MET B 2 18 ? -8.935  -3.787  -7.045  1.00 50.79  ? 16  MET B HG3  1 
ATOM   585 H HE1  . MET B 2 18 ? -11.793 -1.195  -5.179  1.00 50.90  ? 16  MET B HE1  1 
ATOM   586 H HE2  . MET B 2 18 ? -10.457 -1.604  -4.426  1.00 50.90  ? 16  MET B HE2  1 
ATOM   587 H HE3  . MET B 2 18 ? -10.382 -0.887  -5.842  1.00 50.90  ? 16  MET B HE3  1 
ATOM   588 N N    . ASP B 2 19 ? -7.138  -5.318  -2.511  1.00 29.89  ? 17  ASP B N    1 
ATOM   589 C CA   . ASP B 2 19 ? -6.786  -6.428  -1.634  1.00 34.20  ? 17  ASP B CA   1 
ATOM   590 C C    . ASP B 2 19 ? -6.899  -6.071  -0.154  1.00 30.46  ? 17  ASP B C    1 
ATOM   591 O O    . ASP B 2 19 ? -7.205  -6.945  0.652   1.00 28.87  ? 17  ASP B O    1 
ATOM   592 C CB   . ASP B 2 19 ? -5.364  -6.930  -1.915  1.00 41.66  ? 17  ASP B CB   1 
ATOM   593 C CG   . ASP B 2 19 ? -5.164  -7.363  -3.357  1.00 78.78  ? 17  ASP B CG   1 
ATOM   594 O OD1  . ASP B 2 19 ? -6.173  -7.665  -4.034  1.00 89.35  ? 17  ASP B OD1  1 
ATOM   595 O OD2  . ASP B 2 19 ? -3.996  -7.404  -3.812  1.00 72.64  ? 17  ASP B OD2  1 
ATOM   596 H H    . ASP B 2 19 ? -6.470  -4.896  -2.851  1.00 35.87  ? 17  ASP B H    1 
ATOM   597 H HA   . ASP B 2 19 ? -7.395  -7.162  -1.806  1.00 41.04  ? 17  ASP B HA   1 
ATOM   598 H HB2  . ASP B 2 19 ? -4.734  -6.216  -1.727  1.00 49.99  ? 17  ASP B HB2  1 
ATOM   599 H HB3  . ASP B 2 19 ? -5.180  -7.693  -1.344  1.00 49.99  ? 17  ASP B HB3  1 
ATOM   600 N N    . LEU B 2 20 ? -6.620  -4.833  0.236   1.00 22.66  ? 18  LEU B N    1 
ATOM   601 C CA   . LEU B 2 20 ? -6.463  -4.505  1.649   1.00 22.10  ? 18  LEU B CA   1 
ATOM   602 C C    . LEU B 2 20 ? -7.596  -3.692  2.243   1.00 22.41  ? 18  LEU B C    1 
ATOM   603 O O    . LEU B 2 20 ? -7.753  -3.686  3.467   1.00 24.40  ? 18  LEU B O    1 
ATOM   604 C CB   . LEU B 2 20 ? -5.158  -3.737  1.870   1.00 22.61  ? 18  LEU B CB   1 
ATOM   605 C CG   . LEU B 2 20 ? -3.955  -4.545  1.385   1.00 21.46  ? 18  LEU B CG   1 
ATOM   606 C CD1  . LEU B 2 20 ? -2.705  -3.719  1.536   1.00 24.50  ? 18  LEU B CD1  1 
ATOM   607 C CD2  . LEU B 2 20 ? -3.818  -5.889  2.147   1.00 28.10  ? 18  LEU B CD2  1 
ATOM   608 H H    . LEU B 2 20 ? -6.516  -4.165  -0.296  1.00 27.19  ? 18  LEU B H    1 
ATOM   609 H HA   . LEU B 2 20 ? -6.403  -5.333  2.152   1.00 26.53  ? 18  LEU B HA   1 
ATOM   610 H HB2  . LEU B 2 20 ? -5.187  -2.904  1.372   1.00 27.14  ? 18  LEU B HB2  1 
ATOM   611 H HB3  . LEU B 2 20 ? -5.045  -3.561  2.817   1.00 27.14  ? 18  LEU B HB3  1 
ATOM   612 H HG   . LEU B 2 20 ? -4.069  -4.744  0.443   1.00 25.75  ? 18  LEU B HG   1 
ATOM   613 H HD11 . LEU B 2 20 ? -1.945  -4.236  1.226   1.00 29.40  ? 18  LEU B HD11 1 
ATOM   614 H HD12 . LEU B 2 20 ? -2.795  -2.912  1.005   1.00 29.40  ? 18  LEU B HD12 1 
ATOM   615 H HD13 . LEU B 2 20 ? -2.591  -3.489  2.471   1.00 29.40  ? 18  LEU B HD13 1 
ATOM   616 H HD21 . LEU B 2 20 ? -3.044  -6.366  1.808   1.00 33.72  ? 18  LEU B HD21 1 
ATOM   617 H HD22 . LEU B 2 20 ? -3.705  -5.706  3.092   1.00 33.72  ? 18  LEU B HD22 1 
ATOM   618 H HD23 . LEU B 2 20 ? -4.619  -6.416  2.005   1.00 33.72  ? 18  LEU B HD23 1 
ATOM   619 N N    . CYS B 2 21 ? -8.357  -2.968  1.438   1.00 26.31  ? 19  CYS B N    1 
ATOM   620 C CA   . CYS B 2 21 ? -9.384  -2.113  2.003   1.00 23.20  ? 19  CYS B CA   1 
ATOM   621 C C    . CYS B 2 21 ? -10.772 -2.662  1.769   1.00 29.55  ? 19  CYS B C    1 
ATOM   622 O O    . CYS B 2 21 ? -11.641 -2.480  2.608   1.00 27.61  ? 19  CYS B O    1 
ATOM   623 C CB   . CYS B 2 21 ? -9.280  -0.699  1.421   1.00 25.28  ? 19  CYS B CB   1 
ATOM   624 S SG   . CYS B 2 21 ? -7.660  0.096   1.743   1.00 33.59  ? 19  CYS B SG   1 
ATOM   625 H H    . CYS B 2 21 ? -8.302  -2.953  0.581   1.00 31.58  ? 19  CYS B H    1 
ATOM   626 H HA   . CYS B 2 21 ? -9.248  -2.051  2.961   1.00 27.84  ? 19  CYS B HA   1 
ATOM   627 H HB2  . CYS B 2 21 ? -9.405  -0.745  0.460   1.00 30.34  ? 19  CYS B HB2  1 
ATOM   628 H HB3  . CYS B 2 21 ? -9.970  -0.144  1.818   1.00 30.34  ? 19  CYS B HB3  1 
ATOM   629 N N    . TYR B 2 22 ? -10.984 -3.349  0.665   1.00 30.88  ? 20  TYR B N    1 
ATOM   630 C CA   . TYR B 2 22 ? -12.314 -3.782  0.272   1.00 36.15  ? 20  TYR B CA   1 
ATOM   631 C C    . TYR B 2 22 ? -12.550 -5.227  0.682   1.00 48.21  ? 20  TYR B C    1 
ATOM   632 O O    . TYR B 2 22 ? -11.674 -6.081  0.520   1.00 58.94  ? 20  TYR B O    1 
ATOM   633 C CB   . TYR B 2 22 ? -12.522 -3.616  -1.228  1.00 29.56  ? 20  TYR B CB   1 
ATOM   634 C CG   . TYR B 2 22 ? -12.956 -2.218  -1.609  1.00 55.92  ? 20  TYR B CG   1 
ATOM   635 C CD1  . TYR B 2 22 ? -14.257 -1.795  -1.381  1.00 71.32  ? 20  TYR B CD1  1 
ATOM   636 C CD2  . TYR B 2 22 ? -12.072 -1.324  -2.185  1.00 59.77  ? 20  TYR B CD2  1 
ATOM   637 C CE1  . TYR B 2 22 ? -14.670 -0.524  -1.716  1.00 72.77  ? 20  TYR B CE1  1 
ATOM   638 C CE2  . TYR B 2 22 ? -12.473 -0.042  -2.527  1.00 73.50  ? 20  TYR B CE2  1 
ATOM   639 C CZ   . TYR B 2 22 ? -13.786 0.354   -2.292  1.00 74.33  ? 20  TYR B CZ   1 
ATOM   640 O OH   . TYR B 2 22 ? -14.243 1.626   -2.606  1.00 61.61  ? 20  TYR B OH   1 
ATOM   641 H H    . TYR B 2 22 ? -10.366 -3.584  0.115   1.00 37.06  ? 20  TYR B H    1 
ATOM   642 H HA   . TYR B 2 22 ? -12.971 -3.232  0.728   1.00 43.38  ? 20  TYR B HA   1 
ATOM   643 H HB2  . TYR B 2 22 ? -11.688 -3.805  -1.685  1.00 35.48  ? 20  TYR B HB2  1 
ATOM   644 H HB3  . TYR B 2 22 ? -13.209 -4.234  -1.521  1.00 35.48  ? 20  TYR B HB3  1 
ATOM   645 H HD1  . TYR B 2 22 ? -14.865 -2.382  -0.992  1.00 85.58  ? 20  TYR B HD1  1 
ATOM   646 H HD2  . TYR B 2 22 ? -11.195 -1.586  -2.345  1.00 71.73  ? 20  TYR B HD2  1 
ATOM   647 H HE1  . TYR B 2 22 ? -15.548 -0.261  -1.554  1.00 87.33  ? 20  TYR B HE1  1 
ATOM   648 H HE2  . TYR B 2 22 ? -11.869 0.549   -2.915  1.00 88.20  ? 20  TYR B HE2  1 
ATOM   649 H HH   . TYR B 2 22 ? -13.625 2.077   -2.951  1.00 73.93  ? 20  TYR B HH   1 
ATOM   650 N N    . ARG B 2 23 ? -13.733 -5.470  1.249   1.00 48.09  ? 21  ARG B N    1 
ATOM   651 C CA   . ARG B 2 23 ? -14.230 -6.799  1.604   1.00 54.86  ? 21  ARG B CA   1 
ATOM   652 C C    . ARG B 2 23 ? -14.016 -7.832  0.506   1.00 67.04  ? 21  ARG B C    1 
ATOM   653 O O    . ARG B 2 23 ? -13.946 -7.487  -0.683  1.00 73.56  ? 21  ARG B O    1 
ATOM   654 C CB   . ARG B 2 23 ? -15.725 -6.732  1.903   1.00 56.88  ? 21  ARG B CB   1 
ATOM   655 C CG   . ARG B 2 23 ? -16.130 -6.796  3.352   1.00 66.58  ? 21  ARG B CG   1 
ATOM   656 C CD   . ARG B 2 23 ? -17.384 -7.627  3.403   1.00 87.20  ? 21  ARG B CD   1 
ATOM   657 N NE   . ARG B 2 23 ? -18.252 -7.357  4.541   1.00 104.85 ? 21  ARG B NE   1 
ATOM   658 C CZ   . ARG B 2 23 ? -19.582 -7.450  4.487   1.00 123.50 ? 21  ARG B CZ   1 
ATOM   659 N NH1  . ARG B 2 23 ? -20.191 -7.781  3.340   1.00 136.71 ? 21  ARG B NH1  1 
ATOM   660 N NH2  . ARG B 2 23 ? -20.309 -7.193  5.574   1.00 115.82 ? 21  ARG B NH2  1 
ATOM   661 O OXT  . ARG B 2 23 ? -13.943 -9.035  0.789   1.00 68.47  ? 21  ARG B OXT  1 
ATOM   662 H H    . ARG B 2 23 ? -14.291 -4.847  1.447   1.00 57.70  ? 21  ARG B H    1 
ATOM   663 H HA   . ARG B 2 23 ? -13.774 -7.108  2.402   1.00 65.83  ? 21  ARG B HA   1 
ATOM   664 H HB2  . ARG B 2 23 ? -16.066 -5.896  1.547   1.00 68.25  ? 21  ARG B HB2  1 
ATOM   665 H HB3  . ARG B 2 23 ? -16.157 -7.473  1.451   1.00 68.25  ? 21  ARG B HB3  1 
ATOM   666 H HG2  . ARG B 2 23 ? -15.438 -7.230  3.876   1.00 79.90  ? 21  ARG B HG2  1 
ATOM   667 H HG3  . ARG B 2 23 ? -16.322 -5.907  3.688   1.00 79.90  ? 21  ARG B HG3  1 
ATOM   668 H HD2  . ARG B 2 23 ? -17.897 -7.461  2.597   1.00 104.64 ? 21  ARG B HD2  1 
ATOM   669 H HD3  . ARG B 2 23 ? -17.133 -8.563  3.442   1.00 104.64 ? 21  ARG B HD3  1 
ATOM   670 H HE   . ARG B 2 23 ? -17.902 -6.991  5.236   1.00 125.82 ? 21  ARG B HE   1 
ATOM   671 H HH11 . ARG B 2 23 ? -19.723 -7.947  2.638   1.00 164.05 ? 21  ARG B HH11 1 
ATOM   672 H HH12 . ARG B 2 23 ? -21.048 -7.836  3.309   1.00 164.05 ? 21  ARG B HH12 1 
ATOM   673 H HH21 . ARG B 2 23 ? -19.922 -6.975  6.310   1.00 138.98 ? 21  ARG B HH21 1 
ATOM   674 H HH22 . ARG B 2 23 ? -21.167 -7.245  5.539   1.00 138.98 ? 21  ARG B HH22 1 
HETATM 675 S S    . SO4 C 3 .  ? -1.084  15.153  -0.434  0.25 25.35  ? 101 SO4 A S    1 
HETATM 676 O O1   . SO4 C 3 .  ? -2.302  14.376  -0.206  0.25 24.93  ? 101 SO4 A O1   1 
HETATM 677 O O2   . SO4 C 3 .  ? -0.015  14.288  -0.927  0.25 24.40  ? 101 SO4 A O2   1 
HETATM 678 O O3   . SO4 C 3 .  ? -1.402  16.172  -1.437  0.25 26.58  ? 101 SO4 A O3   1 
HETATM 679 O O4   . SO4 C 3 .  ? -0.611  15.780  0.793   0.25 25.80  ? 101 SO4 A O4   1 
HETATM 680 O O    . HOH D 4 .  ? -0.316  10.742  -3.031  1.00 27.54  ? 201 HOH A O    1 
HETATM 681 O O    . HOH D 4 .  ? 8.118   10.072  0.669   1.00 35.41  ? 202 HOH A O    1 
HETATM 682 O O    . HOH D 4 .  ? 2.034   2.571   12.662  1.00 42.71  ? 203 HOH A O    1 
HETATM 683 O O    . HOH D 4 .  ? -2.534  -5.472  8.483   1.00 30.01  ? 204 HOH A O    1 
HETATM 684 O O    . HOH D 4 .  ? 6.402   4.600   4.444   1.00 39.19  ? 205 HOH A O    1 
HETATM 685 O O    . HOH D 4 .  ? -2.999  -1.176  10.231  1.00 23.99  ? 206 HOH A O    1 
HETATM 686 O O    . HOH D 4 .  ? -3.560  9.683   -0.662  1.00 39.69  ? 207 HOH A O    1 
HETATM 687 O O    . HOH D 4 .  ? 2.475   16.063  1.621   0.25 31.82  ? 208 HOH A O    1 
HETATM 688 O O    . HOH D 4 .  ? -4.758  -8.281  5.044   1.00 43.29  ? 209 HOH A O    1 
HETATM 689 O O    . HOH D 4 .  ? 8.983   2.254   5.281   1.00 42.27  ? 210 HOH A O    1 
HETATM 690 O O    . HOH D 4 .  ? -8.081  -0.079  7.210   1.00 41.38  ? 211 HOH A O    1 
HETATM 691 O O    . HOH D 4 .  ? 3.343   10.138  3.572   1.00 39.09  ? 212 HOH A O    1 
HETATM 692 O O    . HOH D 4 .  ? -2.461  -7.818  5.187   1.00 45.49  ? 213 HOH A O    1 
HETATM 693 O O    . HOH D 4 .  ? 3.827   -1.714  10.132  1.00 35.27  ? 214 HOH A O    1 
HETATM 694 O O    . HOH D 4 .  ? 7.614   12.199  -1.232  1.00 45.50  ? 215 HOH A O    1 
HETATM 695 O O    . HOH D 4 .  ? 3.780   3.539   12.969  1.00 38.02  ? 216 HOH A O    1 
HETATM 696 O O    . HOH D 4 .  ? -0.525  -8.481  6.623   1.00 52.31  ? 217 HOH A O    1 
HETATM 697 O O    . HOH D 4 .  ? -8.177  -5.274  7.980   1.00 49.00  ? 218 HOH A O    1 
HETATM 698 O O    . HOH D 4 .  ? -3.000  -3.940  10.553  1.00 40.53  ? 219 HOH A O    1 
HETATM 699 O O    . HOH D 4 .  ? 3.300   3.125   14.574  1.00 24.22  ? 220 HOH A O    1 
HETATM 700 O O    . HOH D 4 .  ? 10.912  4.241   11.313  1.00 46.99  ? 221 HOH A O    1 
HETATM 701 O O    . HOH E 4 .  ? 4.085   -6.474  3.180   1.00 39.40  ? 101 HOH B O    1 
HETATM 702 O O    . HOH E 4 .  ? 0.122   -6.552  8.453   1.00 36.94  ? 102 HOH B O    1 
HETATM 703 O O    . HOH E 4 .  ? -8.390  -2.485  5.811   1.00 34.08  ? 103 HOH B O    1 
HETATM 704 O O    . HOH E 4 .  ? -10.163 -8.141  -0.531  1.00 48.27  ? 104 HOH B O    1 
HETATM 705 O O    . HOH E 4 .  ? -16.957 2.128   -1.827  1.00 36.56  ? 105 HOH B O    1 
HETATM 706 O O    . HOH E 4 .  ? 3.824   -9.374  9.746   1.00 38.20  ? 106 HOH B O    1 
HETATM 707 O O    . HOH E 4 .  ? 3.679   -4.510  9.320   1.00 26.19  ? 107 HOH B O    1 
HETATM 708 O O    . HOH E 4 .  ? 0.119   2.219   -13.477 1.00 30.56  ? 108 HOH B O    1 
HETATM 709 O O    . HOH E 4 .  ? -0.593  -6.081  -0.740  1.00 36.59  ? 109 HOH B O    1 
HETATM 710 O O    . HOH E 4 .  ? -12.115 -6.129  -3.641  1.00 39.20  ? 110 HOH B O    1 
HETATM 711 O O    . HOH E 4 .  ? 9.091   -3.647  -3.480  1.00 28.98  ? 111 HOH B O    1 
HETATM 712 O O    . HOH E 4 .  ? 13.526  -1.285  -0.658  0.33 37.87  ? 112 HOH B O    1 
HETATM 713 O O    . HOH E 4 .  ? 14.011  0.627   0.235   0.33 28.63  ? 113 HOH B O    1 
HETATM 714 O O    . HOH E 4 .  ? -10.383 2.796   -6.163  1.00 49.81  ? 114 HOH B O    1 
# 
loop_
_atom_site_anisotrop.id 
_atom_site_anisotrop.type_symbol 
_atom_site_anisotrop.pdbx_label_atom_id 
_atom_site_anisotrop.pdbx_label_alt_id 
_atom_site_anisotrop.pdbx_label_comp_id 
_atom_site_anisotrop.pdbx_label_asym_id 
_atom_site_anisotrop.pdbx_label_seq_id 
_atom_site_anisotrop.pdbx_PDB_ins_code 
_atom_site_anisotrop.U[1][1] 
_atom_site_anisotrop.U[2][2] 
_atom_site_anisotrop.U[3][3] 
_atom_site_anisotrop.U[1][2] 
_atom_site_anisotrop.U[1][3] 
_atom_site_anisotrop.U[2][3] 
_atom_site_anisotrop.pdbx_auth_seq_id 
_atom_site_anisotrop.pdbx_auth_comp_id 
_atom_site_anisotrop.pdbx_auth_asym_id 
_atom_site_anisotrop.pdbx_auth_atom_id 
1   N N    . GLY A 1  ? 0.3562 0.3052 0.3553 0.0106  0.0165  0.0029  1   GLY A N    
2   C CA   . GLY A 1  ? 0.2923 0.2575 0.2942 0.0169  0.0122  0.0074  1   GLY A CA   
3   C C    . GLY A 1  ? 0.2761 0.2559 0.2772 0.0117  0.0081  0.0047  1   GLY A C    
4   O O    . GLY A 1  ? 0.2946 0.2744 0.2944 0.0050  0.0083  0.0012  1   GLY A O    
10  N N    . VAL A 2  ? 0.2681 0.2606 0.2712 0.0148  0.0045  0.0067  2   VAL A N    
11  C CA   . VAL A 2  ? 0.2782 0.2808 0.2813 0.0107  0.0019  0.0040  2   VAL A CA   
12  C C    . VAL A 2  ? 0.2580 0.2600 0.2574 0.0067  0.0026  0.0053  2   VAL A C    
13  O O    . VAL A 2  ? 0.2516 0.2578 0.2529 0.0032  0.0030  0.0023  2   VAL A O    
14  C CB   . VAL A 2  ? 0.3157 0.3299 0.3218 0.0131  -0.0015 0.0049  2   VAL A CB   
15  C CG1  . VAL A 2  ? 0.2628 0.2813 0.2652 0.0155  -0.0039 0.0106  2   VAL A CG1  
16  C CG2  . VAL A 2  ? 0.3439 0.3639 0.3513 0.0088  -0.0025 0.0012  2   VAL A CG2  
26  N N    . VAL A 3  ? 0.3359 0.3331 0.3308 0.0075  0.0038  0.0106  3   VAL A N    
27  C CA   . VAL A 3  ? 0.2869 0.2859 0.2774 0.0035  0.0055  0.0119  3   VAL A CA   
28  C C    . VAL A 3  ? 0.3415 0.3354 0.3353 -0.0016 0.0086  0.0100  3   VAL A C    
29  O O    . VAL A 3  ? 0.2790 0.2794 0.2751 -0.0049 0.0102  0.0082  3   VAL A O    
30  C CB   . VAL A 3  ? 0.3715 0.3695 0.3551 0.0052  0.0058  0.0201  3   VAL A CB   
31  C CG1  . VAL A 3  ? 0.3029 0.3030 0.2812 0.0003  0.0095  0.0216  3   VAL A CG1  
32  C CG2  . VAL A 3  ? 0.2853 0.2946 0.2655 0.0087  0.0011  0.0221  3   VAL A CG2  
42  N N    . CGU A 4  ? 0.2774 0.2610 0.2726 -0.0025 0.0098  0.0099  4   CGU A N    
43  C CA   . CGU A 4  ? 0.2795 0.2607 0.2775 -0.0100 0.0116  0.0071  4   CGU A CA   
44  C C    . CGU A 4  ? 0.2666 0.2602 0.2701 -0.0123 0.0092  0.0022  4   CGU A C    
45  O O    . CGU A 4  ? 0.2637 0.2654 0.2719 -0.0173 0.0096  0.0023  4   CGU A O    
46  C CB   . CGU A 4  ? 0.2931 0.2586 0.2901 -0.0121 0.0139  0.0052  4   CGU A CB   
47  C CG   . CGU A 4  ? 0.3710 0.3214 0.3652 -0.0105 0.0175  0.0124  4   CGU A CG   
48  C CD1  . CGU A 4  ? 0.3366 0.2873 0.3290 -0.0007 0.0163  0.0192  4   CGU A CD1  
49  C CD2  . CGU A 4  ? 0.6379 0.5682 0.6322 -0.0132 0.0215  0.0087  4   CGU A CD2  
50  O OE11 . CGU A 4  ? 0.3039 0.2608 0.2983 0.0055  0.0138  0.0166  4   CGU A OE11 
51  O OE12 . CGU A 4  ? 0.3835 0.3298 0.3732 0.0006  0.0179  0.0283  4   CGU A OE12 
52  O OE21 . CGU A 4  ? 0.7181 0.6450 0.7124 -0.0119 0.0217  0.0009  4   CGU A OE21 
53  O OE22 . CGU A 4  ? 1.1121 1.0278 1.1058 -0.0168 0.0256  0.0137  4   CGU A OE22 
58  N N    . HIS A 5  ? 0.2662 0.2625 0.2701 -0.0081 0.0069  -0.0004 5   HIS A N    
59  C CA   . HIS A 5  ? 0.2567 0.2632 0.2649 -0.0098 0.0047  -0.0028 5   HIS A CA   
60  C C    . HIS A 5  ? 0.2417 0.2577 0.2553 -0.0071 0.0040  -0.0009 5   HIS A C    
61  O O    . HIS A 5  ? 0.2820 0.3068 0.3018 -0.0083 0.0029  0.0001  5   HIS A O    
62  C CB   . HIS A 5  ? 0.2518 0.2564 0.2577 -0.0070 0.0037  -0.0058 5   HIS A CB   
63  C CG   . HIS A 5  ? 0.5957 0.6096 0.6027 -0.0107 0.0019  -0.0077 5   HIS A CG   
64  N ND1  . HIS A 5  ? 0.5394 0.5533 0.5429 -0.0176 0.0017  -0.0115 5   HIS A ND1  
65  C CD2  . HIS A 5  ? 0.5634 0.5877 0.5742 -0.0091 -0.0001 -0.0057 5   HIS A CD2  
66  C CE1  . HIS A 5  ? 0.6289 0.6554 0.6328 -0.0198 -0.0009 -0.0111 5   HIS A CE1  
67  N NE2  . HIS A 5  ? 0.6533 0.6856 0.6623 -0.0142 -0.0017 -0.0067 5   HIS A NE2  
75  N N    . CYS A 6  ? 0.2433 0.2573 0.2545 -0.0039 0.0050  -0.0003 6   CYS A N    
76  C CA   . CYS A 6  ? 0.2390 0.2579 0.2539 -0.0019 0.0057  -0.0011 6   CYS A CA   
77  C C    . CYS A 6  ? 0.2628 0.2819 0.2752 -0.0020 0.0094  -0.0015 6   CYS A C    
78  O O    . CYS A 6  ? 0.2481 0.2693 0.2645 -0.0006 0.0120  -0.0038 6   CYS A O    
79  C CB   . CYS A 6  ? 0.2565 0.2747 0.2693 0.0004  0.0034  -0.0027 6   CYS A CB   
80  S SG   . CYS A 6  ? 0.3165 0.3378 0.3335 0.0009  0.0010  -0.0024 6   CYS A SG   
85  N N    . CYS A 7  ? 0.2594 0.2753 0.2651 -0.0033 0.0106  0.0007  7   CYS A N    
86  C CA   . CYS A 7  ? 0.2687 0.2870 0.2703 -0.0042 0.0151  0.0010  7   CYS A CA   
87  C C    . CYS A 7  ? 0.2922 0.3131 0.2982 -0.0077 0.0186  0.0043  7   CYS A C    
88  O O    . CYS A 7  ? 0.3782 0.4059 0.3892 -0.0076 0.0233  0.0036  7   CYS A O    
89  C CB   . CYS A 7  ? 0.2694 0.2857 0.2589 -0.0038 0.0140  0.0030  7   CYS A CB   
90  S SG   . CYS A 7  ? 0.3491 0.3700 0.3293 -0.0062 0.0202  0.0044  7   CYS A SG   
95  N N    . HIS A 8  ? 0.3536 0.3695 0.3593 -0.0110 0.0170  0.0075  8   HIS A N    
96  C CA   . HIS A 8  ? 0.3066 0.3264 0.3179 -0.0167 0.0198  0.0102  8   HIS A CA   
97  C C    . HIS A 8  ? 0.3625 0.3933 0.3861 -0.0183 0.0185  0.0091  8   HIS A C    
98  O O    . HIS A 8  ? 0.4078 0.4498 0.4402 -0.0212 0.0214  0.0115  8   HIS A O    
99  C CB   . HIS A 8  ? 0.3489 0.3571 0.3562 -0.0214 0.0193  0.0129  8   HIS A CB   
100 C CG   . HIS A 8  ? 0.4242 0.4231 0.4216 -0.0190 0.0208  0.0177  8   HIS A CG   
101 N ND1  . HIS A 8  ? 0.4506 0.4346 0.4442 -0.0184 0.0199  0.0204  8   HIS A ND1  
102 C CD2  . HIS A 8  ? 0.3471 0.3504 0.3374 -0.0169 0.0233  0.0212  8   HIS A CD2  
103 C CE1  . HIS A 8  ? 0.4377 0.4188 0.4239 -0.0151 0.0209  0.0273  8   HIS A CE1  
104 N NE2  . HIS A 8  ? 0.4959 0.4894 0.4785 -0.0150 0.0226  0.0277  8   HIS A NE2  
112 N N    . ARG A 9  ? 0.3891 0.4194 0.4140 -0.0167 0.0140  0.0067  9   ARG A N    
113 C CA   . ARG A 9  ? 0.2860 0.3280 0.3212 -0.0162 0.0114  0.0074  9   ARG A CA   
114 C C    . ARG A 9  ? 0.2854 0.3258 0.3214 -0.0092 0.0115  0.0060  9   ARG A C    
115 O O    . ARG A 9  ? 0.2667 0.2974 0.2940 -0.0072 0.0105  0.0033  9   ARG A O    
116 C CB   . ARG A 9  ? 0.5146 0.5565 0.5475 -0.0210 0.0064  0.0058  9   ARG A CB   
117 C CG   . ARG A 9  ? 1.0995 1.1505 1.1368 -0.0302 0.0049  0.0067  9   ARG A CG   
118 C CD   . ARG A 9  ? 1.4684 1.5310 1.5077 -0.0336 -0.0007 0.0065  9   ARG A CD   
119 N NE   . ARG A 9  ? 1.7039 1.7847 1.7518 -0.0420 -0.0034 0.0096  9   ARG A NE   
120 C CZ   . ARG A 9  ? 1.9113 2.0031 1.9574 -0.0504 -0.0089 0.0081  9   ARG A CZ   
121 N NH1  . ARG A 9  ? 2.1199 2.2050 2.1544 -0.0510 -0.0112 0.0029  9   ARG A NH1  
122 N NH2  . ARG A 9  ? 1.8784 1.9905 1.9340 -0.0590 -0.0119 0.0116  9   ARG A NH2  
136 N N    . PRO A 10 ? 0.2344 0.2834 0.2815 -0.0055 0.0127  0.0084  10  PRO A N    
137 C CA   . PRO A 10 ? 0.2547 0.2988 0.3032 -0.0004 0.0130  0.0070  10  PRO A CA   
138 C C    . PRO A 10 ? 0.2328 0.2777 0.2799 -0.0014 0.0075  0.0084  10  PRO A C    
139 O O    . PRO A 10 ? 0.2557 0.3082 0.3034 -0.0053 0.0037  0.0109  10  PRO A O    
140 C CB   . PRO A 10 ? 0.2332 0.2848 0.2965 0.0044  0.0175  0.0106  10  PRO A CB   
141 C CG   . PRO A 10 ? 0.2565 0.3238 0.3286 0.0012  0.0154  0.0167  10  PRO A CG   
142 C CD   . PRO A 10 ? 0.2883 0.3525 0.3498 -0.0056 0.0145  0.0137  10  PRO A CD   
150 N N    . CYS A 11 ? 0.2294 0.2672 0.2737 0.0010  0.0072  0.0062  11  CYS A N    
151 C CA   . CYS A 11 ? 0.2268 0.2668 0.2704 0.0002  0.0033  0.0081  11  CYS A CA   
152 C C    . CYS A 11 ? 0.2276 0.2650 0.2781 0.0032  0.0047  0.0104  11  CYS A C    
153 O O    . CYS A 11 ? 0.2316 0.2611 0.2834 0.0050  0.0083  0.0067  11  CYS A O    
154 C CB   . CYS A 11 ? 0.2384 0.2728 0.2708 -0.0016 0.0013  0.0039  11  CYS A CB   
155 S SG   . CYS A 11 ? 0.2762 0.3031 0.3041 0.0005  0.0019  -0.0002 11  CYS A SG   
160 N N    . SER A 12 ? 0.2196 0.2641 0.2742 0.0029  0.0022  0.0164  12  SER A N    
161 C CA   . SER A 12 ? 0.2223 0.2635 0.2832 0.0046  0.0034  0.0202  12  SER A CA   
162 C C    . SER A 12 ? 0.2225 0.2570 0.2767 0.0023  0.0031  0.0145  12  SER A C    
163 O O    . SER A 12 ? 0.2201 0.2550 0.2650 0.0008  0.0012  0.0096  12  SER A O    
164 C CB   . SER A 12 ? 0.2223 0.2755 0.2871 0.0039  0.0004  0.0299  12  SER A CB   
165 O OG   . SER A 12 ? 0.2205 0.2789 0.2742 -0.0001 -0.0027 0.0272  12  SER A OG   
171 N N    . ASN A 13 ? 0.2273 0.2560 0.2876 0.0020  0.0052  0.0160  13  ASN A N    
172 C CA   . ASN A 13 ? 0.2279 0.2550 0.2847 -0.0014 0.0041  0.0126  13  ASN A CA   
173 C C    . ASN A 13 ? 0.2232 0.2612 0.2751 -0.0025 0.0013  0.0156  13  ASN A C    
174 O O    . ASN A 13 ? 0.2212 0.2617 0.2678 -0.0036 0.0002  0.0112  13  ASN A O    
175 C CB   . ASN A 13 ? 0.2361 0.2557 0.3021 -0.0033 0.0070  0.0150  13  ASN A CB   
176 C CG   . ASN A 13 ? 0.2453 0.2514 0.3142 -0.0032 0.0114  0.0085  13  ASN A CG   
177 O OD1  . ASN A 13 ? 0.2450 0.2492 0.3073 -0.0023 0.0119  0.0013  13  ASN A OD1  
178 N ND2  . ASN A 13 ? 0.2567 0.2518 0.3349 -0.0047 0.0154  0.0104  13  ASN A ND2  
185 N N    . ALA A 14 ? 0.2267 0.2730 0.2804 -0.0022 0.0005  0.0232  14  ALA A N    
186 C CA   . ALA A 14 ? 0.2261 0.2828 0.2733 -0.0041 -0.0008 0.0248  14  ALA A CA   
187 C C    . ALA A 14 ? 0.2242 0.2820 0.2611 -0.0039 -0.0018 0.0174  14  ALA A C    
188 O O    . ALA A 14 ? 0.2280 0.2885 0.2595 -0.0040 -0.0008 0.0137  14  ALA A O    
189 C CB   . ALA A 14 ? 0.2298 0.2969 0.2790 -0.0049 -0.0019 0.0351  14  ALA A CB   
195 N N    . GLU A 15 ? 0.2231 0.2776 0.2586 -0.0033 -0.0027 0.0152  15  GLU A N    
196 C CA   . GLU A 15 ? 0.2354 0.2864 0.2623 -0.0037 -0.0028 0.0083  15  GLU A CA   
197 C C    . GLU A 15 ? 0.2335 0.2764 0.2594 -0.0011 -0.0016 0.0035  15  GLU A C    
198 O O    . GLU A 15 ? 0.2263 0.2676 0.2472 0.0002  -0.0006 -0.0001 15  GLU A O    
199 C CB   . GLU A 15 ? 0.2813 0.3318 0.3089 -0.0050 -0.0037 0.0084  15  GLU A CB   
200 C CG   . GLU A 15 ? 0.6301 0.6925 0.6563 -0.0092 -0.0062 0.0118  15  GLU A CG   
201 C CD   . GLU A 15 ? 0.8391 0.9029 0.8533 -0.0132 -0.0062 0.0057  15  GLU A CD   
202 O OE1  . GLU A 15 ? 0.4523 0.5056 0.4608 -0.0137 -0.0043 -0.0017 15  GLU A OE1  
203 O OE2  . GLU A 15 ? 1.1385 1.2133 1.1490 -0.0158 -0.0074 0.0086  15  GLU A OE2  
210 N N    . PHE A 16 ? 0.2186 0.2573 0.2490 -0.0003 -0.0015 0.0036  16  PHE A N    
211 C CA   . PHE A 16 ? 0.2196 0.2551 0.2477 0.0011  -0.0018 0.0002  16  PHE A CA   
212 C C    . PHE A 16 ? 0.2193 0.2614 0.2490 0.0018  -0.0020 0.0005  16  PHE A C    
213 O O    . PHE A 16 ? 0.2210 0.2641 0.2489 0.0047  -0.0023 -0.0008 16  PHE A O    
214 C CB   . PHE A 16 ? 0.2213 0.2529 0.2523 -0.0003 -0.0015 -0.0014 16  PHE A CB   
215 C CG   . PHE A 16 ? 0.2243 0.2565 0.2509 -0.0004 -0.0031 -0.0044 16  PHE A CG   
216 C CD1  . PHE A 16 ? 0.2250 0.2637 0.2546 -0.0022 -0.0051 -0.0047 16  PHE A CD1  
217 C CD2  . PHE A 16 ? 0.2276 0.2564 0.2476 0.0007  -0.0030 -0.0057 16  PHE A CD2  
218 C CE1  . PHE A 16 ? 0.2289 0.2729 0.2549 -0.0028 -0.0081 -0.0061 16  PHE A CE1  
219 C CE2  . PHE A 16 ? 0.2322 0.2648 0.2474 0.0005  -0.0054 -0.0063 16  PHE A CE2  
220 C CZ   . PHE A 16 ? 0.2328 0.2739 0.2511 -0.0012 -0.0085 -0.0065 16  PHE A CZ   
230 N N    . LYS A 17 ? 0.2213 0.2690 0.2557 -0.0002 -0.0015 0.0036  17  LYS A N    
231 C CA   . LYS A 17 ? 0.2213 0.2782 0.2591 0.0000  -0.0008 0.0045  17  LYS A CA   
232 C C    . LYS A 17 ? 0.2238 0.2836 0.2570 0.0040  0.0016  0.0024  17  LYS A C    
233 O O    . LYS A 17 ? 0.2247 0.2925 0.2618 0.0065  0.0030  0.0026  17  LYS A O    
234 C CB   . LYS A 17 ? 0.2220 0.2845 0.2651 -0.0037 0.0005  0.0096  17  LYS A CB   
235 C CG   . LYS A 17 ? 0.2239 0.2824 0.2749 -0.0081 -0.0002 0.0108  17  LYS A CG   
236 C CD   . LYS A 17 ? 0.2275 0.2871 0.2844 -0.0113 0.0016  0.0178  17  LYS A CD   
237 C CE   . LYS A 17 ? 0.2610 0.3097 0.3255 -0.0156 0.0024  0.0176  17  LYS A CE   
238 N NZ   . LYS A 17 ? 0.3017 0.3475 0.3748 -0.0185 0.0052  0.0264  17  LYS A NZ   
252 N N    . LYS A 18 ? 0.2271 0.2814 0.2529 0.0042  0.0026  0.0002  18  LYS A N    
253 C CA   . LYS A 18 ? 0.2523 0.3043 0.2726 0.0074  0.0062  -0.0043 18  LYS A CA   
254 C C    . LYS A 18 ? 0.2368 0.2842 0.2598 0.0133  0.0069  -0.0051 18  LYS A C    
255 O O    . LYS A 18 ? 0.2443 0.2908 0.2673 0.0183  0.0114  -0.0075 18  LYS A O    
256 C CB   . LYS A 18 ? 0.2400 0.2844 0.2517 0.0042  0.0063  -0.0079 18  LYS A CB   
257 C CG   . LYS A 18 ? 0.2405 0.2938 0.2487 -0.0012 0.0051  -0.0057 18  LYS A CG   
258 C CD   . LYS A 18 ? 0.3735 0.4240 0.3741 -0.0062 0.0039  -0.0091 18  LYS A CD   
259 C CE   . LYS A 18 ? 0.4637 0.5283 0.4601 -0.0116 0.0018  -0.0054 18  LYS A CE   
260 N NZ   . LYS A 18 ? 0.7675 0.8336 0.7547 -0.0186 0.0003  -0.0104 18  LYS A NZ   
274 N N    . TYR A 19 ? 0.2959 0.3404 0.3210 0.0133  0.0032  -0.0029 19  TYR A N    
275 C CA   . TYR A 19 ? 0.2388 0.2812 0.2657 0.0187  0.0026  -0.0010 19  TYR A CA   
276 C C    . TYR A 19 ? 0.3672 0.4243 0.4029 0.0204  0.0000  0.0028  19  TYR A C    
277 O O    . TYR A 19 ? 0.3431 0.4034 0.3813 0.0246  -0.0021 0.0065  19  TYR A O    
278 C CB   . TYR A 19 ? 0.2393 0.2735 0.2612 0.0166  0.0000  -0.0002 19  TYR A CB   
279 C CG   . TYR A 19 ? 0.2843 0.3061 0.3001 0.0151  0.0025  -0.0028 19  TYR A CG   
280 C CD1  . TYR A 19 ? 0.2408 0.2622 0.2543 0.0094  0.0020  -0.0048 19  TYR A CD1  
281 C CD2  . TYR A 19 ? 0.2854 0.2965 0.2989 0.0189  0.0053  -0.0023 19  TYR A CD2  
282 C CE1  . TYR A 19 ? 0.3323 0.3454 0.3409 0.0063  0.0035  -0.0071 19  TYR A CE1  
283 C CE2  . TYR A 19 ? 0.3234 0.3225 0.3318 0.0153  0.0076  -0.0053 19  TYR A CE2  
284 C CZ   . TYR A 19 ? 0.2834 0.2849 0.2890 0.0083  0.0064  -0.0082 19  TYR A CZ   
285 O OH   . TYR A 19 ? 0.2852 0.2776 0.2866 0.0032  0.0081  -0.0111 19  TYR A OH   
295 N N    . CY3 A 20 ? 0.2489 0.3163 0.2897 0.0163  -0.0006 0.0030  20  CY3 A N    
296 C CA   . CY3 A 20 ? 0.2325 0.3159 0.2827 0.0158  -0.0032 0.0061  20  CY3 A CA   
297 C C    . CY3 A 20 ? 0.4508 0.5448 0.5092 0.0245  -0.0001 0.0094  20  CY3 A C    
298 O O    . CY3 A 20 ? 0.5373 0.6314 0.5967 0.0280  0.0058  0.0077  20  CY3 A O    
299 C CB   . CY3 A 20 ? 0.3756 0.4668 0.4311 0.0094  -0.0024 0.0065  20  CY3 A CB   
300 S SG   . CY3 A 20 ? 0.4615 0.5413 0.5128 0.0003  -0.0051 0.0044  20  CY3 A SG   
301 N N1   . CY3 A 20 ? 0.4906 0.5966 0.5561 0.0286  -0.0042 0.0148  20  CY3 A N1   
308 N N    . THR B 1  ? 0.9431 0.8732 1.1615 0.0567  0.0630  0.1016  -1  THR B N    
309 C CA   . THR B 1  ? 0.9200 0.8725 1.1282 0.0577  0.0576  0.0933  -1  THR B CA   
310 C C    . THR B 1  ? 0.7608 0.7367 0.9487 0.0475  0.0447  0.0921  -1  THR B C    
311 O O    . THR B 1  ? 0.7166 0.6856 0.8905 0.0374  0.0421  0.0834  -1  THR B O    
312 C CB   . THR B 1  ? 0.9982 0.9330 1.1980 0.0558  0.0654  0.0694  -1  THR B CB   
313 O OG1  . THR B 1  ? 1.2675 1.1892 1.4870 0.0684  0.0779  0.0708  -1  THR B OG1  
314 C CG2  . THR B 1  ? 0.8275 0.7833 1.0101 0.0516  0.0582  0.0593  -1  THR B CG2  
324 N N    . PHE B 2  ? 0.5378 0.5416 0.7249 0.0502  0.0373  0.1006  0   PHE B N    
325 C CA   . PHE B 2  ? 0.3637 0.3889 0.5325 0.0414  0.0263  0.0997  0   PHE B CA   
326 C C    . PHE B 2  ? 0.3285 0.3487 0.4784 0.0341  0.0251  0.0785  0   PHE B C    
327 O O    . PHE B 2  ? 0.3529 0.3635 0.5037 0.0366  0.0306  0.0673  0   PHE B O    
328 C CB   . PHE B 2  ? 0.2834 0.3386 0.4570 0.0448  0.0193  0.1128  0   PHE B CB   
329 C CG   . PHE B 2  ? 0.2726 0.3487 0.4289 0.0359  0.0092  0.1144  0   PHE B CG   
330 C CD1  . PHE B 2  ? 0.2599 0.3413 0.3985 0.0287  0.0050  0.0993  0   PHE B CD1  
331 C CD2  . PHE B 2  ? 0.2906 0.3806 0.4476 0.0346  0.0046  0.1310  0   PHE B CD2  
332 C CE1  . PHE B 2  ? 0.2807 0.3788 0.4032 0.0206  -0.0026 0.0989  0   PHE B CE1  
333 C CE2  . PHE B 2  ? 0.2716 0.3808 0.4108 0.0259  -0.0035 0.1306  0   PHE B CE2  
334 C CZ   . PHE B 2  ? 0.2704 0.3826 0.3922 0.0190  -0.0067 0.1135  0   PHE B CZ   
344 N N    . ASP B 3  ? 0.2698 0.2977 0.4030 0.0255  0.0183  0.0741  1   ASP B N    
345 C CA   . ASP B 3  ? 0.2607 0.2851 0.3772 0.0194  0.0166  0.0572  1   ASP B CA   
346 C C    . ASP B 3  ? 0.2717 0.3104 0.3838 0.0204  0.0134  0.0545  1   ASP B C    
347 O O    . ASP B 3  ? 0.2427 0.2970 0.3455 0.0164  0.0069  0.0560  1   ASP B O    
348 C CB   . ASP B 3  ? 0.3482 0.3771 0.4521 0.0119  0.0119  0.0553  1   ASP B CB   
349 C CG   . ASP B 3  ? 0.3824 0.4132 0.4709 0.0076  0.0089  0.0419  1   ASP B CG   
350 O OD1  . ASP B 3  ? 0.2952 0.3171 0.3815 0.0085  0.0117  0.0321  1   ASP B OD1  
351 O OD2  . ASP B 3  ? 0.2399 0.2812 0.3185 0.0038  0.0047  0.0415  1   ASP B OD2  
356 N N    . THR B 4  ? 0.2540 0.2871 0.3733 0.0254  0.0189  0.0504  2   THR B N    
357 C CA   . THR B 4  ? 0.2464 0.2950 0.3653 0.0260  0.0166  0.0505  2   THR B CA   
358 C C    . THR B 4  ? 0.2572 0.3008 0.3606 0.0209  0.0163  0.0364  2   THR B C    
359 O O    . THR B 4  ? 0.3127 0.3414 0.4083 0.0190  0.0193  0.0265  2   THR B O    
360 C CB   . THR B 4  ? 0.3361 0.3864 0.4732 0.0347  0.0234  0.0554  2   THR B CB   
361 O OG1  . THR B 4  ? 0.3663 0.3939 0.5054 0.0378  0.0327  0.0460  2   THR B OG1  
362 C CG2  . THR B 4  ? 0.3469 0.4114 0.5022 0.0409  0.0215  0.0743  2   THR B CG2  
370 N N    . HYP B 5  ? 0.2670 0.3240 0.3663 0.0181  0.0125  0.0364  3   HYP B N    
371 C CA   . HYP B 5  ? 0.3357 0.3871 0.4194 0.0131  0.0124  0.0248  3   HYP B CA   
372 C C    . HYP B 5  ? 0.4333 0.4730 0.5169 0.0160  0.0201  0.0170  3   HYP B C    
373 O O    . HYP B 5  ? 0.3755 0.4171 0.4717 0.0215  0.0263  0.0193  3   HYP B O    
374 C CB   . HYP B 5  ? 0.5375 0.6026 0.6219 0.0100  0.0093  0.0276  3   HYP B CB   
375 C CG   . HYP B 5  ? 0.3813 0.4621 0.4732 0.0097  0.0039  0.0384  3   HYP B CG   
376 C CD   . HYP B 5  ? 0.3275 0.4035 0.4343 0.0180  0.0087  0.0455  3   HYP B CD   
377 O OD1  . HYP B 5  ? 0.4154 0.4952 0.4961 0.0052  -0.0007 0.0370  3   HYP B OD1  
385 N N    . LYS B 6  ? 0.3383 0.3678 0.4075 0.0123  0.0199  0.0079  4   LYS B N    
386 C CA   . LYS B 6  ? 0.3045 0.3256 0.3683 0.0128  0.0261  -0.0007 4   LYS B CA   
387 C C    . LYS B 6  ? 0.2528 0.2753 0.3015 0.0083  0.0234  -0.0046 4   LYS B C    
388 O O    . LYS B 6  ? 0.3017 0.3247 0.3432 0.0053  0.0173  -0.0037 4   LYS B O    
389 C CB   . LYS B 6  ? 0.4545 0.4620 0.5151 0.0119  0.0284  -0.0075 4   LYS B CB   
390 C CG   . LYS B 6  ? 0.8007 0.8012 0.8766 0.0165  0.0330  -0.0038 4   LYS B CG   
391 C CD   . LYS B 6  ? 1.1808 1.1669 1.2526 0.0123  0.0343  -0.0113 4   LYS B CD   
392 C CE   . LYS B 6  ? 1.3623 1.3355 1.4496 0.0166  0.0411  -0.0084 4   LYS B CE   
393 N NZ   . LYS B 6  ? 1.3194 1.2769 1.4022 0.0100  0.0429  -0.0174 4   LYS B NZ   
407 N N    . HIS B 7  ? 0.2537 0.2763 0.2979 0.0083  0.0287  -0.0084 5   HIS B N    
408 C CA   . HIS B 7  ? 0.2555 0.2784 0.2852 0.0044  0.0268  -0.0103 5   HIS B CA   
409 C C    . HIS B 7  ? 0.2710 0.2875 0.2889 0.0021  0.0248  -0.0164 5   HIS B C    
410 O O    . HIS B 7  ? 0.4029 0.4140 0.4198 0.0022  0.0292  -0.0234 5   HIS B O    
411 C CB   . HIS B 7  ? 0.2625 0.2899 0.2903 0.0044  0.0336  -0.0110 5   HIS B CB   
412 C CG   . HIS B 7  ? 0.2606 0.2984 0.3014 0.0050  0.0350  -0.0043 5   HIS B CG   
413 N ND1  . HIS B 7  ? 0.3311 0.3735 0.3697 0.0003  0.0311  0.0007  5   HIS B ND1  
414 C CD2  . HIS B 7  ? 0.2885 0.3340 0.3456 0.0095  0.0399  -0.0013 5   HIS B CD2  
415 C CE1  . HIS B 7  ? 0.2496 0.3039 0.3019 0.0002  0.0325  0.0057  5   HIS B CE1  
416 N NE2  . HIS B 7  ? 0.3228 0.3810 0.3874 0.0065  0.0377  0.0056  5   HIS B NE2  
424 N N    . ARG B 8  ? 0.2565 0.2738 0.2664 0.0000  0.0184  -0.0142 6   ARG B N    
425 C CA   . ARG B 8  ? 0.3050 0.3215 0.3053 -0.0025 0.0150  -0.0181 6   ARG B CA   
426 C C    . ARG B 8  ? 0.2662 0.2864 0.2552 -0.0035 0.0126  -0.0143 6   ARG B C    
427 O O    . ARG B 8  ? 0.2976 0.3177 0.2880 -0.0021 0.0092  -0.0082 6   ARG B O    
428 C CB   . ARG B 8  ? 0.2546 0.2712 0.2602 -0.0025 0.0096  -0.0166 6   ARG B CB   
429 C CG   . ARG B 8  ? 0.3293 0.3429 0.3473 -0.0010 0.0115  -0.0158 6   ARG B CG   
430 C CD   . ARG B 8  ? 0.4058 0.4224 0.4283 -0.0009 0.0066  -0.0116 6   ARG B CD   
431 N NE   . ARG B 8  ? 0.3807 0.3968 0.4142 0.0007  0.0081  -0.0077 6   ARG B NE   
432 C CZ   . ARG B 8  ? 0.2421 0.2540 0.2825 0.0000  0.0096  -0.0080 6   ARG B CZ   
433 N NH1  . ARG B 8  ? 0.3522 0.3596 0.3894 -0.0039 0.0097  -0.0141 6   ARG B NH1  
434 N NH2  . ARG B 8  ? 0.2962 0.3093 0.3470 0.0023  0.0108  -0.0015 6   ARG B NH2  
448 N N    . CYS B 9  ? 0.2796 0.3024 0.2573 -0.0059 0.0153  -0.0176 7   CYS B N    
449 C CA   . CYS B 9  ? 0.3112 0.3384 0.2780 -0.0067 0.0142  -0.0115 7   CYS B CA   
450 C C    . CYS B 9  ? 0.3684 0.4030 0.3217 -0.0100 0.0102  -0.0134 7   CYS B C    
451 O O    . CYS B 9  ? 0.3057 0.3416 0.2544 -0.0138 0.0112  -0.0229 7   CYS B O    
452 C CB   . CYS B 9  ? 0.3270 0.3551 0.2910 -0.0074 0.0218  -0.0108 7   CYS B CB   
453 S SG   . CYS B 9  ? 0.4033 0.4288 0.3840 -0.0053 0.0255  -0.0070 7   CYS B SG   
458 N N    . GLY B 10 ? 0.2995 0.3395 0.2464 -0.0090 0.0060  -0.0040 8   GLY B N    
459 C CA   . GLY B 10 ? 0.3120 0.3639 0.2458 -0.0123 0.0008  -0.0030 8   GLY B CA   
460 C C    . GLY B 10 ? 0.3557 0.4124 0.2935 -0.0147 -0.0049 -0.0093 8   GLY B C    
461 O O    . GLY B 10 ? 0.2964 0.3512 0.2469 -0.0110 -0.0083 -0.0059 8   GLY B O    
465 N N    . SER B 11 ? 0.3256 0.3878 0.2527 -0.0221 -0.0047 -0.0197 9   SER B N    
466 C CA   . SER B 11 ? 0.3658 0.4353 0.2945 -0.0277 -0.0108 -0.0260 9   SER B CA   
467 C C    . SER B 11 ? 0.4248 0.4810 0.3677 -0.0277 -0.0072 -0.0339 9   SER B C    
468 O O    . SER B 11 ? 0.3905 0.4509 0.3412 -0.0306 -0.0120 -0.0353 9   SER B O    
469 C CB   . SER B 11 ? 0.4675 0.5465 0.3772 -0.0376 -0.0114 -0.0359 9   SER B CB   
470 O OG   . SER B 11 ? 0.4707 0.5365 0.3750 -0.0399 -0.0006 -0.0483 9   SER B OG   
476 N N    . CGU B 12 ? 0.3676 0.4097 0.3154 -0.0244 0.0014  -0.0376 10  CGU B N    
477 C CA   . CGU B 12 ? 0.3573 0.3873 0.3212 -0.0221 0.0049  -0.0403 10  CGU B CA   
478 C C    . CGU B 12 ? 0.3697 0.4026 0.3454 -0.0177 -0.0007 -0.0309 10  CGU B C    
479 O O    . CGU B 12 ? 0.3783 0.4061 0.3653 -0.0179 -0.0002 -0.0324 10  CGU B O    
480 C CB   . CGU B 12 ? 0.3405 0.3601 0.3105 -0.0168 0.0135  -0.0404 10  CGU B CB   
481 C CG   . CGU B 12 ? 0.6183 0.6352 0.5778 -0.0193 0.0217  -0.0496 10  CGU B CG   
482 C CD1  . CGU B 12 ? 0.5546 0.5658 0.5237 -0.0129 0.0305  -0.0476 10  CGU B CD1  
483 C CD2  . CGU B 12 ? 0.7851 0.7949 0.7403 -0.0263 0.0246  -0.0638 10  CGU B CD2  
484 O OE11 . CGU B 12 ? 0.4197 0.4247 0.3877 -0.0127 0.0401  -0.0565 10  CGU B OE11 
485 O OE12 . CGU B 12 ? 0.3648 0.3786 0.3431 -0.0082 0.0284  -0.0372 10  CGU B OE12 
486 O OE21 . CGU B 12 ? 0.7785 0.7788 0.7461 -0.0266 0.0249  -0.0660 10  CGU B OE21 
487 O OE22 . CGU B 12 ? 0.9211 0.9347 0.8590 -0.0328 0.0265  -0.0730 10  CGU B OE22 
492 N N    . ILE B 13 ? 0.3153 0.3547 0.2895 -0.0133 -0.0045 -0.0215 11  ILE B N    
493 C CA   . ILE B 13 ? 0.2672 0.3087 0.2518 -0.0089 -0.0080 -0.0144 11  ILE B CA   
494 C C    . ILE B 13 ? 0.2687 0.3220 0.2559 -0.0124 -0.0141 -0.0150 11  ILE B C    
495 O O    . ILE B 13 ? 0.2643 0.3181 0.2617 -0.0122 -0.0148 -0.0146 11  ILE B O    
496 C CB   . ILE B 13 ? 0.3644 0.4060 0.3475 -0.0031 -0.0088 -0.0051 11  ILE B CB   
497 C CG1  . ILE B 13 ? 0.3792 0.4103 0.3632 -0.0015 -0.0030 -0.0049 11  ILE B CG1  
498 C CG2  . ILE B 13 ? 0.2811 0.3255 0.2735 0.0018  -0.0117 0.0003  11  ILE B CG2  
499 C CD1  . ILE B 13 ? 0.4355 0.4634 0.4161 0.0015  -0.0024 0.0030  11  ILE B CD1  
511 N N    . THR B 14 ? 0.2858 0.3511 0.2632 -0.0166 -0.0186 -0.0153 12  THR B N    
512 C CA   . THR B 14 ? 0.3319 0.4120 0.3125 -0.0223 -0.0250 -0.0167 12  THR B CA   
513 C C    . THR B 14 ? 0.3929 0.4650 0.3788 -0.0297 -0.0223 -0.0269 12  THR B C    
514 O O    . THR B 14 ? 0.2793 0.3570 0.2770 -0.0313 -0.0246 -0.0254 12  THR B O    
515 C CB   . THR B 14 ? 0.4037 0.4998 0.3703 -0.0280 -0.0307 -0.0167 12  THR B CB   
516 O OG1  . THR B 14 ? 0.3926 0.4951 0.3564 -0.0200 -0.0328 -0.0040 12  THR B OG1  
517 C CG2  . THR B 14 ? 0.3040 0.4206 0.2746 -0.0361 -0.0388 -0.0180 12  THR B CG2  
525 N N    . ASN B 15 ? 0.2975 0.3565 0.2763 -0.0339 -0.0163 -0.0368 13  ASN B N    
526 C CA   . ASN B 15 ? 0.3103 0.3571 0.2953 -0.0402 -0.0121 -0.0460 13  ASN B CA   
527 C C    . ASN B 15 ? 0.2922 0.3317 0.2930 -0.0344 -0.0098 -0.0396 13  ASN B C    
528 O O    . ASN B 15 ? 0.2890 0.3266 0.2991 -0.0394 -0.0099 -0.0412 13  ASN B O    
529 C CB   . ASN B 15 ? 0.3530 0.3832 0.3306 -0.0416 -0.0034 -0.0563 13  ASN B CB   
530 C CG   . ASN B 15 ? 0.5507 0.5873 0.5096 -0.0497 -0.0042 -0.0659 13  ASN B CG   
531 O OD1  . ASN B 15 ? 0.4990 0.5531 0.4511 -0.0567 -0.0124 -0.0657 13  ASN B OD1  
532 N ND2  . ASN B 15 ? 0.6141 0.6393 0.5646 -0.0486 0.0046  -0.0736 13  ASN B ND2  
539 N N    . SER B 16 ? 0.2739 0.3097 0.2774 -0.0253 -0.0076 -0.0325 14  SER B N    
540 C CA   . SER B 16 ? 0.2621 0.2938 0.2777 -0.0208 -0.0059 -0.0265 14  SER B CA   
541 C C    . SER B 16 ? 0.2546 0.2996 0.2769 -0.0206 -0.0108 -0.0207 14  SER B C    
542 O O    . SER B 16 ? 0.2534 0.2980 0.2850 -0.0226 -0.0098 -0.0189 14  SER B O    
543 C CB   . SER B 16 ? 0.3036 0.3306 0.3188 -0.0132 -0.0030 -0.0215 14  SER B CB   
544 O OG   . SER B 16 ? 0.2933 0.3091 0.3097 -0.0128 0.0031  -0.0254 14  SER B OG   
550 N N    . TYR B 17 ? 0.2520 0.3092 0.2706 -0.0177 -0.0153 -0.0165 15  TYR B N    
551 C CA   . TYR B 17 ? 0.2471 0.3196 0.2742 -0.0168 -0.0191 -0.0113 15  TYR B CA   
552 C C    . TYR B 17 ? 0.2530 0.3327 0.2858 -0.0268 -0.0214 -0.0154 15  TYR B C    
553 O O    . TYR B 17 ? 0.2481 0.3343 0.2918 -0.0277 -0.0210 -0.0121 15  TYR B O    
554 C CB   . TYR B 17 ? 0.2485 0.3347 0.2727 -0.0121 -0.0239 -0.0055 15  TYR B CB   
555 C CG   . TYR B 17 ? 0.2446 0.3245 0.2673 -0.0021 -0.0214 0.0005  15  TYR B CG   
556 C CD1  . TYR B 17 ? 0.4413 0.5182 0.4712 0.0039  -0.0178 0.0033  15  TYR B CD1  
557 C CD2  . TYR B 17 ? 0.5795 0.6571 0.5927 0.0005  -0.0223 0.0032  15  TYR B CD2  
558 C CE1  . TYR B 17 ? 0.7643 0.8330 0.7921 0.0114  -0.0149 0.0069  15  TYR B CE1  
559 C CE2  . TYR B 17 ? 0.6415 0.7109 0.6541 0.0084  -0.0195 0.0088  15  TYR B CE2  
560 C CZ   . TYR B 17 ? 0.7425 0.8062 0.7623 0.0136  -0.0157 0.0097  15  TYR B CZ   
561 O OH   . TYR B 17 ? 0.6706 0.7233 0.6887 0.0198  -0.0122 0.0134  15  TYR B OH   
571 N N    . MET B 18 ? 0.2667 0.3460 0.2917 -0.0353 -0.0234 -0.0231 16  MET B N    
572 C CA   . MET B 18 ? 0.3172 0.4030 0.3471 -0.0475 -0.0259 -0.0287 16  MET B CA   
573 C C    . MET B 18 ? 0.3016 0.3706 0.3401 -0.0509 -0.0196 -0.0311 16  MET B C    
574 O O    . MET B 18 ? 0.4199 0.4953 0.4689 -0.0577 -0.0204 -0.0298 16  MET B O    
575 C CB   . MET B 18 ? 0.3581 0.4445 0.3749 -0.0576 -0.0283 -0.0392 16  MET B CB   
576 C CG   . MET B 18 ? 0.4979 0.6054 0.5051 -0.0567 -0.0359 -0.0354 16  MET B CG   
577 S SD   . MET B 18 ? 0.8107 0.9519 0.8307 -0.0606 -0.0458 -0.0271 16  MET B SD   
578 C CE   . MET B 18 ? 0.4793 0.6248 0.5077 -0.0415 -0.0445 -0.0117 16  MET B CE   
588 N N    . ASP B 19 ? 0.3505 0.3991 0.3862 -0.0462 -0.0131 -0.0331 17  ASP B N    
589 C CA   . ASP B 19 ? 0.4073 0.4400 0.4524 -0.0480 -0.0071 -0.0327 17  ASP B CA   
590 C C    . ASP B 19 ? 0.3550 0.3927 0.4096 -0.0415 -0.0062 -0.0213 17  ASP B C    
591 O O    . ASP B 19 ? 0.3330 0.3665 0.3974 -0.0454 -0.0035 -0.0179 17  ASP B O    
592 C CB   . ASP B 19 ? 0.5099 0.5215 0.5514 -0.0443 0.0000  -0.0373 17  ASP B CB   
593 C CG   . ASP B 19 ? 0.9862 0.9911 1.0162 -0.0509 0.0014  -0.0505 17  ASP B CG   
594 O OD1  . ASP B 19 ? 1.1185 1.1318 1.1444 -0.0619 -0.0030 -0.0572 17  ASP B OD1  
595 O OD2  . ASP B 19 ? 0.9141 0.9071 0.9387 -0.0460 0.0071  -0.0544 17  ASP B OD2  
600 N N    . LEU B 20 ? 0.2547 0.3001 0.3061 -0.0322 -0.0076 -0.0156 18  LEU B N    
601 C CA   . LEU B 20 ? 0.2451 0.2929 0.3019 -0.0264 -0.0056 -0.0072 18  LEU B CA   
602 C C    . LEU B 20 ? 0.2417 0.3075 0.3022 -0.0243 -0.0079 -0.0024 18  LEU B C    
603 O O    . LEU B 20 ? 0.2641 0.3339 0.3292 -0.0224 -0.0053 0.0034  18  LEU B O    
604 C CB   . LEU B 20 ? 0.2559 0.2968 0.3066 -0.0183 -0.0039 -0.0055 18  LEU B CB   
605 C CG   . LEU B 20 ? 0.2466 0.2719 0.2968 -0.0185 -0.0001 -0.0089 18  LEU B CG   
606 C CD1  . LEU B 20 ? 0.2872 0.3105 0.3331 -0.0116 0.0010  -0.0067 18  LEU B CD1  
607 C CD2  . LEU B 20 ? 0.3302 0.3466 0.3908 -0.0211 0.0039  -0.0050 18  LEU B CD2  
619 N N    . CYS B 21 ? 0.2877 0.3658 0.3464 -0.0237 -0.0121 -0.0039 19  CYS B N    
620 C CA   . CYS B 21 ? 0.2405 0.3358 0.3052 -0.0190 -0.0129 0.0013  19  CYS B CA   
621 C C    . CYS B 21 ? 0.3116 0.4249 0.3864 -0.0264 -0.0159 0.0023  19  CYS B C    
622 O O    . CYS B 21 ? 0.2792 0.4066 0.3634 -0.0248 -0.0141 0.0072  19  CYS B O    
623 C CB   . CYS B 21 ? 0.2678 0.3660 0.3268 -0.0104 -0.0147 0.0024  19  CYS B CB   
624 S SG   . CYS B 21 ? 0.3832 0.4618 0.4313 -0.0036 -0.0110 0.0012  19  CYS B SG   
629 N N    . TYR B 22 ? 0.3287 0.4429 0.4018 -0.0355 -0.0202 -0.0030 20  TYR B N    
630 C CA   . TYR B 22 ? 0.3852 0.5204 0.4679 -0.0444 -0.0249 -0.0027 20  TYR B CA   
631 C C    . TYR B 22 ? 0.5379 0.6663 0.6275 -0.0569 -0.0224 -0.0054 20  TYR B C    
632 O O    . TYR B 22 ? 0.6833 0.7891 0.7672 -0.0613 -0.0192 -0.0111 20  TYR B O    
633 C CB   . TYR B 22 ? 0.3013 0.4455 0.3765 -0.0491 -0.0321 -0.0072 20  TYR B CB   
634 C CG   . TYR B 22 ? 0.6289 0.7910 0.7048 -0.0383 -0.0361 0.0002  20  TYR B CG   
635 C CD1  . TYR B 22 ? 0.8098 0.9995 0.9004 -0.0361 -0.0391 0.0078  20  TYR B CD1  
636 C CD2  . TYR B 22 ? 0.6853 0.8369 0.7489 -0.0299 -0.0361 0.0007  20  TYR B CD2  
637 C CE1  . TYR B 22 ? 0.8222 1.0270 0.9160 -0.0245 -0.0418 0.0162  20  TYR B CE1  
638 C CE2  . TYR B 22 ? 0.8539 1.0191 0.9195 -0.0195 -0.0390 0.0090  20  TYR B CE2  
639 C CZ   . TYR B 22 ? 0.8506 1.0418 0.9317 -0.0162 -0.0417 0.0170  20  TYR B CZ   
640 O OH   . TYR B 22 ? 0.6834 0.8879 0.7697 -0.0039 -0.0436 0.0272  20  TYR B OH   
650 N N    . ARG B 23 ? 0.5252 0.6732 0.6287 -0.0618 -0.0227 -0.0003 21  ARG B N    
651 C CA   . ARG B 23 ? 0.6086 0.7541 0.7216 -0.0758 -0.0207 -0.0012 21  ARG B CA   
652 C C    . ARG B 23 ? 0.7696 0.9010 0.8767 -0.0897 -0.0231 -0.0124 21  ARG B C    
653 O O    . ARG B 23 ? 0.8538 0.9899 0.9514 -0.0913 -0.0288 -0.0192 21  ARG B O    
654 C CB   . ARG B 23 ? 0.6183 0.7954 0.7474 -0.0811 -0.0231 0.0049  21  ARG B CB   
655 C CG   . ARG B 23 ? 0.7353 0.9194 0.8751 -0.0781 -0.0161 0.0143  21  ARG B CG   
656 C CD   . ARG B 23 ? 0.9843 1.1884 1.1405 -0.0932 -0.0174 0.0166  21  ARG B CD   
657 N NE   . ARG B 23 ? 1.1956 1.4226 1.3657 -0.0898 -0.0122 0.0268  21  ARG B NE   
658 C CZ   . ARG B 23 ? 1.4155 1.6743 1.6029 -0.0975 -0.0145 0.0309  21  ARG B CZ   
659 N NH1  . ARG B 23 ? 1.5763 1.8492 1.7688 -0.1098 -0.0233 0.0256  21  ARG B NH1  
660 N NH2  . ARG B 23 ? 1.3071 1.5866 1.5068 -0.0932 -0.0078 0.0401  21  ARG B NH2  
661 O OXT  . ARG B 23 ? 0.7916 0.9067 0.9034 -0.1000 -0.0189 -0.0150 21  ARG B OXT  
675 S S    . SO4 C .  ? 0.3495 0.2575 0.3564 0.0295  0.0283  0.0206  101 SO4 A S    
676 O O1   . SO4 C .  ? 0.3363 0.2625 0.3483 0.0374  0.0251  0.0208  101 SO4 A O1   
677 O O2   . SO4 C .  ? 0.3350 0.2556 0.3363 0.0199  0.0233  0.0204  101 SO4 A O2   
678 O O3   . SO4 C .  ? 0.3677 0.2637 0.3784 0.0366  0.0311  0.0341  101 SO4 A O3   
679 O O4   . SO4 C .  ? 0.3617 0.2522 0.3665 0.0235  0.0343  0.0082  101 SO4 A O4   
680 O O    . HOH D .  ? 0.3580 0.3360 0.3523 0.0180  0.0068  0.0257  201 HOH A O    
681 O O    . HOH D .  ? 0.4458 0.4427 0.4568 -0.0345 0.0120  0.0015  202 HOH A O    
682 O O    . HOH D .  ? 0.5098 0.6107 0.5021 -0.0249 -0.0088 0.0101  203 HOH A O    
683 O O    . HOH D .  ? 0.3399 0.3925 0.4080 -0.0104 0.0044  0.0397  204 HOH A O    
684 O O    . HOH D .  ? 0.4721 0.5179 0.4991 -0.0166 -0.0023 0.0029  205 HOH A O    
685 O O    . HOH D .  ? 0.2661 0.3468 0.2984 -0.0079 0.0024  0.0239  206 HOH A O    
686 O O    . HOH D .  ? 0.4987 0.4978 0.5115 0.0311  0.0041  0.0169  207 HOH A O    
687 O O    . HOH D .  ? 0.4388 0.3803 0.3900 0.0170  0.0301  0.0081  208 HOH A O    
688 O O    . HOH D .  ? 0.5147 0.5288 0.6014 -0.0281 0.0101  0.0183  209 HOH A O    
689 O O    . HOH D .  ? 0.4875 0.5728 0.5459 -0.0137 -0.0053 0.0214  210 HOH A O    
690 O O    . HOH D .  ? 0.4751 0.5678 0.5293 -0.0009 0.0049  0.0107  211 HOH A O    
691 O O    . HOH D .  ? 0.5042 0.4807 0.5003 -0.0148 0.0099  -0.0143 212 HOH A O    
692 O O    . HOH D .  ? 0.5454 0.5534 0.6295 -0.0150 0.0116  0.0226  213 HOH A O    
693 O O    . HOH D .  ? 0.3994 0.4932 0.4477 -0.0066 -0.0106 0.0441  214 HOH A O    
694 O O    . HOH D .  ? 0.5873 0.5525 0.5890 -0.0338 0.0200  0.0105  215 HOH A O    
695 O O    . HOH D .  ? 0.4497 0.5589 0.4361 -0.0349 -0.0144 0.0059  216 HOH A O    
696 O O    . HOH D .  ? 0.6274 0.6363 0.7237 -0.0048 0.0143  0.0428  217 HOH A O    
697 O O    . HOH D .  ? 0.5663 0.6503 0.6453 -0.0262 0.0063  0.0295  218 HOH A O    
698 O O    . HOH D .  ? 0.4697 0.5492 0.5212 -0.0113 0.0031  0.0428  219 HOH A O    
699 O O    . HOH D .  ? 0.2724 0.4006 0.2472 -0.0391 -0.0153 0.0099  220 HOH A O    
700 O O    . HOH D .  ? 0.5280 0.6945 0.5626 -0.0565 -0.0347 0.0257  221 HOH A O    
701 O O    . HOH E .  ? 0.4664 0.4728 0.5579 0.0137  0.0206  0.0211  101 HOH B O    
702 O O    . HOH E .  ? 0.4261 0.4697 0.5079 -0.0021 0.0057  0.0521  102 HOH B O    
703 O O    . HOH E .  ? 0.3801 0.4682 0.4467 -0.0141 -0.0004 0.0125  103 HOH B O    
704 O O    . HOH E .  ? 0.5669 0.6266 0.6405 -0.0744 -0.0126 -0.0282 104 HOH B O    
705 O O    . HOH E .  ? 0.3333 0.5954 0.4605 0.0047  -0.0453 0.0439  105 HOH B O    
706 O O    . HOH E .  ? 0.4253 0.4727 0.5535 0.0182  0.0107  0.0977  106 HOH B O    
707 O O    . HOH E .  ? 0.2807 0.3575 0.3569 0.0036  -0.0038 0.0589  107 HOH B O    
708 O O    . HOH E .  ? 0.3980 0.4768 0.2862 -0.0298 0.0010  -0.0188 108 HOH B O    
709 O O    . HOH E .  ? 0.4511 0.4402 0.4987 -0.0132 0.0149  -0.0226 109 HOH B O    
710 O O    . HOH E .  ? 0.4368 0.5604 0.4920 -0.0824 -0.0363 -0.0349 110 HOH B O    
711 O O    . HOH E .  ? 0.3378 0.3564 0.4066 0.0208  0.0503  -0.0129 111 HOH B O    
712 O O    . HOH E .  ? 0.4552 0.5180 0.4655 0.0170  0.0080  0.0314  112 HOH B O    
713 O O    . HOH E .  ? 0.3364 0.4038 0.3475 0.0183  0.0085  0.0337  113 HOH B O    
714 O O    . HOH E .  ? 0.5720 0.7263 0.5941 -0.0048 -0.0465 0.0210  114 HOH B O    
# 
loop_
_pdbx_poly_seq_scheme.asym_id 
_pdbx_poly_seq_scheme.entity_id 
_pdbx_poly_seq_scheme.seq_id 
_pdbx_poly_seq_scheme.mon_id 
_pdbx_poly_seq_scheme.ndb_seq_num 
_pdbx_poly_seq_scheme.pdb_seq_num 
_pdbx_poly_seq_scheme.auth_seq_num 
_pdbx_poly_seq_scheme.pdb_mon_id 
_pdbx_poly_seq_scheme.auth_mon_id 
_pdbx_poly_seq_scheme.pdb_strand_id 
_pdbx_poly_seq_scheme.pdb_ins_code 
_pdbx_poly_seq_scheme.hetero 
A 1 1  GLY 1  1  1  GLY GLY A . n 
A 1 2  VAL 2  2  2  VAL VAL A . n 
A 1 3  VAL 3  3  3  VAL VAL A . n 
A 1 4  CGU 4  4  4  CGU CGU A . n 
A 1 5  HIS 5  5  5  HIS HIS A . n 
A 1 6  CYS 6  6  6  CYS CYS A . n 
A 1 7  CYS 7  7  7  CYS CYS A . n 
A 1 8  HIS 8  8  8  HIS HIS A . n 
A 1 9  ARG 9  9  9  ARG ARG A . n 
A 1 10 PRO 10 10 10 PRO PRO A . n 
A 1 11 CYS 11 11 11 CYS CYS A . n 
A 1 12 SER 12 12 12 SER SER A . n 
A 1 13 ASN 13 13 13 ASN ASN A . n 
A 1 14 ALA 14 14 14 ALA ALA A . n 
A 1 15 GLU 15 15 15 GLU GLU A . n 
A 1 16 PHE 16 16 16 PHE PHE A . n 
A 1 17 LYS 17 17 17 LYS LYS A . n 
A 1 18 LYS 18 18 18 LYS LYS A . n 
A 1 19 TYR 19 19 19 TYR TYR A . n 
A 1 20 CY3 20 20 20 CY3 CY3 A . n 
B 2 1  THR 1  -1 -1 THR THR B . n 
B 2 2  PHE 2  0  0  PHE PHE B . n 
B 2 3  ASP 3  1  1  ASP ASP B . n 
B 2 4  THR 4  2  2  THR THR B . n 
B 2 5  HYP 5  3  3  HYP HYP B . n 
B 2 6  LYS 6  4  4  LYS LYS B . n 
B 2 7  HIS 7  5  5  HIS HIS B . n 
B 2 8  ARG 8  6  6  ARG ARG B . n 
B 2 9  CYS 9  7  7  CYS CYS B . n 
B 2 10 GLY 10 8  8  GLY GLY B . n 
B 2 11 SER 11 9  9  SER SER B . n 
B 2 12 CGU 12 10 10 CGU CGU B . n 
B 2 13 ILE 13 11 11 ILE ILE B . n 
B 2 14 THR 14 12 12 THR THR B . n 
B 2 15 ASN 15 13 13 ASN ASN B . n 
B 2 16 SER 16 14 14 SER SER B . n 
B 2 17 TYR 17 15 15 TYR TYR B . n 
B 2 18 MET 18 16 16 MET MET B . n 
B 2 19 ASP 19 17 17 ASP ASP B . n 
B 2 20 LEU 20 18 18 LEU LEU B . n 
B 2 21 CYS 21 19 19 CYS CYS B . n 
B 2 22 TYR 22 20 20 TYR TYR B . n 
B 2 23 ARG 23 21 21 ARG ARG B . n 
# 
loop_
_pdbx_nonpoly_scheme.asym_id 
_pdbx_nonpoly_scheme.entity_id 
_pdbx_nonpoly_scheme.mon_id 
_pdbx_nonpoly_scheme.ndb_seq_num 
_pdbx_nonpoly_scheme.pdb_seq_num 
_pdbx_nonpoly_scheme.auth_seq_num 
_pdbx_nonpoly_scheme.pdb_mon_id 
_pdbx_nonpoly_scheme.auth_mon_id 
_pdbx_nonpoly_scheme.pdb_strand_id 
_pdbx_nonpoly_scheme.pdb_ins_code 
C 3 SO4 1  101 1  SO4 SO4 A . 
D 4 HOH 1  201 1  HOH HOH A . 
D 4 HOH 2  202 20 HOH HOH A . 
D 4 HOH 3  203 11 HOH HOH A . 
D 4 HOH 4  204 8  HOH HOH A . 
D 4 HOH 5  205 35 HOH HOH A . 
D 4 HOH 6  206 7  HOH HOH A . 
D 4 HOH 7  207 14 HOH HOH A . 
D 4 HOH 8  208 2  HOH HOH A . 
D 4 HOH 9  209 5  HOH HOH A . 
D 4 HOH 10 210 34 HOH HOH A . 
D 4 HOH 11 211 16 HOH HOH A . 
D 4 HOH 12 212 25 HOH HOH A . 
D 4 HOH 13 213 13 HOH HOH A . 
D 4 HOH 14 214 9  HOH HOH A . 
D 4 HOH 15 215 19 HOH HOH A . 
D 4 HOH 16 216 30 HOH HOH A . 
D 4 HOH 17 217 12 HOH HOH A . 
D 4 HOH 18 218 28 HOH HOH A . 
D 4 HOH 19 219 27 HOH HOH A . 
D 4 HOH 20 220 33 HOH HOH A . 
D 4 HOH 21 221 29 HOH HOH A . 
E 4 HOH 1  101 3  HOH HOH B . 
E 4 HOH 2  102 10 HOH HOH B . 
E 4 HOH 3  103 6  HOH HOH B . 
E 4 HOH 4  104 18 HOH HOH B . 
E 4 HOH 5  105 24 HOH HOH B . 
E 4 HOH 6  106 15 HOH HOH B . 
E 4 HOH 7  107 4  HOH HOH B . 
E 4 HOH 8  108 17 HOH HOH B . 
E 4 HOH 9  109 22 HOH HOH B . 
E 4 HOH 10 110 26 HOH HOH B . 
E 4 HOH 11 111 31 HOH HOH B . 
E 4 HOH 12 112 21 HOH HOH B . 
E 4 HOH 13 113 23 HOH HOH B . 
E 4 HOH 14 114 32 HOH HOH B . 
# 
loop_
_pdbx_struct_mod_residue.id 
_pdbx_struct_mod_residue.label_asym_id 
_pdbx_struct_mod_residue.label_comp_id 
_pdbx_struct_mod_residue.label_seq_id 
_pdbx_struct_mod_residue.auth_asym_id 
_pdbx_struct_mod_residue.auth_comp_id 
_pdbx_struct_mod_residue.auth_seq_id 
_pdbx_struct_mod_residue.PDB_ins_code 
_pdbx_struct_mod_residue.parent_comp_id 
_pdbx_struct_mod_residue.details 
1 A CGU 4  A CGU 4  ? GLU 'modified residue' 
2 A CY3 20 A CY3 20 ? CYS 'modified residue' 
3 B HYP 5  B HYP 3  ? PRO 'modified residue' 
4 B CGU 12 B CGU 10 ? GLU 'modified residue' 
# 
loop_
_pdbx_struct_assembly.id 
_pdbx_struct_assembly.details 
_pdbx_struct_assembly.method_details 
_pdbx_struct_assembly.oligomeric_details 
_pdbx_struct_assembly.oligomeric_count 
1 author_and_software_defined_assembly PISA dimeric       2  
2 software_defined_assembly            PISA hexadecameric 16 
3 software_defined_assembly            PISA octameric     8  
# 
loop_
_pdbx_struct_assembly_gen.assembly_id 
_pdbx_struct_assembly_gen.oper_expression 
_pdbx_struct_assembly_gen.asym_id_list 
1 1               A,B,C,D,E 
2 1,2,3,4,5,6,7,8 A,B,C,D,E 
3 1,4,5,8         A,B,C,D,E 
# 
loop_
_pdbx_struct_assembly_prop.biol_id 
_pdbx_struct_assembly_prop.type 
_pdbx_struct_assembly_prop.value 
_pdbx_struct_assembly_prop.details 
1 'ABSA (A^2)' 1420  ? 
1 MORE         -15   ? 
1 'SSA (A^2)'  3400  ? 
2 'ABSA (A^2)' 22500 ? 
2 MORE         -365  ? 
2 'SSA (A^2)'  17490 ? 
3 'ABSA (A^2)' 9140  ? 
3 MORE         -172  ? 
3 'SSA (A^2)'  10860 ? 
# 
loop_
_pdbx_struct_oper_list.id 
_pdbx_struct_oper_list.type 
_pdbx_struct_oper_list.name 
_pdbx_struct_oper_list.symmetry_operation 
_pdbx_struct_oper_list.matrix[1][1] 
_pdbx_struct_oper_list.matrix[1][2] 
_pdbx_struct_oper_list.matrix[1][3] 
_pdbx_struct_oper_list.vector[1] 
_pdbx_struct_oper_list.matrix[2][1] 
_pdbx_struct_oper_list.matrix[2][2] 
_pdbx_struct_oper_list.matrix[2][3] 
_pdbx_struct_oper_list.vector[2] 
_pdbx_struct_oper_list.matrix[3][1] 
_pdbx_struct_oper_list.matrix[3][2] 
_pdbx_struct_oper_list.matrix[3][3] 
_pdbx_struct_oper_list.vector[3] 
1 'identity operation'         1_555  x,y,z        1.0000000000  0.0000000000  0.0000000000  0.0000000000   0.0000000000  1.0000000000  0.0000000000  0.0000000000  0.0000000000  0.0000000000  1.0000000000  0.0000000000   
2 'crystal symmetry operation' 2_565  -x,-y+1,z    -0.9998408923 -0.0156786841 0.0085069974  -27.3497919586 -0.0156786841 0.5449980923  -0.8382906764 -0.0428390607 0.0085069974  -0.8382906764 -0.5451572001 0.4325736796   
3 'crystal symmetry operation' 3_556  -x,y,-z+1    -0.5389835152 -0.3980867049 -0.7423097370 -21.1310797429 -0.3980867049 -0.6562530194 0.6409828000  17.8019392405 -0.7423097370 0.6409828000  0.1952365346  -22.6704441516 
4 'crystal symmetry operation' 4_566  x,-y+1,-z+1  0.5388244075  0.4137653891  0.7338027396  -6.6940427256  0.4137653891  -0.8887450729 0.1973078764  28.9949133533 0.7338027396  0.1973078764  -0.6500793346 -2.3114321907  
5 'crystal symmetry operation' 17_556 x,z,-y+1     0.7694122038  0.6251652936  0.1310466189  -9.6836363537  -0.2113999046 0.0556274635  0.9758153850  14.1112054841 0.6027561207  -0.7785075086 0.1749603327  12.3503048679  
6 'crystal symmetry operation' 18_555 -x,z,y       -0.7779767403 0.2187953627  -0.5889658571 -30.6969942328 0.2187953627  -0.7843856054 -0.5804031455 20.3126779174 -0.5889658571 -0.5804031455 0.5623623456  -4.0259158700  
7 'crystal symmetry operation' 19_566 -x,-z+1,-y+1 -0.7608476673 -0.6325607518 -0.1448368825 -17.7838774687 -0.6325607518 0.6731306783  0.3830952691  -2.5535777376 -0.1448368825 0.3830952691  -0.9122830111 -18.2119546020 
8 'crystal symmetry operation' 20_565 x,-z+1,y     0.7694122038  -0.2113999046 0.6027561207  2.9895936282   0.6251652936  0.0556274635  -0.7785075086 14.8837078693 0.1310466189  0.9758153850  0.1749603327  -14.6617370586  
# 
loop_
_pdbx_struct_special_symmetry.id 
_pdbx_struct_special_symmetry.PDB_model_num 
_pdbx_struct_special_symmetry.auth_asym_id 
_pdbx_struct_special_symmetry.auth_comp_id 
_pdbx_struct_special_symmetry.auth_seq_id 
_pdbx_struct_special_symmetry.PDB_ins_code 
_pdbx_struct_special_symmetry.label_asym_id 
_pdbx_struct_special_symmetry.label_comp_id 
_pdbx_struct_special_symmetry.label_seq_id 
1 1 A SO4 101 ? C SO4 . 
2 1 A HOH 208 ? D HOH . 
3 1 B HOH 112 ? E HOH . 
4 1 B HOH 113 ? E HOH . 
# 
loop_
_pdbx_audit_revision_history.ordinal 
_pdbx_audit_revision_history.data_content_type 
_pdbx_audit_revision_history.major_revision 
_pdbx_audit_revision_history.minor_revision 
_pdbx_audit_revision_history.revision_date 
1 'Structure model' 1 0 2016-09-07 
2 'Structure model' 1 1 2016-09-14 
3 'Structure model' 1 2 2016-09-28 
4 'Structure model' 1 3 2016-10-19 
5 'Structure model' 1 4 2017-09-20 
6 'Structure model' 1 5 2019-12-25 
7 'Structure model' 1 6 2023-09-27 
8 'Structure model' 1 7 2023-11-15 
# 
_pdbx_audit_revision_details.ordinal             1 
_pdbx_audit_revision_details.revision_ordinal    1 
_pdbx_audit_revision_details.data_content_type   'Structure model' 
_pdbx_audit_revision_details.provider            repository 
_pdbx_audit_revision_details.type                'Initial release' 
_pdbx_audit_revision_details.description         ? 
_pdbx_audit_revision_details.details             ? 
# 
loop_
_pdbx_audit_revision_group.ordinal 
_pdbx_audit_revision_group.revision_ordinal 
_pdbx_audit_revision_group.data_content_type 
_pdbx_audit_revision_group.group 
1  2 'Structure model' 'Database references'        
2  3 'Structure model' 'Database references'        
3  4 'Structure model' 'Database references'        
4  5 'Structure model' 'Author supporting evidence' 
5  5 'Structure model' 'Data collection'            
6  5 'Structure model' 'Derived calculations'       
7  6 'Structure model' 'Author supporting evidence' 
8  6 'Structure model' 'Derived calculations'       
9  7 'Structure model' 'Data collection'            
10 7 'Structure model' 'Database references'        
11 7 'Structure model' 'Refinement description'     
12 8 'Structure model' 'Data collection'            
# 
loop_
_pdbx_audit_revision_category.ordinal 
_pdbx_audit_revision_category.revision_ordinal 
_pdbx_audit_revision_category.data_content_type 
_pdbx_audit_revision_category.category 
1  5 'Structure model' diffrn_source                 
2  5 'Structure model' pdbx_audit_support            
3  5 'Structure model' pdbx_struct_oper_list         
4  6 'Structure model' pdbx_audit_support            
5  6 'Structure model' pdbx_struct_special_symmetry  
6  7 'Structure model' chem_comp_atom                
7  7 'Structure model' chem_comp_bond                
8  7 'Structure model' database_2                    
9  7 'Structure model' pdbx_initial_refinement_model 
10 8 'Structure model' chem_comp_atom                
11 8 'Structure model' chem_comp_bond                
# 
loop_
_pdbx_audit_revision_item.ordinal 
_pdbx_audit_revision_item.revision_ordinal 
_pdbx_audit_revision_item.data_content_type 
_pdbx_audit_revision_item.item 
1 5 'Structure model' '_diffrn_source.pdbx_synchrotron_site'      
2 5 'Structure model' '_pdbx_audit_support.funding_organization'  
3 5 'Structure model' '_pdbx_struct_oper_list.symmetry_operation' 
4 6 'Structure model' '_pdbx_audit_support.funding_organization'  
5 7 'Structure model' '_database_2.pdbx_DOI'                      
6 7 'Structure model' '_database_2.pdbx_database_accession'       
7 8 'Structure model' '_chem_comp_atom.atom_id'                   
8 8 'Structure model' '_chem_comp_bond.atom_id_2'                 
# 
_pdbx_refine_tls.pdbx_refine_id   'X-RAY DIFFRACTION' 
_pdbx_refine_tls.id               1 
_pdbx_refine_tls.details          ? 
_pdbx_refine_tls.method           refined 
_pdbx_refine_tls.origin_x         -0.1349 
_pdbx_refine_tls.origin_y         0.3739 
_pdbx_refine_tls.origin_z         0.5480 
_pdbx_refine_tls.T[1][1]          0.2267 
_pdbx_refine_tls.T[2][2]          0.2513 
_pdbx_refine_tls.T[3][3]          0.2506 
_pdbx_refine_tls.T[1][2]          -0.0001 
_pdbx_refine_tls.T[1][3]          -0.0001 
_pdbx_refine_tls.T[2][3]          -0.0058 
_pdbx_refine_tls.L[1][1]          2.6402 
_pdbx_refine_tls.L[2][2]          1.4056 
_pdbx_refine_tls.L[3][3]          2.0742 
_pdbx_refine_tls.L[1][2]          0.5038 
_pdbx_refine_tls.L[1][3]          -0.6744 
_pdbx_refine_tls.L[2][3]          -0.5328 
_pdbx_refine_tls.S[1][1]          -0.0292 
_pdbx_refine_tls.S[1][2]          0.0569 
_pdbx_refine_tls.S[1][3]          -0.1438 
_pdbx_refine_tls.S[2][1]          -0.1077 
_pdbx_refine_tls.S[2][2]          -0.0901 
_pdbx_refine_tls.S[2][3]          0.0322 
_pdbx_refine_tls.S[3][1]          0.0280 
_pdbx_refine_tls.S[3][2]          -0.0239 
_pdbx_refine_tls.S[3][3]          0.0004 
# 
_pdbx_refine_tls_group.pdbx_refine_id      'X-RAY DIFFRACTION' 
_pdbx_refine_tls_group.id                  1 
_pdbx_refine_tls_group.refine_tls_id       1 
_pdbx_refine_tls_group.beg_auth_asym_id    ? 
_pdbx_refine_tls_group.beg_auth_seq_id     ? 
_pdbx_refine_tls_group.beg_label_asym_id   ? 
_pdbx_refine_tls_group.beg_label_seq_id    ? 
_pdbx_refine_tls_group.end_auth_asym_id    ? 
_pdbx_refine_tls_group.end_auth_seq_id     ? 
_pdbx_refine_tls_group.end_label_asym_id   ? 
_pdbx_refine_tls_group.end_label_seq_id    ? 
_pdbx_refine_tls_group.selection           ? 
_pdbx_refine_tls_group.selection_details   all 
# 
loop_
_software.citation_id 
_software.classification 
_software.compiler_name 
_software.compiler_version 
_software.contact_author 
_software.contact_author_email 
_software.date 
_software.description 
_software.dependencies 
_software.hardware 
_software.language 
_software.location 
_software.mods 
_software.name 
_software.os 
_software.os_version 
_software.type 
_software.version 
_software.pdbx_ordinal 
? refinement       ? ? ? ? ? ? ? ? ? ? ? PHENIX ? ? ? '(1.10.1_2155)' 1 
? 'data reduction' ? ? ? ? ? ? ? ? ? ? ? XDS    ? ? ? .               2 
? 'data scaling'   ? ? ? ? ? ? ? ? ? ? ? XDS    ? ? ? .               3 
? phasing          ? ? ? ? ? ? ? ? ? ? ? PHASER ? ? ? .               4 
# 
loop_
_pdbx_validate_close_contact.id 
_pdbx_validate_close_contact.PDB_model_num 
_pdbx_validate_close_contact.auth_atom_id_1 
_pdbx_validate_close_contact.auth_asym_id_1 
_pdbx_validate_close_contact.auth_comp_id_1 
_pdbx_validate_close_contact.auth_seq_id_1 
_pdbx_validate_close_contact.PDB_ins_code_1 
_pdbx_validate_close_contact.label_alt_id_1 
_pdbx_validate_close_contact.auth_atom_id_2 
_pdbx_validate_close_contact.auth_asym_id_2 
_pdbx_validate_close_contact.auth_comp_id_2 
_pdbx_validate_close_contact.auth_seq_id_2 
_pdbx_validate_close_contact.PDB_ins_code_2 
_pdbx_validate_close_contact.label_alt_id_2 
_pdbx_validate_close_contact.dist 
1 1 O A HOH 216 ? ? O A HOH 220 ? ? 1.73 
2 1 O A HOH 203 ? ? O A HOH 216 ? ? 2.02 
# 
loop_
_chem_comp_atom.comp_id 
_chem_comp_atom.atom_id 
_chem_comp_atom.type_symbol 
_chem_comp_atom.pdbx_aromatic_flag 
_chem_comp_atom.pdbx_stereo_config 
_chem_comp_atom.pdbx_ordinal 
ALA N    N N N 1   
ALA CA   C N S 2   
ALA C    C N N 3   
ALA O    O N N 4   
ALA CB   C N N 5   
ALA OXT  O N N 6   
ALA H    H N N 7   
ALA H2   H N N 8   
ALA HA   H N N 9   
ALA HB1  H N N 10  
ALA HB2  H N N 11  
ALA HB3  H N N 12  
ALA HXT  H N N 13  
ARG N    N N N 14  
ARG CA   C N S 15  
ARG C    C N N 16  
ARG O    O N N 17  
ARG CB   C N N 18  
ARG CG   C N N 19  
ARG CD   C N N 20  
ARG NE   N N N 21  
ARG CZ   C N N 22  
ARG NH1  N N N 23  
ARG NH2  N N N 24  
ARG OXT  O N N 25  
ARG H    H N N 26  
ARG H2   H N N 27  
ARG HA   H N N 28  
ARG HB2  H N N 29  
ARG HB3  H N N 30  
ARG HG2  H N N 31  
ARG HG3  H N N 32  
ARG HD2  H N N 33  
ARG HD3  H N N 34  
ARG HE   H N N 35  
ARG HH11 H N N 36  
ARG HH12 H N N 37  
ARG HH21 H N N 38  
ARG HH22 H N N 39  
ARG HXT  H N N 40  
ASN N    N N N 41  
ASN CA   C N S 42  
ASN C    C N N 43  
ASN O    O N N 44  
ASN CB   C N N 45  
ASN CG   C N N 46  
ASN OD1  O N N 47  
ASN ND2  N N N 48  
ASN OXT  O N N 49  
ASN H    H N N 50  
ASN H2   H N N 51  
ASN HA   H N N 52  
ASN HB2  H N N 53  
ASN HB3  H N N 54  
ASN HD21 H N N 55  
ASN HD22 H N N 56  
ASN HXT  H N N 57  
ASP N    N N N 58  
ASP CA   C N S 59  
ASP C    C N N 60  
ASP O    O N N 61  
ASP CB   C N N 62  
ASP CG   C N N 63  
ASP OD1  O N N 64  
ASP OD2  O N N 65  
ASP OXT  O N N 66  
ASP H    H N N 67  
ASP H2   H N N 68  
ASP HA   H N N 69  
ASP HB2  H N N 70  
ASP HB3  H N N 71  
ASP HD2  H N N 72  
ASP HXT  H N N 73  
CGU N    N N N 74  
CGU CA   C N S 75  
CGU C    C N N 76  
CGU O    O N N 77  
CGU OXT  O N N 78  
CGU CB   C N N 79  
CGU CG   C N N 80  
CGU CD1  C N N 81  
CGU CD2  C N N 82  
CGU OE11 O N N 83  
CGU OE12 O N N 84  
CGU OE21 O N N 85  
CGU OE22 O N N 86  
CGU H    H N N 87  
CGU H2   H N N 88  
CGU HA   H N N 89  
CGU HXT  H N N 90  
CGU HB2  H N N 91  
CGU HB3  H N N 92  
CGU HG   H N N 93  
CGU HE12 H N N 94  
CGU HE22 H N N 95  
CY3 N    N N N 96  
CY3 CA   C N R 97  
CY3 C    C N N 98  
CY3 O    O N N 99  
CY3 CB   C N N 100 
CY3 SG   S N N 101 
CY3 N1   N N N 102 
CY3 H    H N N 103 
CY3 H2   H N N 104 
CY3 HA   H N N 105 
CY3 HB2  H N N 106 
CY3 HB3  H N N 107 
CY3 HG   H N N 108 
CY3 HN11 H N N 109 
CY3 HN12 H N N 110 
CYS N    N N N 111 
CYS CA   C N R 112 
CYS C    C N N 113 
CYS O    O N N 114 
CYS CB   C N N 115 
CYS SG   S N N 116 
CYS OXT  O N N 117 
CYS H    H N N 118 
CYS H2   H N N 119 
CYS HA   H N N 120 
CYS HB2  H N N 121 
CYS HB3  H N N 122 
CYS HG   H N N 123 
CYS HXT  H N N 124 
GLU N    N N N 125 
GLU CA   C N S 126 
GLU C    C N N 127 
GLU O    O N N 128 
GLU CB   C N N 129 
GLU CG   C N N 130 
GLU CD   C N N 131 
GLU OE1  O N N 132 
GLU OE2  O N N 133 
GLU OXT  O N N 134 
GLU H    H N N 135 
GLU H2   H N N 136 
GLU HA   H N N 137 
GLU HB2  H N N 138 
GLU HB3  H N N 139 
GLU HG2  H N N 140 
GLU HG3  H N N 141 
GLU HE2  H N N 142 
GLU HXT  H N N 143 
GLY N    N N N 144 
GLY CA   C N N 145 
GLY C    C N N 146 
GLY O    O N N 147 
GLY OXT  O N N 148 
GLY H    H N N 149 
GLY H2   H N N 150 
GLY HA2  H N N 151 
GLY HA3  H N N 152 
GLY HXT  H N N 153 
HIS N    N N N 154 
HIS CA   C N S 155 
HIS C    C N N 156 
HIS O    O N N 157 
HIS CB   C N N 158 
HIS CG   C Y N 159 
HIS ND1  N Y N 160 
HIS CD2  C Y N 161 
HIS CE1  C Y N 162 
HIS NE2  N Y N 163 
HIS OXT  O N N 164 
HIS H    H N N 165 
HIS H2   H N N 166 
HIS HA   H N N 167 
HIS HB2  H N N 168 
HIS HB3  H N N 169 
HIS HD1  H N N 170 
HIS HD2  H N N 171 
HIS HE1  H N N 172 
HIS HE2  H N N 173 
HIS HXT  H N N 174 
HOH O    O N N 175 
HOH H1   H N N 176 
HOH H2   H N N 177 
HYP N    N N N 178 
HYP CA   C N S 179 
HYP C    C N N 180 
HYP O    O N N 181 
HYP CB   C N N 182 
HYP CG   C N R 183 
HYP CD   C N N 184 
HYP OD1  O N N 185 
HYP OXT  O N N 186 
HYP H    H N N 187 
HYP HA   H N N 188 
HYP HB2  H N N 189 
HYP HB3  H N N 190 
HYP HG   H N N 191 
HYP HD22 H N N 192 
HYP HD23 H N N 193 
HYP HD1  H N N 194 
HYP HXT  H N N 195 
ILE N    N N N 196 
ILE CA   C N S 197 
ILE C    C N N 198 
ILE O    O N N 199 
ILE CB   C N S 200 
ILE CG1  C N N 201 
ILE CG2  C N N 202 
ILE CD1  C N N 203 
ILE OXT  O N N 204 
ILE H    H N N 205 
ILE H2   H N N 206 
ILE HA   H N N 207 
ILE HB   H N N 208 
ILE HG12 H N N 209 
ILE HG13 H N N 210 
ILE HG21 H N N 211 
ILE HG22 H N N 212 
ILE HG23 H N N 213 
ILE HD11 H N N 214 
ILE HD12 H N N 215 
ILE HD13 H N N 216 
ILE HXT  H N N 217 
LEU N    N N N 218 
LEU CA   C N S 219 
LEU C    C N N 220 
LEU O    O N N 221 
LEU CB   C N N 222 
LEU CG   C N N 223 
LEU CD1  C N N 224 
LEU CD2  C N N 225 
LEU OXT  O N N 226 
LEU H    H N N 227 
LEU H2   H N N 228 
LEU HA   H N N 229 
LEU HB2  H N N 230 
LEU HB3  H N N 231 
LEU HG   H N N 232 
LEU HD11 H N N 233 
LEU HD12 H N N 234 
LEU HD13 H N N 235 
LEU HD21 H N N 236 
LEU HD22 H N N 237 
LEU HD23 H N N 238 
LEU HXT  H N N 239 
LYS N    N N N 240 
LYS CA   C N S 241 
LYS C    C N N 242 
LYS O    O N N 243 
LYS CB   C N N 244 
LYS CG   C N N 245 
LYS CD   C N N 246 
LYS CE   C N N 247 
LYS NZ   N N N 248 
LYS OXT  O N N 249 
LYS H    H N N 250 
LYS H2   H N N 251 
LYS HA   H N N 252 
LYS HB2  H N N 253 
LYS HB3  H N N 254 
LYS HG2  H N N 255 
LYS HG3  H N N 256 
LYS HD2  H N N 257 
LYS HD3  H N N 258 
LYS HE2  H N N 259 
LYS HE3  H N N 260 
LYS HZ1  H N N 261 
LYS HZ2  H N N 262 
LYS HZ3  H N N 263 
LYS HXT  H N N 264 
MET N    N N N 265 
MET CA   C N S 266 
MET C    C N N 267 
MET O    O N N 268 
MET CB   C N N 269 
MET CG   C N N 270 
MET SD   S N N 271 
MET CE   C N N 272 
MET OXT  O N N 273 
MET H    H N N 274 
MET H2   H N N 275 
MET HA   H N N 276 
MET HB2  H N N 277 
MET HB3  H N N 278 
MET HG2  H N N 279 
MET HG3  H N N 280 
MET HE1  H N N 281 
MET HE2  H N N 282 
MET HE3  H N N 283 
MET HXT  H N N 284 
PHE N    N N N 285 
PHE CA   C N S 286 
PHE C    C N N 287 
PHE O    O N N 288 
PHE CB   C N N 289 
PHE CG   C Y N 290 
PHE CD1  C Y N 291 
PHE CD2  C Y N 292 
PHE CE1  C Y N 293 
PHE CE2  C Y N 294 
PHE CZ   C Y N 295 
PHE OXT  O N N 296 
PHE H    H N N 297 
PHE H2   H N N 298 
PHE HA   H N N 299 
PHE HB2  H N N 300 
PHE HB3  H N N 301 
PHE HD1  H N N 302 
PHE HD2  H N N 303 
PHE HE1  H N N 304 
PHE HE2  H N N 305 
PHE HZ   H N N 306 
PHE HXT  H N N 307 
PRO N    N N N 308 
PRO CA   C N S 309 
PRO C    C N N 310 
PRO O    O N N 311 
PRO CB   C N N 312 
PRO CG   C N N 313 
PRO CD   C N N 314 
PRO OXT  O N N 315 
PRO H    H N N 316 
PRO HA   H N N 317 
PRO HB2  H N N 318 
PRO HB3  H N N 319 
PRO HG2  H N N 320 
PRO HG3  H N N 321 
PRO HD2  H N N 322 
PRO HD3  H N N 323 
PRO HXT  H N N 324 
SER N    N N N 325 
SER CA   C N S 326 
SER C    C N N 327 
SER O    O N N 328 
SER CB   C N N 329 
SER OG   O N N 330 
SER OXT  O N N 331 
SER H    H N N 332 
SER H2   H N N 333 
SER HA   H N N 334 
SER HB2  H N N 335 
SER HB3  H N N 336 
SER HG   H N N 337 
SER HXT  H N N 338 
SO4 S    S N N 339 
SO4 O1   O N N 340 
SO4 O2   O N N 341 
SO4 O3   O N N 342 
SO4 O4   O N N 343 
THR N    N N N 344 
THR CA   C N S 345 
THR C    C N N 346 
THR O    O N N 347 
THR CB   C N R 348 
THR OG1  O N N 349 
THR CG2  C N N 350 
THR OXT  O N N 351 
THR H    H N N 352 
THR H2   H N N 353 
THR HA   H N N 354 
THR HB   H N N 355 
THR HG1  H N N 356 
THR HG21 H N N 357 
THR HG22 H N N 358 
THR HG23 H N N 359 
THR HXT  H N N 360 
TYR N    N N N 361 
TYR CA   C N S 362 
TYR C    C N N 363 
TYR O    O N N 364 
TYR CB   C N N 365 
TYR CG   C Y N 366 
TYR CD1  C Y N 367 
TYR CD2  C Y N 368 
TYR CE1  C Y N 369 
TYR CE2  C Y N 370 
TYR CZ   C Y N 371 
TYR OH   O N N 372 
TYR OXT  O N N 373 
TYR H    H N N 374 
TYR H2   H N N 375 
TYR HA   H N N 376 
TYR HB2  H N N 377 
TYR HB3  H N N 378 
TYR HD1  H N N 379 
TYR HD2  H N N 380 
TYR HE1  H N N 381 
TYR HE2  H N N 382 
TYR HH   H N N 383 
TYR HXT  H N N 384 
VAL N    N N N 385 
VAL CA   C N S 386 
VAL C    C N N 387 
VAL O    O N N 388 
VAL CB   C N N 389 
VAL CG1  C N N 390 
VAL CG2  C N N 391 
VAL OXT  O N N 392 
VAL H    H N N 393 
VAL H2   H N N 394 
VAL HA   H N N 395 
VAL HB   H N N 396 
VAL HG11 H N N 397 
VAL HG12 H N N 398 
VAL HG13 H N N 399 
VAL HG21 H N N 400 
VAL HG22 H N N 401 
VAL HG23 H N N 402 
VAL HXT  H N N 403 
# 
loop_
_chem_comp_bond.comp_id 
_chem_comp_bond.atom_id_1 
_chem_comp_bond.atom_id_2 
_chem_comp_bond.value_order 
_chem_comp_bond.pdbx_aromatic_flag 
_chem_comp_bond.pdbx_stereo_config 
_chem_comp_bond.pdbx_ordinal 
ALA N    CA   sing N N 1   
ALA N    H    sing N N 2   
ALA N    H2   sing N N 3   
ALA CA   C    sing N N 4   
ALA CA   CB   sing N N 5   
ALA CA   HA   sing N N 6   
ALA C    O    doub N N 7   
ALA C    OXT  sing N N 8   
ALA CB   HB1  sing N N 9   
ALA CB   HB2  sing N N 10  
ALA CB   HB3  sing N N 11  
ALA OXT  HXT  sing N N 12  
ARG N    CA   sing N N 13  
ARG N    H    sing N N 14  
ARG N    H2   sing N N 15  
ARG CA   C    sing N N 16  
ARG CA   CB   sing N N 17  
ARG CA   HA   sing N N 18  
ARG C    O    doub N N 19  
ARG C    OXT  sing N N 20  
ARG CB   CG   sing N N 21  
ARG CB   HB2  sing N N 22  
ARG CB   HB3  sing N N 23  
ARG CG   CD   sing N N 24  
ARG CG   HG2  sing N N 25  
ARG CG   HG3  sing N N 26  
ARG CD   NE   sing N N 27  
ARG CD   HD2  sing N N 28  
ARG CD   HD3  sing N N 29  
ARG NE   CZ   sing N N 30  
ARG NE   HE   sing N N 31  
ARG CZ   NH1  sing N N 32  
ARG CZ   NH2  doub N N 33  
ARG NH1  HH11 sing N N 34  
ARG NH1  HH12 sing N N 35  
ARG NH2  HH21 sing N N 36  
ARG NH2  HH22 sing N N 37  
ARG OXT  HXT  sing N N 38  
ASN N    CA   sing N N 39  
ASN N    H    sing N N 40  
ASN N    H2   sing N N 41  
ASN CA   C    sing N N 42  
ASN CA   CB   sing N N 43  
ASN CA   HA   sing N N 44  
ASN C    O    doub N N 45  
ASN C    OXT  sing N N 46  
ASN CB   CG   sing N N 47  
ASN CB   HB2  sing N N 48  
ASN CB   HB3  sing N N 49  
ASN CG   OD1  doub N N 50  
ASN CG   ND2  sing N N 51  
ASN ND2  HD21 sing N N 52  
ASN ND2  HD22 sing N N 53  
ASN OXT  HXT  sing N N 54  
ASP N    CA   sing N N 55  
ASP N    H    sing N N 56  
ASP N    H2   sing N N 57  
ASP CA   C    sing N N 58  
ASP CA   CB   sing N N 59  
ASP CA   HA   sing N N 60  
ASP C    O    doub N N 61  
ASP C    OXT  sing N N 62  
ASP CB   CG   sing N N 63  
ASP CB   HB2  sing N N 64  
ASP CB   HB3  sing N N 65  
ASP CG   OD1  doub N N 66  
ASP CG   OD2  sing N N 67  
ASP OD2  HD2  sing N N 68  
ASP OXT  HXT  sing N N 69  
CGU N    CA   sing N N 70  
CGU N    H    sing N N 71  
CGU N    H2   sing N N 72  
CGU CA   C    sing N N 73  
CGU CA   CB   sing N N 74  
CGU CA   HA   sing N N 75  
CGU C    O    doub N N 76  
CGU C    OXT  sing N N 77  
CGU OXT  HXT  sing N N 78  
CGU CB   CG   sing N N 79  
CGU CB   HB2  sing N N 80  
CGU CB   HB3  sing N N 81  
CGU CG   CD1  sing N N 82  
CGU CG   CD2  sing N N 83  
CGU CG   HG   sing N N 84  
CGU CD1  OE11 doub N N 85  
CGU CD1  OE12 sing N N 86  
CGU CD2  OE21 doub N N 87  
CGU CD2  OE22 sing N N 88  
CGU OE12 HE12 sing N N 89  
CGU OE22 HE22 sing N N 90  
CY3 N    CA   sing N N 91  
CY3 N    H    sing N N 92  
CY3 N    H2   sing N N 93  
CY3 CA   C    sing N N 94  
CY3 CA   CB   sing N N 95  
CY3 CA   HA   sing N N 96  
CY3 C    O    doub N N 97  
CY3 C    N1   sing N N 98  
CY3 CB   SG   sing N N 99  
CY3 CB   HB2  sing N N 100 
CY3 CB   HB3  sing N N 101 
CY3 SG   HG   sing N N 102 
CY3 N1   HN11 sing N N 103 
CY3 N1   HN12 sing N N 104 
CYS N    CA   sing N N 105 
CYS N    H    sing N N 106 
CYS N    H2   sing N N 107 
CYS CA   C    sing N N 108 
CYS CA   CB   sing N N 109 
CYS CA   HA   sing N N 110 
CYS C    O    doub N N 111 
CYS C    OXT  sing N N 112 
CYS CB   SG   sing N N 113 
CYS CB   HB2  sing N N 114 
CYS CB   HB3  sing N N 115 
CYS SG   HG   sing N N 116 
CYS OXT  HXT  sing N N 117 
GLU N    CA   sing N N 118 
GLU N    H    sing N N 119 
GLU N    H2   sing N N 120 
GLU CA   C    sing N N 121 
GLU CA   CB   sing N N 122 
GLU CA   HA   sing N N 123 
GLU C    O    doub N N 124 
GLU C    OXT  sing N N 125 
GLU CB   CG   sing N N 126 
GLU CB   HB2  sing N N 127 
GLU CB   HB3  sing N N 128 
GLU CG   CD   sing N N 129 
GLU CG   HG2  sing N N 130 
GLU CG   HG3  sing N N 131 
GLU CD   OE1  doub N N 132 
GLU CD   OE2  sing N N 133 
GLU OE2  HE2  sing N N 134 
GLU OXT  HXT  sing N N 135 
GLY N    CA   sing N N 136 
GLY N    H    sing N N 137 
GLY N    H2   sing N N 138 
GLY CA   C    sing N N 139 
GLY CA   HA2  sing N N 140 
GLY CA   HA3  sing N N 141 
GLY C    O    doub N N 142 
GLY C    OXT  sing N N 143 
GLY OXT  HXT  sing N N 144 
HIS N    CA   sing N N 145 
HIS N    H    sing N N 146 
HIS N    H2   sing N N 147 
HIS CA   C    sing N N 148 
HIS CA   CB   sing N N 149 
HIS CA   HA   sing N N 150 
HIS C    O    doub N N 151 
HIS C    OXT  sing N N 152 
HIS CB   CG   sing N N 153 
HIS CB   HB2  sing N N 154 
HIS CB   HB3  sing N N 155 
HIS CG   ND1  sing Y N 156 
HIS CG   CD2  doub Y N 157 
HIS ND1  CE1  doub Y N 158 
HIS ND1  HD1  sing N N 159 
HIS CD2  NE2  sing Y N 160 
HIS CD2  HD2  sing N N 161 
HIS CE1  NE2  sing Y N 162 
HIS CE1  HE1  sing N N 163 
HIS NE2  HE2  sing N N 164 
HIS OXT  HXT  sing N N 165 
HOH O    H1   sing N N 166 
HOH O    H2   sing N N 167 
HYP N    CA   sing N N 168 
HYP N    CD   sing N N 169 
HYP N    H    sing N N 170 
HYP CA   C    sing N N 171 
HYP CA   CB   sing N N 172 
HYP CA   HA   sing N N 173 
HYP C    O    doub N N 174 
HYP C    OXT  sing N N 175 
HYP CB   CG   sing N N 176 
HYP CB   HB2  sing N N 177 
HYP CB   HB3  sing N N 178 
HYP CG   CD   sing N N 179 
HYP CG   OD1  sing N N 180 
HYP CG   HG   sing N N 181 
HYP CD   HD22 sing N N 182 
HYP CD   HD23 sing N N 183 
HYP OD1  HD1  sing N N 184 
HYP OXT  HXT  sing N N 185 
ILE N    CA   sing N N 186 
ILE N    H    sing N N 187 
ILE N    H2   sing N N 188 
ILE CA   C    sing N N 189 
ILE CA   CB   sing N N 190 
ILE CA   HA   sing N N 191 
ILE C    O    doub N N 192 
ILE C    OXT  sing N N 193 
ILE CB   CG1  sing N N 194 
ILE CB   CG2  sing N N 195 
ILE CB   HB   sing N N 196 
ILE CG1  CD1  sing N N 197 
ILE CG1  HG12 sing N N 198 
ILE CG1  HG13 sing N N 199 
ILE CG2  HG21 sing N N 200 
ILE CG2  HG22 sing N N 201 
ILE CG2  HG23 sing N N 202 
ILE CD1  HD11 sing N N 203 
ILE CD1  HD12 sing N N 204 
ILE CD1  HD13 sing N N 205 
ILE OXT  HXT  sing N N 206 
LEU N    CA   sing N N 207 
LEU N    H    sing N N 208 
LEU N    H2   sing N N 209 
LEU CA   C    sing N N 210 
LEU CA   CB   sing N N 211 
LEU CA   HA   sing N N 212 
LEU C    O    doub N N 213 
LEU C    OXT  sing N N 214 
LEU CB   CG   sing N N 215 
LEU CB   HB2  sing N N 216 
LEU CB   HB3  sing N N 217 
LEU CG   CD1  sing N N 218 
LEU CG   CD2  sing N N 219 
LEU CG   HG   sing N N 220 
LEU CD1  HD11 sing N N 221 
LEU CD1  HD12 sing N N 222 
LEU CD1  HD13 sing N N 223 
LEU CD2  HD21 sing N N 224 
LEU CD2  HD22 sing N N 225 
LEU CD2  HD23 sing N N 226 
LEU OXT  HXT  sing N N 227 
LYS N    CA   sing N N 228 
LYS N    H    sing N N 229 
LYS N    H2   sing N N 230 
LYS CA   C    sing N N 231 
LYS CA   CB   sing N N 232 
LYS CA   HA   sing N N 233 
LYS C    O    doub N N 234 
LYS C    OXT  sing N N 235 
LYS CB   CG   sing N N 236 
LYS CB   HB2  sing N N 237 
LYS CB   HB3  sing N N 238 
LYS CG   CD   sing N N 239 
LYS CG   HG2  sing N N 240 
LYS CG   HG3  sing N N 241 
LYS CD   CE   sing N N 242 
LYS CD   HD2  sing N N 243 
LYS CD   HD3  sing N N 244 
LYS CE   NZ   sing N N 245 
LYS CE   HE2  sing N N 246 
LYS CE   HE3  sing N N 247 
LYS NZ   HZ1  sing N N 248 
LYS NZ   HZ2  sing N N 249 
LYS NZ   HZ3  sing N N 250 
LYS OXT  HXT  sing N N 251 
MET N    CA   sing N N 252 
MET N    H    sing N N 253 
MET N    H2   sing N N 254 
MET CA   C    sing N N 255 
MET CA   CB   sing N N 256 
MET CA   HA   sing N N 257 
MET C    O    doub N N 258 
MET C    OXT  sing N N 259 
MET CB   CG   sing N N 260 
MET CB   HB2  sing N N 261 
MET CB   HB3  sing N N 262 
MET CG   SD   sing N N 263 
MET CG   HG2  sing N N 264 
MET CG   HG3  sing N N 265 
MET SD   CE   sing N N 266 
MET CE   HE1  sing N N 267 
MET CE   HE2  sing N N 268 
MET CE   HE3  sing N N 269 
MET OXT  HXT  sing N N 270 
PHE N    CA   sing N N 271 
PHE N    H    sing N N 272 
PHE N    H2   sing N N 273 
PHE CA   C    sing N N 274 
PHE CA   CB   sing N N 275 
PHE CA   HA   sing N N 276 
PHE C    O    doub N N 277 
PHE C    OXT  sing N N 278 
PHE CB   CG   sing N N 279 
PHE CB   HB2  sing N N 280 
PHE CB   HB3  sing N N 281 
PHE CG   CD1  doub Y N 282 
PHE CG   CD2  sing Y N 283 
PHE CD1  CE1  sing Y N 284 
PHE CD1  HD1  sing N N 285 
PHE CD2  CE2  doub Y N 286 
PHE CD2  HD2  sing N N 287 
PHE CE1  CZ   doub Y N 288 
PHE CE1  HE1  sing N N 289 
PHE CE2  CZ   sing Y N 290 
PHE CE2  HE2  sing N N 291 
PHE CZ   HZ   sing N N 292 
PHE OXT  HXT  sing N N 293 
PRO N    CA   sing N N 294 
PRO N    CD   sing N N 295 
PRO N    H    sing N N 296 
PRO CA   C    sing N N 297 
PRO CA   CB   sing N N 298 
PRO CA   HA   sing N N 299 
PRO C    O    doub N N 300 
PRO C    OXT  sing N N 301 
PRO CB   CG   sing N N 302 
PRO CB   HB2  sing N N 303 
PRO CB   HB3  sing N N 304 
PRO CG   CD   sing N N 305 
PRO CG   HG2  sing N N 306 
PRO CG   HG3  sing N N 307 
PRO CD   HD2  sing N N 308 
PRO CD   HD3  sing N N 309 
PRO OXT  HXT  sing N N 310 
SER N    CA   sing N N 311 
SER N    H    sing N N 312 
SER N    H2   sing N N 313 
SER CA   C    sing N N 314 
SER CA   CB   sing N N 315 
SER CA   HA   sing N N 316 
SER C    O    doub N N 317 
SER C    OXT  sing N N 318 
SER CB   OG   sing N N 319 
SER CB   HB2  sing N N 320 
SER CB   HB3  sing N N 321 
SER OG   HG   sing N N 322 
SER OXT  HXT  sing N N 323 
SO4 S    O1   doub N N 324 
SO4 S    O2   doub N N 325 
SO4 S    O3   sing N N 326 
SO4 S    O4   sing N N 327 
THR N    CA   sing N N 328 
THR N    H    sing N N 329 
THR N    H2   sing N N 330 
THR CA   C    sing N N 331 
THR CA   CB   sing N N 332 
THR CA   HA   sing N N 333 
THR C    O    doub N N 334 
THR C    OXT  sing N N 335 
THR CB   OG1  sing N N 336 
THR CB   CG2  sing N N 337 
THR CB   HB   sing N N 338 
THR OG1  HG1  sing N N 339 
THR CG2  HG21 sing N N 340 
THR CG2  HG22 sing N N 341 
THR CG2  HG23 sing N N 342 
THR OXT  HXT  sing N N 343 
TYR N    CA   sing N N 344 
TYR N    H    sing N N 345 
TYR N    H2   sing N N 346 
TYR CA   C    sing N N 347 
TYR CA   CB   sing N N 348 
TYR CA   HA   sing N N 349 
TYR C    O    doub N N 350 
TYR C    OXT  sing N N 351 
TYR CB   CG   sing N N 352 
TYR CB   HB2  sing N N 353 
TYR CB   HB3  sing N N 354 
TYR CG   CD1  doub Y N 355 
TYR CG   CD2  sing Y N 356 
TYR CD1  CE1  sing Y N 357 
TYR CD1  HD1  sing N N 358 
TYR CD2  CE2  doub Y N 359 
TYR CD2  HD2  sing N N 360 
TYR CE1  CZ   doub Y N 361 
TYR CE1  HE1  sing N N 362 
TYR CE2  CZ   sing Y N 363 
TYR CE2  HE2  sing N N 364 
TYR CZ   OH   sing N N 365 
TYR OH   HH   sing N N 366 
TYR OXT  HXT  sing N N 367 
VAL N    CA   sing N N 368 
VAL N    H    sing N N 369 
VAL N    H2   sing N N 370 
VAL CA   C    sing N N 371 
VAL CA   CB   sing N N 372 
VAL CA   HA   sing N N 373 
VAL C    O    doub N N 374 
VAL C    OXT  sing N N 375 
VAL CB   CG1  sing N N 376 
VAL CB   CG2  sing N N 377 
VAL CB   HB   sing N N 378 
VAL CG1  HG11 sing N N 379 
VAL CG1  HG12 sing N N 380 
VAL CG1  HG13 sing N N 381 
VAL CG2  HG21 sing N N 382 
VAL CG2  HG22 sing N N 383 
VAL CG2  HG23 sing N N 384 
VAL OXT  HXT  sing N N 385 
# 
loop_
_pdbx_audit_support.funding_organization 
_pdbx_audit_support.country 
_pdbx_audit_support.grant_number 
_pdbx_audit_support.ordinal 
'National Health and Medical Research Council (NHMRC, Australia)'                          Australia       APP1058233       1 
'European Commission'                                                                      ?               'CONBIOS 330486' 2 
'National Institutes of Health/National Institute of General Medical Sciences (NIH/NIGMS)' 'United States' 'GM 48677'       3 
# 
loop_
_pdbx_entity_nonpoly.entity_id 
_pdbx_entity_nonpoly.name 
_pdbx_entity_nonpoly.comp_id 
3 'SULFATE ION' SO4 
4 water         HOH 
# 
_pdbx_initial_refinement_model.id               1 
_pdbx_initial_refinement_model.entity_id_list   ? 
_pdbx_initial_refinement_model.type             'experimental model' 
_pdbx_initial_refinement_model.source_name      PDB 
_pdbx_initial_refinement_model.accession_code   3I3Z 
_pdbx_initial_refinement_model.details          ? 
# 
